data_9CXI
#
_entry.id   9CXI
#
_cell.length_a   1.00
_cell.length_b   1.00
_cell.length_c   1.00
_cell.angle_alpha   90.00
_cell.angle_beta   90.00
_cell.angle_gamma   90.00
#
_symmetry.space_group_name_H-M   'P 1'
#
loop_
_entity.id
_entity.type
_entity.pdbx_description
1 polymer "Cone cGMP-specific 3',5'-cyclic phosphodiesterase subunit alpha'"
2 polymer 'rod pg'
3 non-polymer 'ZINC ION'
4 non-polymer 'MAGNESIUM ION'
5 non-polymer 'CYCLIC GUANOSINE MONOPHOSPHATE'
#
loop_
_entity_poly.entity_id
_entity_poly.type
_entity_poly.pdbx_seq_one_letter_code
_entity_poly.pdbx_strand_id
1 'polypeptide(L)'
;GPTSGDYKDDDDKGGEINQVAVEKYLEENPQFAKEYFDRKLRVEVLGEIFKNSQVPVQSSMSFSELTQVEESALCLELLW
TVQEEGGTPEQGVHRALQRLAHLLQADRCSMFLCRSRNGIPEVASRLLDVTPTSKFEDNLVGPDKEVVFPLDIGIVGWAA
HTKKTHNVPDVKKNSHFSDFMDKQTGYVTKNLLATPIVVGKEVLAVIMAVNKVNASEFSKQDEEVFSKYLNFVSIILRLH
HTSYMYNIESRRSQILMWSANKVFEELTDVERQFHKALYTVRSYLNCERYSIGLLDMTKEKEFYDEWPIKLGEVEPYKGP
KTPDGREVNFYKIIDYILHGKEEIKVIPTPPADHWTLISGLPTYVAENGFICNMMNAPADEYFTFQKGPVDETGWVIKNV
LSLPIVNKKEDIVGVATFYNRKDGKPFDEHDEYITETLTQFLGWSLLNTDTYDKMNKLENRKDIAQEMLMNQTKATPEEI
KSILKFQEKLNVDVIDDCEEKQLVAILKEDLPDPRSAELYEFRFSDFPLTEHGLIKCGIRLFFEINVVEKFKVPVEVLTR
WMYTVRKGYRAVTYHNWRHGFNVGQTMFTLLMTGRLKKYYTDLEAFAMLAAAFCHDIDHRGTNNLYQMKSTSPLARLHGS
SILERHHLEYSKTLLQDESLNIFQNLNKRQFETVIHLFEVAIIATDLALYFKKRTMFQKIVDACEQMQTEEEAIKYVTVD
PTKKEIIMAMMMTACDLSAITKPWEVQSQVALMVANEFWEQGDLERTVLQQQPIPMMDRNKRDELPKLQVGFIDFVCTFV
YKEFSRFHKEITPMLSGLQNNRVEWKSLADEYDAKMKVIEEEA
;
A,B
2 'polypeptide(L)'
;MVGYPYDVPDYAMNLEPPKAEIRSATRVMGGPVTPRKGPPKFKQRQTRQFKSKPPKKGVQGFGDDIPGMEGLGTDITVIC
PWEAFNHLELHELAQYGII
;
C,D
#
loop_
_chem_comp.id
_chem_comp.type
_chem_comp.name
_chem_comp.formula
MG non-polymer 'MAGNESIUM ION' 'Mg 2'
PCG non-polymer 'CYCLIC GUANOSINE MONOPHOSPHATE' 'C10 H12 N5 O7 P'
ZN non-polymer 'ZINC ION' 'Zn 2'
#
# COMPACT_ATOMS: atom_id res chain seq x y z
N LEU A 66 67.86 -31.70 -9.56
CA LEU A 66 67.74 -30.77 -10.67
C LEU A 66 68.72 -29.62 -10.54
N THR A 67 69.34 -29.23 -11.65
CA THR A 67 70.24 -28.10 -11.65
C THR A 67 69.46 -26.79 -11.59
N GLN A 68 70.19 -25.70 -11.31
CA GLN A 68 69.55 -24.41 -11.10
C GLN A 68 68.95 -23.85 -12.39
N VAL A 69 69.58 -24.12 -13.54
CA VAL A 69 69.14 -23.50 -14.79
C VAL A 69 67.78 -24.06 -15.21
N GLU A 70 67.63 -25.38 -15.20
CA GLU A 70 66.34 -25.97 -15.55
C GLU A 70 65.29 -25.66 -14.49
N GLU A 71 65.70 -25.52 -13.22
CA GLU A 71 64.78 -25.09 -12.19
C GLU A 71 64.24 -23.69 -12.47
N SER A 72 65.11 -22.76 -12.87
CA SER A 72 64.68 -21.41 -13.19
C SER A 72 63.79 -21.39 -14.43
N ALA A 73 64.14 -22.19 -15.44
CA ALA A 73 63.29 -22.27 -16.64
C ALA A 73 61.92 -22.84 -16.30
N LEU A 74 61.87 -23.85 -15.43
CA LEU A 74 60.60 -24.44 -15.04
C LEU A 74 59.77 -23.48 -14.21
N CYS A 75 60.44 -22.71 -13.33
CA CYS A 75 59.73 -21.69 -12.56
C CYS A 75 59.14 -20.63 -13.47
N LEU A 76 59.88 -20.22 -14.50
CA LEU A 76 59.32 -19.29 -15.48
C LEU A 76 58.16 -19.91 -16.24
N GLU A 77 58.23 -21.22 -16.48
CA GLU A 77 57.13 -21.92 -17.15
C GLU A 77 55.86 -21.87 -16.32
N LEU A 78 55.95 -22.21 -15.04
CA LEU A 78 54.77 -22.09 -14.18
C LEU A 78 54.34 -20.64 -13.96
N LEU A 79 55.28 -19.70 -14.01
CA LEU A 79 54.91 -18.29 -13.92
C LEU A 79 54.05 -17.87 -15.11
N TRP A 80 54.43 -18.31 -16.31
CA TRP A 80 53.59 -18.05 -17.48
C TRP A 80 52.29 -18.86 -17.43
N THR A 81 52.32 -20.01 -16.77
CA THR A 81 51.10 -20.79 -16.58
C THR A 81 50.10 -20.06 -15.69
N VAL A 82 50.59 -19.38 -14.65
CA VAL A 82 49.72 -18.63 -13.75
C VAL A 82 48.97 -17.55 -14.51
N GLN A 83 49.66 -16.86 -15.41
CA GLN A 83 49.02 -15.83 -16.22
C GLN A 83 48.13 -16.48 -17.28
N GLU A 84 46.88 -16.76 -16.93
CA GLU A 84 45.97 -17.42 -17.86
C GLU A 84 45.64 -16.51 -19.04
N GLU A 85 45.33 -15.24 -18.76
CA GLU A 85 44.89 -14.29 -19.78
C GLU A 85 43.70 -14.83 -20.57
N GLY A 86 42.77 -15.46 -19.86
CA GLY A 86 41.65 -16.12 -20.49
C GLY A 86 41.82 -17.62 -20.54
N GLY A 87 40.83 -18.36 -20.04
CA GLY A 87 40.93 -19.81 -19.98
C GLY A 87 40.28 -20.37 -18.73
N THR A 88 40.70 -21.57 -18.32
CA THR A 88 40.12 -22.22 -17.16
C THR A 88 41.18 -22.51 -16.12
N PRO A 89 40.86 -22.38 -14.83
CA PRO A 89 41.84 -22.72 -13.79
C PRO A 89 42.21 -24.19 -13.78
N GLU A 90 41.35 -25.06 -14.30
CA GLU A 90 41.65 -26.49 -14.29
C GLU A 90 42.88 -26.82 -15.12
N GLN A 91 43.06 -26.14 -16.25
CA GLN A 91 44.25 -26.39 -17.07
C GLN A 91 45.53 -26.01 -16.33
N GLY A 92 45.52 -24.86 -15.65
CA GLY A 92 46.69 -24.45 -14.90
C GLY A 92 46.99 -25.38 -13.75
N VAL A 93 45.94 -25.82 -13.04
CA VAL A 93 46.15 -26.76 -11.95
C VAL A 93 46.65 -28.10 -12.48
N HIS A 94 46.17 -28.52 -13.65
CA HIS A 94 46.69 -29.72 -14.31
C HIS A 94 48.17 -29.58 -14.59
N ARG A 95 48.58 -28.45 -15.17
CA ARG A 95 49.99 -28.24 -15.47
C ARG A 95 50.84 -28.29 -14.20
N ALA A 96 50.43 -27.62 -13.15
CA ALA A 96 51.31 -27.70 -11.97
C ALA A 96 51.37 -29.14 -11.48
N LEU A 97 50.23 -29.80 -11.40
CA LEU A 97 50.23 -31.16 -10.83
C LEU A 97 51.08 -32.09 -11.70
N GLN A 98 50.99 -31.97 -13.02
CA GLN A 98 51.76 -32.85 -13.93
C GLN A 98 53.25 -32.54 -13.76
N ARG A 99 53.61 -31.28 -13.60
CA ARG A 99 55.01 -30.94 -13.31
C ARG A 99 55.43 -31.52 -11.95
N LEU A 100 54.56 -31.47 -10.94
CA LEU A 100 54.95 -31.89 -9.57
C LEU A 100 55.33 -33.37 -9.56
N ALA A 101 54.57 -34.20 -10.26
CA ALA A 101 54.84 -35.64 -10.19
C ALA A 101 56.28 -35.91 -10.66
N HIS A 102 56.73 -35.22 -11.70
CA HIS A 102 58.12 -35.39 -12.20
C HIS A 102 59.08 -34.86 -11.15
N LEU A 103 58.66 -33.85 -10.39
CA LEU A 103 59.50 -33.31 -9.30
C LEU A 103 59.39 -34.24 -8.08
N LEU A 104 58.30 -34.98 -7.95
CA LEU A 104 58.20 -35.81 -6.76
C LEU A 104 58.46 -37.28 -7.01
N GLN A 105 58.67 -37.68 -8.26
CA GLN A 105 58.84 -39.09 -8.64
C GLN A 105 57.66 -39.93 -8.18
N ALA A 106 56.47 -39.35 -8.23
CA ALA A 106 55.24 -40.02 -7.82
C ALA A 106 54.23 -39.96 -8.97
N ASP A 107 53.16 -40.72 -8.83
CA ASP A 107 52.15 -40.82 -9.87
C ASP A 107 50.76 -40.65 -9.25
N ARG A 108 49.80 -40.32 -10.12
CA ARG A 108 48.38 -40.25 -9.77
C ARG A 108 48.12 -39.20 -8.69
N CYS A 109 48.46 -37.95 -9.03
CA CYS A 109 48.01 -36.82 -8.21
C CYS A 109 46.55 -36.51 -8.52
N SER A 110 45.91 -35.77 -7.61
CA SER A 110 44.49 -35.50 -7.77
C SER A 110 44.09 -34.22 -7.04
N MET A 111 42.95 -33.67 -7.46
CA MET A 111 42.31 -32.54 -6.81
C MET A 111 40.95 -32.97 -6.28
N PHE A 112 40.58 -32.46 -5.12
CA PHE A 112 39.25 -32.76 -4.58
C PHE A 112 38.61 -31.44 -4.22
N LEU A 113 37.82 -30.87 -5.12
CA LEU A 113 37.20 -29.55 -4.89
C LEU A 113 36.24 -29.66 -3.70
N CYS A 114 36.14 -28.61 -2.90
CA CYS A 114 35.32 -28.71 -1.67
C CYS A 114 34.07 -27.83 -1.79
N ARG A 115 32.90 -28.39 -1.50
CA ARG A 115 31.61 -27.65 -1.56
C ARG A 115 30.90 -27.76 -0.22
N SER A 116 29.79 -27.05 -0.04
CA SER A 116 28.98 -27.08 1.16
C SER A 116 27.52 -27.07 0.75
N ARG A 117 26.79 -28.12 1.11
CA ARG A 117 25.37 -28.22 0.80
C ARG A 117 24.60 -28.47 2.09
N ASN A 118 23.52 -27.73 2.30
CA ASN A 118 22.69 -27.81 3.50
C ASN A 118 23.49 -27.50 4.76
N GLY A 119 24.56 -26.72 4.63
CA GLY A 119 25.46 -26.46 5.73
C GLY A 119 26.43 -27.57 6.04
N ILE A 120 26.35 -28.68 5.33
CA ILE A 120 27.26 -29.82 5.51
C ILE A 120 28.33 -29.72 4.43
N PRO A 121 29.60 -29.55 4.78
CA PRO A 121 30.66 -29.52 3.78
C PRO A 121 31.00 -30.92 3.29
N GLU A 122 31.60 -30.95 2.11
CA GLU A 122 31.97 -32.21 1.45
C GLU A 122 33.07 -31.92 0.45
N VAL A 123 33.70 -32.98 -0.04
CA VAL A 123 34.73 -32.88 -1.06
C VAL A 123 34.30 -33.72 -2.27
N ALA A 124 34.72 -33.30 -3.46
CA ALA A 124 34.39 -34.00 -4.68
C ALA A 124 35.58 -33.98 -5.62
N SER A 125 35.89 -35.13 -6.22
CA SER A 125 37.05 -35.23 -7.08
C SER A 125 36.86 -34.39 -8.34
N ARG A 126 37.91 -33.68 -8.73
CA ARG A 126 37.92 -32.86 -9.94
C ARG A 126 38.94 -33.32 -10.96
N LEU A 127 40.17 -33.56 -10.54
CA LEU A 127 41.22 -34.11 -11.39
C LEU A 127 41.65 -35.44 -10.81
N LEU A 128 41.90 -36.42 -11.69
CA LEU A 128 42.31 -37.75 -11.26
C LEU A 128 43.33 -38.31 -12.23
N ASP A 129 44.14 -39.25 -11.75
CA ASP A 129 45.12 -39.97 -12.55
C ASP A 129 46.10 -39.00 -13.22
N VAL A 130 46.43 -37.93 -12.49
CA VAL A 130 47.38 -36.92 -13.01
C VAL A 130 48.77 -37.56 -12.89
N THR A 131 49.36 -37.89 -14.02
CA THR A 131 50.68 -38.53 -14.07
C THR A 131 51.43 -37.68 -15.05
N PRO A 132 52.77 -37.64 -15.09
CA PRO A 132 53.47 -36.65 -15.96
C PRO A 132 53.10 -36.86 -17.42
N THR A 133 52.91 -35.77 -18.18
CA THR A 133 52.58 -35.81 -19.64
C THR A 133 51.33 -36.60 -19.98
N SER A 134 50.25 -36.48 -19.21
CA SER A 134 48.96 -37.16 -19.55
C SER A 134 47.96 -36.11 -20.05
N LYS A 135 47.27 -36.37 -21.17
CA LYS A 135 46.38 -35.36 -21.81
C LYS A 135 45.23 -35.00 -20.87
N PHE A 136 44.84 -33.72 -20.84
CA PHE A 136 43.85 -33.24 -19.85
C PHE A 136 42.49 -33.90 -19.94
N GLU A 137 41.99 -34.10 -21.15
CA GLU A 137 40.60 -34.53 -21.22
C GLU A 137 40.35 -35.79 -20.42
N ASP A 138 41.35 -36.68 -20.33
CA ASP A 138 41.16 -37.91 -19.56
C ASP A 138 41.23 -37.66 -18.06
N ASN A 139 41.99 -36.65 -17.64
CA ASN A 139 42.18 -36.41 -16.20
C ASN A 139 40.97 -35.72 -15.59
N LEU A 140 40.34 -34.82 -16.33
CA LEU A 140 39.21 -34.06 -15.79
C LEU A 140 38.01 -34.97 -15.55
N VAL A 141 37.35 -34.76 -14.41
CA VAL A 141 36.19 -35.54 -14.02
C VAL A 141 34.97 -34.63 -14.05
N GLY A 142 34.00 -34.96 -14.89
CA GLY A 142 32.80 -34.17 -15.00
C GLY A 142 31.86 -34.40 -13.85
N PRO A 143 30.83 -33.57 -13.76
CA PRO A 143 29.85 -33.71 -12.67
C PRO A 143 29.07 -35.02 -12.72
N ASP A 144 29.03 -35.69 -13.86
CA ASP A 144 28.29 -36.95 -13.98
C ASP A 144 29.06 -38.13 -13.40
N LYS A 145 30.37 -37.99 -13.18
CA LYS A 145 31.19 -39.10 -12.71
C LYS A 145 32.02 -38.74 -11.48
N GLU A 146 31.81 -37.58 -10.89
CA GLU A 146 32.52 -37.23 -9.66
C GLU A 146 32.03 -38.08 -8.50
N VAL A 147 32.91 -38.30 -7.53
CA VAL A 147 32.58 -38.99 -6.30
C VAL A 147 32.72 -38.01 -5.15
N VAL A 148 31.74 -38.01 -4.25
CA VAL A 148 31.67 -37.05 -3.15
C VAL A 148 31.88 -37.77 -1.83
N PHE A 149 32.67 -37.16 -0.95
CA PHE A 149 32.98 -37.67 0.38
C PHE A 149 32.54 -36.65 1.41
N PRO A 150 31.81 -37.05 2.44
CA PRO A 150 31.64 -36.17 3.61
C PRO A 150 32.97 -36.02 4.35
N LEU A 151 33.08 -34.92 5.10
CA LEU A 151 34.34 -34.62 5.77
C LEU A 151 34.68 -35.62 6.86
N ASP A 152 33.71 -36.39 7.34
CA ASP A 152 34.00 -37.44 8.31
C ASP A 152 34.42 -38.76 7.64
N ILE A 153 34.56 -38.78 6.32
CA ILE A 153 34.99 -39.95 5.58
C ILE A 153 36.25 -39.58 4.79
N GLY A 154 37.33 -40.30 5.02
CA GLY A 154 38.51 -40.15 4.20
C GLY A 154 39.54 -39.21 4.81
N ILE A 155 40.81 -39.45 4.47
CA ILE A 155 41.87 -38.54 4.89
C ILE A 155 41.72 -37.19 4.18
N VAL A 156 41.12 -37.15 2.99
CA VAL A 156 40.81 -35.88 2.36
C VAL A 156 39.82 -35.09 3.23
N GLY A 157 38.80 -35.77 3.74
CA GLY A 157 37.87 -35.11 4.64
C GLY A 157 38.52 -34.65 5.92
N TRP A 158 39.40 -35.48 6.48
CA TRP A 158 40.10 -35.09 7.71
C TRP A 158 41.02 -33.89 7.47
N ALA A 159 41.70 -33.86 6.33
CA ALA A 159 42.57 -32.74 6.00
C ALA A 159 41.77 -31.47 5.76
N ALA A 160 40.61 -31.58 5.11
CA ALA A 160 39.75 -30.41 4.93
C ALA A 160 39.21 -29.92 6.26
N HIS A 161 38.94 -30.84 7.19
CA HIS A 161 38.45 -30.43 8.50
C HIS A 161 39.54 -29.74 9.31
N THR A 162 40.74 -30.31 9.34
CA THR A 162 41.84 -29.76 10.13
C THR A 162 42.61 -28.65 9.42
N LYS A 163 42.44 -28.51 8.10
CA LYS A 163 43.11 -27.47 7.31
C LYS A 163 44.63 -27.53 7.43
N LYS A 164 45.18 -28.71 7.68
CA LYS A 164 46.60 -28.89 7.90
C LYS A 164 47.16 -29.95 6.95
N THR A 165 48.47 -29.87 6.71
CA THR A 165 49.14 -30.84 5.86
C THR A 165 49.21 -32.20 6.56
N HIS A 166 48.86 -33.25 5.82
CA HIS A 166 48.84 -34.61 6.34
C HIS A 166 49.75 -35.49 5.49
N ASN A 167 50.60 -36.26 6.17
CA ASN A 167 51.49 -37.22 5.52
C ASN A 167 51.63 -38.40 6.46
N VAL A 168 51.06 -39.54 6.09
CA VAL A 168 51.14 -40.75 6.90
C VAL A 168 51.58 -41.91 6.01
N PRO A 169 52.54 -42.72 6.46
CA PRO A 169 52.84 -43.98 5.76
C PRO A 169 51.97 -45.11 6.27
N ASP A 170 51.90 -46.17 5.45
CA ASP A 170 51.13 -47.38 5.76
C ASP A 170 49.65 -47.04 6.00
N VAL A 171 49.02 -46.60 4.92
CA VAL A 171 47.65 -46.08 4.97
C VAL A 171 46.65 -47.11 5.48
N LYS A 172 46.98 -48.40 5.38
CA LYS A 172 46.09 -49.43 5.90
C LYS A 172 46.02 -49.38 7.42
N LYS A 173 47.02 -48.82 8.08
CA LYS A 173 47.02 -48.63 9.52
C LYS A 173 46.44 -47.29 9.95
N ASN A 174 46.05 -46.45 9.01
CA ASN A 174 45.45 -45.16 9.34
C ASN A 174 44.00 -45.35 9.78
N SER A 175 43.58 -44.50 10.72
CA SER A 175 42.22 -44.53 11.23
C SER A 175 41.23 -43.75 10.39
N HIS A 176 41.72 -42.92 9.46
CA HIS A 176 40.85 -42.10 8.62
C HIS A 176 40.83 -42.52 7.16
N PHE A 177 41.64 -43.50 6.76
CA PHE A 177 41.70 -43.88 5.36
C PHE A 177 40.42 -44.58 4.93
N SER A 178 39.91 -44.20 3.76
CA SER A 178 38.75 -44.84 3.16
C SER A 178 39.17 -45.46 1.84
N ASP A 179 38.80 -46.73 1.63
CA ASP A 179 39.20 -47.47 0.45
C ASP A 179 38.10 -47.58 -0.59
N PHE A 180 37.05 -46.75 -0.50
CA PHE A 180 35.97 -46.82 -1.47
C PHE A 180 36.46 -46.49 -2.88
N MET A 181 37.32 -45.48 -3.01
CA MET A 181 37.90 -45.18 -4.32
C MET A 181 38.82 -46.31 -4.78
N ASP A 182 39.44 -47.02 -3.84
CA ASP A 182 40.30 -48.14 -4.21
C ASP A 182 39.51 -49.26 -4.87
N LYS A 183 38.38 -49.67 -4.27
CA LYS A 183 37.57 -50.71 -4.88
C LYS A 183 36.85 -50.17 -6.11
N GLN A 184 36.51 -48.88 -6.13
CA GLN A 184 35.85 -48.29 -7.28
C GLN A 184 36.74 -48.31 -8.51
N THR A 185 38.02 -47.97 -8.35
CA THR A 185 38.94 -47.87 -9.47
C THR A 185 39.86 -49.09 -9.63
N GLY A 186 39.95 -49.94 -8.62
CA GLY A 186 40.84 -51.09 -8.70
C GLY A 186 42.30 -50.77 -8.49
N TYR A 187 42.63 -49.62 -7.92
CA TYR A 187 44.00 -49.19 -7.69
C TYR A 187 44.30 -49.20 -6.18
N VAL A 188 45.52 -49.58 -5.84
CA VAL A 188 45.93 -49.72 -4.44
C VAL A 188 46.92 -48.60 -4.11
N THR A 189 46.67 -47.92 -2.99
CA THR A 189 47.52 -46.83 -2.52
C THR A 189 48.18 -47.24 -1.20
N LYS A 190 49.41 -46.81 -1.00
CA LYS A 190 50.19 -47.17 0.19
C LYS A 190 50.81 -45.98 0.91
N ASN A 191 51.26 -44.96 0.18
CA ASN A 191 51.84 -43.76 0.76
C ASN A 191 51.19 -42.56 0.09
N LEU A 192 50.75 -41.57 0.87
CA LEU A 192 50.03 -40.42 0.27
C LEU A 192 50.52 -39.09 0.85
N LEU A 193 50.00 -37.98 0.33
CA LEU A 193 50.40 -36.64 0.81
C LEU A 193 49.22 -35.68 0.54
N ALA A 194 48.52 -35.24 1.59
CA ALA A 194 47.36 -34.39 1.38
C ALA A 194 47.66 -33.01 1.96
N THR A 195 47.26 -31.98 1.23
CA THR A 195 47.45 -30.63 1.74
C THR A 195 46.36 -29.73 1.16
N PRO A 196 45.41 -29.29 1.97
CA PRO A 196 44.31 -28.48 1.45
C PRO A 196 44.77 -27.08 1.10
N ILE A 197 44.22 -26.56 0.01
CA ILE A 197 44.38 -25.15 -0.31
C ILE A 197 43.39 -24.37 0.54
N VAL A 198 43.88 -23.41 1.31
CA VAL A 198 43.06 -22.68 2.27
C VAL A 198 43.24 -21.19 2.02
N VAL A 199 42.12 -20.48 1.83
CA VAL A 199 42.11 -19.03 1.74
C VAL A 199 40.94 -18.52 2.58
N GLY A 200 41.22 -17.56 3.46
CA GLY A 200 40.18 -16.89 4.22
C GLY A 200 39.30 -17.81 5.04
N LYS A 201 39.91 -18.76 5.75
CA LYS A 201 39.26 -19.78 6.60
C LYS A 201 38.44 -20.77 5.77
N GLU A 202 38.47 -20.68 4.44
CA GLU A 202 37.71 -21.58 3.59
C GLU A 202 38.67 -22.46 2.82
N VAL A 203 38.39 -23.77 2.80
CA VAL A 203 39.21 -24.72 2.05
C VAL A 203 38.63 -24.83 0.65
N LEU A 204 39.46 -24.57 -0.36
CA LEU A 204 39.02 -24.62 -1.75
C LEU A 204 39.21 -26.01 -2.34
N ALA A 205 40.42 -26.57 -2.22
CA ALA A 205 40.71 -27.86 -2.82
C ALA A 205 41.74 -28.59 -1.97
N VAL A 206 41.76 -29.91 -2.13
CA VAL A 206 42.73 -30.78 -1.50
C VAL A 206 43.55 -31.45 -2.59
N ILE A 207 44.88 -31.32 -2.51
CA ILE A 207 45.80 -31.86 -3.49
C ILE A 207 46.40 -33.14 -2.94
N MET A 208 46.45 -34.18 -3.76
CA MET A 208 46.87 -35.49 -3.32
C MET A 208 47.98 -36.01 -4.22
N ALA A 209 49.07 -36.49 -3.60
CA ALA A 209 50.14 -37.19 -4.29
C ALA A 209 50.36 -38.52 -3.59
N VAL A 210 50.34 -39.61 -4.36
CA VAL A 210 50.32 -40.95 -3.78
C VAL A 210 51.37 -41.84 -4.43
N ASN A 211 51.74 -42.90 -3.71
CA ASN A 211 52.50 -44.04 -4.24
C ASN A 211 53.87 -43.60 -4.79
N LYS A 212 54.72 -43.18 -3.87
CA LYS A 212 56.11 -42.91 -4.20
C LYS A 212 56.79 -44.18 -4.72
N VAL A 213 57.54 -44.03 -5.81
CA VAL A 213 58.23 -45.16 -6.43
C VAL A 213 59.65 -45.24 -5.89
N ASN A 214 60.18 -46.46 -5.89
CA ASN A 214 61.56 -46.78 -5.52
C ASN A 214 61.91 -46.39 -4.08
N ALA A 215 60.93 -46.01 -3.28
CA ALA A 215 61.18 -45.58 -1.91
C ALA A 215 59.87 -45.62 -1.13
N SER A 216 60.00 -45.37 0.18
CA SER A 216 58.85 -45.20 1.07
C SER A 216 59.17 -44.06 2.03
N GLU A 217 58.18 -43.68 2.84
CA GLU A 217 58.23 -42.64 3.85
C GLU A 217 58.35 -41.24 3.25
N PHE A 218 58.47 -41.10 1.94
CA PHE A 218 58.69 -39.83 1.25
C PHE A 218 59.86 -39.07 1.84
N SER A 219 59.74 -37.74 1.96
CA SER A 219 60.84 -36.93 2.48
C SER A 219 60.28 -35.58 2.93
N LYS A 220 61.08 -34.89 3.74
CA LYS A 220 60.72 -33.54 4.15
C LYS A 220 60.77 -32.59 2.96
N GLN A 221 61.82 -32.70 2.13
CA GLN A 221 61.91 -31.85 0.95
C GLN A 221 60.81 -32.16 -0.06
N ASP A 222 60.26 -33.37 -0.02
CA ASP A 222 59.08 -33.67 -0.81
C ASP A 222 57.92 -32.77 -0.39
N GLU A 223 57.69 -32.64 0.92
CA GLU A 223 56.65 -31.74 1.40
C GLU A 223 57.02 -30.28 1.13
N GLU A 224 58.31 -29.95 1.15
CA GLU A 224 58.72 -28.57 0.89
C GLU A 224 58.39 -28.15 -0.53
N VAL A 225 58.77 -28.98 -1.51
CA VAL A 225 58.42 -28.68 -2.90
C VAL A 225 56.92 -28.81 -3.12
N PHE A 226 56.26 -29.69 -2.35
CA PHE A 226 54.80 -29.79 -2.40
C PHE A 226 54.16 -28.45 -2.03
N SER A 227 54.57 -27.87 -0.91
CA SER A 227 54.04 -26.58 -0.49
C SER A 227 54.42 -25.48 -1.48
N LYS A 228 55.65 -25.52 -1.99
CA LYS A 228 56.12 -24.47 -2.89
C LYS A 228 55.42 -24.51 -4.25
N TYR A 229 54.84 -25.65 -4.63
CA TYR A 229 54.01 -25.67 -5.84
C TYR A 229 52.53 -25.45 -5.54
N LEU A 230 52.06 -25.89 -4.37
CA LEU A 230 50.72 -25.50 -3.98
C LEU A 230 50.61 -24.01 -3.70
N ASN A 231 51.73 -23.29 -3.59
CA ASN A 231 51.66 -21.83 -3.60
C ASN A 231 51.14 -21.33 -4.95
N PHE A 232 51.67 -21.86 -6.05
CA PHE A 232 51.13 -21.53 -7.37
C PHE A 232 49.68 -21.96 -7.47
N VAL A 233 49.38 -23.17 -6.98
CA VAL A 233 48.01 -23.67 -7.00
C VAL A 233 47.09 -22.75 -6.23
N SER A 234 47.55 -22.26 -5.08
CA SER A 234 46.75 -21.36 -4.25
C SER A 234 46.52 -20.03 -4.95
N ILE A 235 47.52 -19.52 -5.66
CA ILE A 235 47.33 -18.29 -6.43
C ILE A 235 46.22 -18.47 -7.46
N ILE A 236 46.29 -19.57 -8.22
CA ILE A 236 45.30 -19.80 -9.27
C ILE A 236 43.90 -19.98 -8.67
N LEU A 237 43.81 -20.78 -7.61
CA LEU A 237 42.51 -21.07 -7.01
C LEU A 237 41.91 -19.84 -6.34
N ARG A 238 42.75 -19.02 -5.70
CA ARG A 238 42.26 -17.79 -5.08
C ARG A 238 41.76 -16.82 -6.14
N LEU A 239 42.47 -16.71 -7.27
CA LEU A 239 42.00 -15.86 -8.36
C LEU A 239 40.63 -16.32 -8.85
N HIS A 240 40.49 -17.62 -9.14
CA HIS A 240 39.22 -18.12 -9.65
C HIS A 240 38.10 -17.96 -8.63
N HIS A 241 38.37 -18.24 -7.35
CA HIS A 241 37.35 -18.15 -6.33
C HIS A 241 36.90 -16.72 -6.12
N THR A 242 37.83 -15.76 -6.12
CA THR A 242 37.45 -14.37 -5.94
C THR A 242 36.62 -13.88 -7.12
N SER A 243 36.98 -14.28 -8.35
CA SER A 243 36.16 -13.92 -9.50
C SER A 243 34.77 -14.53 -9.40
N TYR A 244 34.68 -15.79 -8.96
CA TYR A 244 33.39 -16.46 -8.80
C TYR A 244 32.53 -15.76 -7.76
N MET A 245 33.14 -15.38 -6.63
CA MET A 245 32.39 -14.69 -5.59
C MET A 245 31.88 -13.34 -6.07
N TYR A 246 32.71 -12.62 -6.84
CA TYR A 246 32.26 -11.35 -7.40
C TYR A 246 31.09 -11.56 -8.35
N ASN A 247 31.15 -12.62 -9.18
CA ASN A 247 30.06 -12.89 -10.11
C ASN A 247 28.76 -13.21 -9.37
N ILE A 248 28.83 -14.04 -8.33
CA ILE A 248 27.58 -14.39 -7.64
C ILE A 248 27.05 -13.19 -6.87
N GLU A 249 27.92 -12.32 -6.35
CA GLU A 249 27.44 -11.13 -5.66
C GLU A 249 26.79 -10.15 -6.63
N SER A 250 27.35 -10.02 -7.85
CA SER A 250 26.72 -9.20 -8.86
C SER A 250 25.34 -9.75 -9.25
N ARG A 251 25.25 -11.08 -9.37
CA ARG A 251 23.96 -11.69 -9.67
C ARG A 251 22.95 -11.43 -8.56
N ARG A 252 23.37 -11.54 -7.30
CA ARG A 252 22.46 -11.31 -6.18
C ARG A 252 21.99 -9.87 -6.14
N SER A 253 22.91 -8.92 -6.35
CA SER A 253 22.53 -7.51 -6.35
C SER A 253 21.56 -7.20 -7.47
N GLN A 254 21.79 -7.76 -8.66
CA GLN A 254 20.87 -7.54 -9.78
C GLN A 254 19.50 -8.16 -9.51
N ILE A 255 19.48 -9.33 -8.87
CA ILE A 255 18.21 -9.97 -8.52
C ILE A 255 17.41 -9.09 -7.59
N LEU A 256 18.07 -8.57 -6.55
CA LEU A 256 17.38 -7.68 -5.61
C LEU A 256 16.91 -6.41 -6.30
N MET A 257 17.73 -5.86 -7.19
CA MET A 257 17.41 -4.59 -7.83
C MET A 257 16.17 -4.73 -8.72
N TRP A 258 16.17 -5.77 -9.57
CA TRP A 258 15.05 -5.97 -10.49
C TRP A 258 13.78 -6.41 -9.76
N SER A 259 13.91 -7.23 -8.72
CA SER A 259 12.74 -7.60 -7.93
C SER A 259 12.12 -6.38 -7.27
N ALA A 260 12.97 -5.48 -6.74
CA ALA A 260 12.46 -4.25 -6.15
C ALA A 260 11.75 -3.39 -7.18
N ASN A 261 12.33 -3.27 -8.38
CA ASN A 261 11.71 -2.47 -9.43
C ASN A 261 10.33 -3.02 -9.79
N LYS A 262 10.23 -4.34 -9.97
CA LYS A 262 8.96 -4.93 -10.36
C LYS A 262 7.93 -4.93 -9.24
N VAL A 263 8.37 -5.02 -7.99
CA VAL A 263 7.43 -4.91 -6.88
C VAL A 263 6.89 -3.49 -6.78
N PHE A 264 7.75 -2.49 -6.93
CA PHE A 264 7.34 -1.10 -6.81
C PHE A 264 6.79 -0.54 -8.11
N GLU A 265 6.64 -1.36 -9.15
CA GLU A 265 5.96 -0.90 -10.36
C GLU A 265 4.52 -0.48 -10.06
N GLU A 266 3.75 -1.35 -9.41
CA GLU A 266 2.37 -1.04 -9.04
C GLU A 266 1.92 -2.03 -7.98
N LEU A 267 0.73 -1.77 -7.44
CA LEU A 267 0.15 -2.66 -6.43
C LEU A 267 -0.66 -3.76 -7.11
N THR A 268 -0.35 -5.01 -6.77
CA THR A 268 -1.04 -6.16 -7.32
C THR A 268 -1.16 -7.23 -6.25
N ASP A 269 -1.74 -8.37 -6.64
CA ASP A 269 -1.96 -9.48 -5.72
C ASP A 269 -0.72 -10.36 -5.65
N VAL A 270 -0.82 -11.50 -4.96
CA VAL A 270 0.32 -12.40 -4.80
C VAL A 270 0.76 -12.97 -6.13
N GLU A 271 -0.20 -13.41 -6.94
CA GLU A 271 0.13 -14.14 -8.16
C GLU A 271 0.85 -13.24 -9.17
N ARG A 272 0.28 -12.07 -9.45
CA ARG A 272 0.86 -11.21 -10.47
C ARG A 272 2.20 -10.63 -10.02
N GLN A 273 2.29 -10.21 -8.76
CA GLN A 273 3.55 -9.66 -8.26
C GLN A 273 4.64 -10.71 -8.26
N PHE A 274 4.32 -11.92 -7.77
CA PHE A 274 5.32 -12.99 -7.75
C PHE A 274 5.73 -13.37 -9.16
N HIS A 275 4.79 -13.42 -10.09
CA HIS A 275 5.12 -13.76 -11.46
C HIS A 275 6.02 -12.71 -12.10
N LYS A 276 5.73 -11.43 -11.87
CA LYS A 276 6.58 -10.38 -12.42
C LYS A 276 7.99 -10.46 -11.86
N ALA A 277 8.10 -10.58 -10.53
CA ALA A 277 9.40 -10.62 -9.89
C ALA A 277 10.22 -11.84 -10.33
N LEU A 278 9.57 -13.00 -10.43
CA LEU A 278 10.29 -14.21 -10.82
C LEU A 278 10.60 -14.26 -12.31
N TYR A 279 9.77 -13.63 -13.14
CA TYR A 279 10.05 -13.63 -14.57
C TYR A 279 11.15 -12.65 -14.93
N THR A 280 11.24 -11.52 -14.22
CA THR A 280 12.26 -10.54 -14.57
C THR A 280 13.66 -11.05 -14.25
N VAL A 281 13.81 -11.83 -13.18
CA VAL A 281 15.11 -12.24 -12.70
C VAL A 281 15.51 -13.61 -13.25
N ARG A 282 14.86 -14.07 -14.31
CA ARG A 282 15.14 -15.41 -14.83
C ARG A 282 16.54 -15.53 -15.41
N SER A 283 17.13 -14.42 -15.86
CA SER A 283 18.46 -14.47 -16.45
C SER A 283 19.56 -14.60 -15.40
N TYR A 284 19.27 -14.29 -14.14
CA TYR A 284 20.28 -14.33 -13.09
C TYR A 284 20.21 -15.59 -12.24
N LEU A 285 19.17 -16.41 -12.42
CA LEU A 285 19.09 -17.71 -11.77
C LEU A 285 19.50 -18.77 -12.79
N ASN A 286 20.72 -19.27 -12.68
CA ASN A 286 21.26 -20.20 -13.67
C ASN A 286 20.65 -21.60 -13.49
N CYS A 287 19.35 -21.68 -13.74
CA CYS A 287 18.60 -22.93 -13.63
C CYS A 287 17.92 -23.22 -14.95
N GLU A 288 17.94 -24.49 -15.36
CA GLU A 288 17.25 -24.91 -16.57
C GLU A 288 15.75 -24.75 -16.43
N ARG A 289 15.21 -25.15 -15.29
CA ARG A 289 13.78 -25.02 -15.00
C ARG A 289 13.60 -24.63 -13.55
N TYR A 290 12.58 -23.81 -13.30
CA TYR A 290 12.19 -23.54 -11.92
C TYR A 290 10.71 -23.15 -11.91
N SER A 291 10.10 -23.28 -10.73
CA SER A 291 8.67 -23.07 -10.60
C SER A 291 8.36 -22.57 -9.21
N ILE A 292 7.15 -22.04 -9.05
CA ILE A 292 6.64 -21.61 -7.77
C ILE A 292 5.23 -22.14 -7.58
N GLY A 293 4.98 -22.76 -6.43
CA GLY A 293 3.64 -23.22 -6.12
C GLY A 293 3.06 -22.47 -4.93
N LEU A 294 1.85 -21.97 -5.05
CA LEU A 294 1.23 -21.13 -4.05
C LEU A 294 0.17 -21.91 -3.29
N LEU A 295 0.33 -22.01 -1.97
CA LEU A 295 -0.60 -22.73 -1.12
C LEU A 295 -1.85 -21.90 -0.86
N ASP A 296 -2.93 -22.59 -0.52
CA ASP A 296 -4.14 -21.92 -0.06
C ASP A 296 -3.89 -21.28 1.30
N MET A 297 -4.38 -20.05 1.45
CA MET A 297 -4.15 -19.28 2.67
C MET A 297 -5.35 -19.26 3.60
N THR A 298 -6.40 -20.03 3.32
CA THR A 298 -7.62 -20.01 4.13
C THR A 298 -7.35 -20.71 5.45
N LYS A 299 -7.32 -19.94 6.54
CA LYS A 299 -7.00 -20.50 7.84
C LYS A 299 -8.17 -21.28 8.43
N GLU A 300 -9.36 -20.69 8.41
CA GLU A 300 -10.54 -21.33 8.98
C GLU A 300 -11.62 -21.50 7.90
N LYS A 301 -12.52 -22.44 8.16
CA LYS A 301 -13.58 -22.78 7.22
C LYS A 301 -14.91 -22.19 7.67
N GLU A 302 -15.85 -22.12 6.73
CA GLU A 302 -17.19 -21.62 7.04
C GLU A 302 -17.94 -22.62 7.91
N PHE A 303 -19.01 -22.15 8.54
CA PHE A 303 -19.76 -23.01 9.45
C PHE A 303 -20.43 -24.17 8.72
N TYR A 304 -20.97 -23.91 7.53
CA TYR A 304 -21.66 -24.97 6.81
C TYR A 304 -20.69 -25.99 6.22
N ASP A 305 -19.45 -25.58 5.96
CA ASP A 305 -18.44 -26.54 5.53
C ASP A 305 -17.92 -27.38 6.69
N GLU A 306 -17.97 -26.84 7.91
CA GLU A 306 -17.61 -27.61 9.09
C GLU A 306 -18.77 -28.42 9.65
N TRP A 307 -19.99 -28.21 9.14
CA TRP A 307 -21.12 -29.03 9.57
C TRP A 307 -20.94 -30.52 9.26
N PRO A 308 -20.56 -30.94 8.05
CA PRO A 308 -20.38 -32.39 7.83
C PRO A 308 -19.26 -32.99 8.67
N ILE A 309 -18.18 -32.24 8.91
CA ILE A 309 -17.08 -32.75 9.72
C ILE A 309 -17.50 -32.85 11.18
N LYS A 310 -18.17 -31.82 11.70
CA LYS A 310 -18.59 -31.84 13.10
C LYS A 310 -19.62 -32.92 13.35
N LEU A 311 -20.50 -33.18 12.38
CA LEU A 311 -21.50 -34.22 12.53
C LEU A 311 -20.90 -35.62 12.47
N GLY A 312 -19.64 -35.75 12.09
CA GLY A 312 -19.00 -37.05 11.97
C GLY A 312 -19.35 -37.79 10.70
N GLU A 313 -20.05 -37.16 9.76
CA GLU A 313 -20.47 -37.83 8.54
C GLU A 313 -19.35 -37.94 7.52
N VAL A 314 -18.32 -37.11 7.61
CA VAL A 314 -17.15 -37.18 6.74
C VAL A 314 -15.91 -37.28 7.63
N GLU A 315 -15.04 -38.23 7.32
CA GLU A 315 -13.84 -38.44 8.11
C GLU A 315 -12.96 -37.19 8.05
N PRO A 316 -12.29 -36.83 9.15
CA PRO A 316 -11.47 -35.62 9.13
C PRO A 316 -10.25 -35.79 8.24
N TYR A 317 -9.78 -34.67 7.71
CA TYR A 317 -8.68 -34.69 6.75
C TYR A 317 -7.40 -35.15 7.43
N LYS A 318 -6.74 -36.14 6.83
CA LYS A 318 -5.43 -36.59 7.27
C LYS A 318 -4.48 -36.53 6.08
N GLY A 319 -3.21 -36.25 6.37
CA GLY A 319 -2.23 -36.11 5.34
C GLY A 319 -1.30 -34.95 5.61
N PRO A 320 -0.75 -34.36 4.54
CA PRO A 320 0.21 -33.26 4.73
C PRO A 320 -0.45 -32.02 5.31
N LYS A 321 0.30 -31.33 6.17
CA LYS A 321 -0.16 -30.11 6.81
C LYS A 321 1.02 -29.17 6.99
N THR A 322 0.78 -27.88 6.77
CA THR A 322 1.79 -26.87 7.01
C THR A 322 1.99 -26.71 8.52
N PRO A 323 3.12 -26.13 8.95
CA PRO A 323 3.33 -25.92 10.39
C PRO A 323 2.25 -25.08 11.06
N ASP A 324 1.59 -24.18 10.33
CA ASP A 324 0.46 -23.45 10.90
C ASP A 324 -0.78 -24.31 11.04
N GLY A 325 -0.83 -25.46 10.38
CA GLY A 325 -1.96 -26.36 10.48
C GLY A 325 -2.84 -26.41 9.25
N ARG A 326 -2.63 -25.53 8.28
CA ARG A 326 -3.44 -25.56 7.07
C ARG A 326 -3.10 -26.77 6.22
N GLU A 327 -4.08 -27.19 5.41
CA GLU A 327 -3.85 -28.29 4.48
C GLU A 327 -2.96 -27.84 3.34
N VAL A 328 -2.09 -28.74 2.90
CA VAL A 328 -1.15 -28.43 1.82
C VAL A 328 -1.88 -28.54 0.49
N ASN A 329 -2.43 -27.43 0.01
CA ASN A 329 -3.19 -27.38 -1.22
C ASN A 329 -2.61 -26.31 -2.12
N PHE A 330 -1.85 -26.72 -3.13
CA PHE A 330 -1.32 -25.80 -4.12
C PHE A 330 -2.47 -25.38 -5.04
N TYR A 331 -2.85 -24.10 -4.97
CA TYR A 331 -3.95 -23.57 -5.79
C TYR A 331 -3.45 -23.14 -7.17
N LYS A 332 -2.17 -22.80 -7.33
CA LYS A 332 -1.65 -22.45 -8.66
C LYS A 332 -0.15 -22.71 -8.71
N ILE A 333 0.37 -23.14 -9.84
CA ILE A 333 1.81 -23.50 -9.96
C ILE A 333 2.33 -22.91 -11.27
N ILE A 334 3.15 -21.87 -11.22
CA ILE A 334 3.73 -21.20 -12.37
C ILE A 334 5.06 -21.87 -12.70
N ASP A 335 5.15 -22.45 -13.88
CA ASP A 335 6.36 -23.14 -14.33
C ASP A 335 7.09 -22.25 -15.33
N TYR A 336 8.40 -22.13 -15.15
CA TYR A 336 9.27 -21.37 -16.05
C TYR A 336 10.24 -22.35 -16.69
N ILE A 337 9.99 -22.72 -17.94
CA ILE A 337 10.84 -23.65 -18.67
C ILE A 337 11.79 -22.85 -19.54
N LEU A 338 13.10 -23.04 -19.35
CA LEU A 338 14.09 -22.20 -19.98
C LEU A 338 15.19 -22.97 -20.71
N HIS A 339 15.19 -24.30 -20.68
CA HIS A 339 16.32 -25.03 -21.25
C HIS A 339 16.32 -25.01 -22.78
N GLY A 340 15.16 -25.09 -23.41
CA GLY A 340 15.08 -25.01 -24.85
C GLY A 340 14.31 -23.78 -25.28
N LYS A 341 13.10 -23.98 -25.79
CA LYS A 341 12.17 -22.86 -25.92
C LYS A 341 11.72 -22.42 -24.53
N GLU A 342 11.64 -21.10 -24.34
CA GLU A 342 11.25 -20.54 -23.06
C GLU A 342 9.74 -20.43 -23.01
N GLU A 343 9.12 -21.10 -22.04
CA GLU A 343 7.68 -21.04 -21.86
C GLU A 343 7.34 -20.79 -20.40
N ILE A 344 6.21 -20.13 -20.17
CA ILE A 344 5.67 -19.91 -18.85
C ILE A 344 4.28 -20.53 -18.82
N LYS A 345 4.08 -21.50 -17.95
CA LYS A 345 2.81 -22.21 -17.85
C LYS A 345 2.17 -21.94 -16.50
N VAL A 346 0.97 -21.39 -16.50
CA VAL A 346 0.22 -21.12 -15.28
C VAL A 346 -0.89 -22.15 -15.17
N ILE A 347 -0.78 -23.03 -14.19
CA ILE A 347 -1.72 -24.12 -13.98
C ILE A 347 -2.51 -23.82 -12.71
N PRO A 348 -3.79 -23.45 -12.81
CA PRO A 348 -4.60 -23.24 -11.61
C PRO A 348 -5.17 -24.57 -11.12
N THR A 349 -5.03 -24.81 -9.81
CA THR A 349 -5.40 -26.06 -9.14
C THR A 349 -4.77 -27.24 -9.88
N PRO A 350 -3.44 -27.40 -9.79
CA PRO A 350 -2.79 -28.44 -10.58
C PRO A 350 -3.09 -29.82 -10.02
N PRO A 351 -3.06 -30.85 -10.85
CA PRO A 351 -3.27 -32.21 -10.37
C PRO A 351 -2.06 -32.72 -9.60
N ALA A 352 -2.26 -33.83 -8.90
CA ALA A 352 -1.18 -34.44 -8.13
C ALA A 352 -0.12 -35.08 -9.01
N ASP A 353 -0.37 -35.23 -10.31
CA ASP A 353 0.60 -35.79 -11.23
C ASP A 353 1.51 -34.74 -11.87
N HIS A 354 1.43 -33.49 -11.43
CA HIS A 354 2.28 -32.44 -11.97
C HIS A 354 3.75 -32.75 -11.69
N TRP A 355 4.61 -32.47 -12.68
CA TRP A 355 6.00 -32.91 -12.59
C TRP A 355 6.71 -32.29 -11.40
N THR A 356 6.36 -31.07 -11.04
CA THR A 356 6.88 -30.48 -9.81
C THR A 356 6.39 -31.25 -8.58
N LEU A 357 5.14 -31.68 -8.60
CA LEU A 357 4.51 -32.32 -7.46
C LEU A 357 4.58 -33.84 -7.50
N ILE A 358 5.18 -34.44 -8.53
CA ILE A 358 5.26 -35.90 -8.59
C ILE A 358 6.11 -36.42 -7.44
N SER A 359 7.28 -35.83 -7.23
CA SER A 359 8.04 -36.08 -6.02
C SER A 359 7.37 -35.38 -4.84
N GLY A 360 7.73 -35.80 -3.63
CA GLY A 360 7.17 -35.18 -2.47
C GLY A 360 7.91 -33.94 -1.98
N LEU A 361 8.91 -33.47 -2.72
CA LEU A 361 9.76 -32.39 -2.22
C LEU A 361 9.03 -31.07 -2.01
N PRO A 362 8.20 -30.57 -2.95
CA PRO A 362 7.42 -29.38 -2.61
C PRO A 362 6.48 -29.60 -1.43
N THR A 363 5.87 -30.77 -1.33
CA THR A 363 5.02 -31.07 -0.19
C THR A 363 5.85 -31.20 1.09
N TYR A 364 7.04 -31.77 0.99
CA TYR A 364 7.94 -31.86 2.14
C TYR A 364 8.34 -30.49 2.64
N VAL A 365 8.65 -29.57 1.73
CA VAL A 365 8.99 -28.20 2.11
C VAL A 365 7.80 -27.51 2.72
N ALA A 366 6.61 -27.68 2.14
CA ALA A 366 5.42 -27.06 2.69
C ALA A 366 5.11 -27.58 4.09
N GLU A 367 5.38 -28.87 4.34
CA GLU A 367 5.13 -29.45 5.65
C GLU A 367 6.18 -29.02 6.68
N ASN A 368 7.43 -28.86 6.25
CA ASN A 368 8.53 -28.62 7.17
C ASN A 368 9.12 -27.22 7.10
N GLY A 369 9.33 -26.68 5.91
CA GLY A 369 9.92 -25.37 5.80
C GLY A 369 11.44 -25.35 5.74
N PHE A 370 12.05 -26.45 5.30
CA PHE A 370 13.50 -26.51 5.18
C PHE A 370 13.93 -26.14 3.78
N ILE A 371 15.15 -25.63 3.67
CA ILE A 371 15.77 -25.39 2.37
C ILE A 371 16.43 -26.69 1.95
N CYS A 372 15.83 -27.38 0.97
CA CYS A 372 16.25 -28.71 0.59
C CYS A 372 17.14 -28.66 -0.64
N ASN A 373 18.38 -29.10 -0.49
CA ASN A 373 19.33 -29.27 -1.59
C ASN A 373 19.48 -30.75 -1.87
N MET A 374 19.36 -31.14 -3.13
CA MET A 374 19.40 -32.54 -3.52
C MET A 374 20.27 -32.69 -4.76
N MET A 375 21.33 -33.48 -4.66
CA MET A 375 22.16 -33.83 -5.79
C MET A 375 21.88 -35.28 -6.15
N ASN A 376 21.73 -35.55 -7.45
CA ASN A 376 21.31 -36.85 -7.95
C ASN A 376 19.99 -37.27 -7.31
N ALA A 377 18.96 -36.46 -7.56
CA ALA A 377 17.66 -36.68 -6.94
C ALA A 377 17.01 -38.01 -7.31
N PRO A 378 17.00 -38.49 -8.55
CA PRO A 378 16.39 -39.80 -8.83
C PRO A 378 17.07 -40.95 -8.11
N ALA A 379 18.31 -40.78 -7.66
CA ALA A 379 19.00 -41.84 -6.92
C ALA A 379 18.50 -41.97 -5.49
N ASP A 380 17.68 -41.05 -5.01
CA ASP A 380 17.18 -41.13 -3.64
C ASP A 380 16.10 -42.20 -3.53
N GLU A 381 15.85 -42.63 -2.29
CA GLU A 381 14.82 -43.62 -2.00
C GLU A 381 13.57 -43.02 -1.37
N TYR A 382 13.71 -41.93 -0.60
CA TYR A 382 12.54 -41.31 0.01
C TYR A 382 11.67 -40.62 -1.04
N PHE A 383 12.26 -39.80 -1.89
CA PHE A 383 11.49 -39.00 -2.83
C PHE A 383 11.40 -39.71 -4.18
N THR A 384 10.16 -39.83 -4.68
CA THR A 384 9.90 -40.55 -5.93
C THR A 384 10.14 -39.62 -7.13
N PHE A 385 11.39 -39.26 -7.31
CA PHE A 385 11.75 -38.38 -8.42
C PHE A 385 11.74 -39.15 -9.74
N GLN A 386 11.42 -38.45 -10.81
CA GLN A 386 11.26 -39.06 -12.13
C GLN A 386 12.62 -39.49 -12.66
N LYS A 387 12.83 -40.81 -12.74
CA LYS A 387 14.11 -41.32 -13.25
C LYS A 387 14.29 -41.01 -14.73
N GLY A 388 13.23 -41.13 -15.52
CA GLY A 388 13.30 -40.86 -16.93
C GLY A 388 12.84 -39.47 -17.27
N PRO A 389 12.86 -39.15 -18.56
CA PRO A 389 12.34 -37.85 -19.02
C PRO A 389 10.85 -37.70 -18.69
N VAL A 390 10.46 -36.47 -18.39
CA VAL A 390 9.12 -36.22 -17.88
C VAL A 390 8.21 -35.48 -18.89
N ASP A 391 8.76 -34.53 -19.64
CA ASP A 391 7.95 -33.76 -20.59
C ASP A 391 8.08 -34.28 -22.01
N GLU A 392 8.66 -35.47 -22.19
CA GLU A 392 8.93 -36.07 -23.50
C GLU A 392 9.85 -35.21 -24.36
N THR A 393 10.56 -34.26 -23.75
CA THR A 393 11.61 -33.51 -24.41
C THR A 393 12.99 -33.98 -24.00
N GLY A 394 13.07 -35.09 -23.27
CA GLY A 394 14.34 -35.64 -22.85
C GLY A 394 14.95 -35.00 -21.62
N TRP A 395 14.30 -34.01 -21.02
CA TRP A 395 14.82 -33.32 -19.86
C TRP A 395 14.60 -34.18 -18.62
N VAL A 396 15.68 -34.44 -17.89
CA VAL A 396 15.66 -35.34 -16.74
C VAL A 396 16.16 -34.60 -15.52
N ILE A 397 15.45 -34.76 -14.40
CA ILE A 397 15.83 -34.09 -13.16
C ILE A 397 17.15 -34.64 -12.66
N LYS A 398 18.10 -33.75 -12.40
CA LYS A 398 19.40 -34.13 -11.86
C LYS A 398 19.68 -33.52 -10.50
N ASN A 399 19.47 -32.21 -10.35
CA ASN A 399 19.71 -31.52 -9.09
C ASN A 399 18.50 -30.65 -8.77
N VAL A 400 18.09 -30.64 -7.50
CA VAL A 400 16.90 -29.91 -7.06
C VAL A 400 17.27 -29.02 -5.89
N LEU A 401 16.66 -27.83 -5.85
CA LEU A 401 16.77 -26.94 -4.71
C LEU A 401 15.39 -26.34 -4.44
N SER A 402 14.87 -26.56 -3.24
CA SER A 402 13.51 -26.16 -2.90
C SER A 402 13.53 -25.28 -1.66
N LEU A 403 12.85 -24.14 -1.72
CA LEU A 403 12.80 -23.20 -0.62
C LEU A 403 11.38 -22.74 -0.37
N PRO A 404 11.04 -22.43 0.87
CA PRO A 404 9.73 -21.86 1.16
C PRO A 404 9.75 -20.33 1.19
N ILE A 405 8.59 -19.72 0.86
CA ILE A 405 8.41 -18.24 0.90
C ILE A 405 7.52 -17.99 2.12
N VAL A 406 7.95 -17.22 3.11
CA VAL A 406 7.19 -17.10 4.38
C VAL A 406 6.60 -15.71 4.65
N ASN A 407 5.35 -15.64 5.10
CA ASN A 407 4.63 -14.40 5.46
C ASN A 407 5.19 -13.86 6.75
N LYS A 408 5.10 -12.58 7.01
CA LYS A 408 5.70 -12.00 8.23
C LYS A 408 5.42 -12.90 9.43
N LYS A 409 4.20 -13.43 9.53
CA LYS A 409 3.78 -14.25 10.69
C LYS A 409 4.41 -15.64 10.57
N GLU A 410 5.34 -15.84 9.62
CA GLU A 410 6.10 -17.10 9.45
C GLU A 410 5.26 -18.19 8.78
N ASP A 411 4.10 -17.83 8.22
CA ASP A 411 3.28 -18.79 7.45
C ASP A 411 3.96 -19.09 6.12
N ILE A 412 3.81 -20.29 5.59
CA ILE A 412 4.43 -20.66 4.28
C ILE A 412 3.41 -20.36 3.20
N VAL A 413 3.62 -19.34 2.39
CA VAL A 413 2.76 -18.92 1.30
C VAL A 413 3.01 -19.73 0.04
N GLY A 414 4.26 -20.03 -0.27
CA GLY A 414 4.57 -20.78 -1.47
C GLY A 414 5.85 -21.57 -1.29
N VAL A 415 6.12 -22.41 -2.29
CA VAL A 415 7.35 -23.17 -2.36
C VAL A 415 7.95 -22.93 -3.74
N ALA A 416 9.18 -22.41 -3.77
CA ALA A 416 9.89 -22.14 -5.00
C ALA A 416 10.93 -23.23 -5.21
N THR A 417 10.81 -23.98 -6.30
CA THR A 417 11.67 -25.12 -6.58
C THR A 417 12.50 -24.81 -7.81
N PHE A 418 13.82 -24.88 -7.67
CA PHE A 418 14.76 -24.60 -8.74
C PHE A 418 15.44 -25.91 -9.13
N TYR A 419 15.28 -26.31 -10.38
CA TYR A 419 15.79 -27.59 -10.87
C TYR A 419 17.19 -27.41 -11.44
N ASN A 420 17.67 -28.42 -12.18
CA ASN A 420 19.10 -28.63 -12.38
C ASN A 420 19.81 -27.41 -12.96
N ARG A 421 21.00 -27.16 -12.43
CA ARG A 421 21.78 -25.98 -12.77
C ARG A 421 22.27 -26.03 -14.22
N LYS A 422 22.44 -24.85 -14.81
CA LYS A 422 22.88 -24.77 -16.20
C LYS A 422 24.28 -25.36 -16.38
N ASP A 423 25.18 -25.09 -15.43
CA ASP A 423 26.53 -25.64 -15.51
C ASP A 423 26.53 -27.16 -15.35
N GLY A 424 25.51 -27.73 -14.70
CA GLY A 424 25.47 -29.15 -14.43
C GLY A 424 26.02 -29.56 -13.08
N LYS A 425 26.66 -28.65 -12.37
CA LYS A 425 27.15 -28.95 -11.04
C LYS A 425 26.01 -28.91 -10.03
N PRO A 426 26.11 -29.68 -8.95
CA PRO A 426 25.08 -29.61 -7.91
C PRO A 426 25.07 -28.26 -7.22
N PHE A 427 23.91 -27.90 -6.70
CA PHE A 427 23.75 -26.61 -6.03
C PHE A 427 24.63 -26.55 -4.79
N ASP A 428 25.42 -25.49 -4.68
CA ASP A 428 26.32 -25.30 -3.55
C ASP A 428 25.77 -24.21 -2.65
N GLU A 429 26.58 -23.79 -1.68
CA GLU A 429 26.14 -22.79 -0.71
C GLU A 429 25.80 -21.46 -1.37
N HIS A 430 26.42 -21.15 -2.52
CA HIS A 430 26.23 -19.84 -3.13
C HIS A 430 24.88 -19.73 -3.85
N ASP A 431 24.47 -20.78 -4.57
CA ASP A 431 23.14 -20.78 -5.16
C ASP A 431 22.07 -20.80 -4.08
N GLU A 432 22.32 -21.50 -2.98
CA GLU A 432 21.41 -21.45 -1.85
C GLU A 432 21.31 -20.04 -1.29
N TYR A 433 22.45 -19.34 -1.25
CA TYR A 433 22.47 -17.94 -0.79
C TYR A 433 21.61 -17.06 -1.69
N ILE A 434 21.81 -17.17 -3.00
CA ILE A 434 21.08 -16.33 -3.96
C ILE A 434 19.58 -16.61 -3.89
N THR A 435 19.20 -17.89 -3.93
CA THR A 435 17.79 -18.23 -3.92
C THR A 435 17.13 -17.92 -2.58
N GLU A 436 17.87 -18.06 -1.47
CA GLU A 436 17.33 -17.70 -0.18
C GLU A 436 17.08 -16.20 -0.08
N THR A 437 17.99 -15.39 -0.63
CA THR A 437 17.74 -13.95 -0.66
C THR A 437 16.53 -13.61 -1.52
N LEU A 438 16.39 -14.27 -2.66
CA LEU A 438 15.23 -14.02 -3.51
C LEU A 438 13.92 -14.38 -2.81
N THR A 439 13.88 -15.54 -2.15
CA THR A 439 12.66 -15.95 -1.47
C THR A 439 12.39 -15.09 -0.23
N GLN A 440 13.44 -14.62 0.45
CA GLN A 440 13.24 -13.70 1.55
C GLN A 440 12.65 -12.38 1.07
N PHE A 441 13.15 -11.87 -0.06
CA PHE A 441 12.58 -10.65 -0.63
C PHE A 441 11.12 -10.86 -1.02
N LEU A 442 10.81 -12.00 -1.64
CA LEU A 442 9.44 -12.27 -2.04
C LEU A 442 8.53 -12.40 -0.83
N GLY A 443 9.04 -12.97 0.27
CA GLY A 443 8.26 -13.04 1.49
C GLY A 443 8.01 -11.68 2.11
N TRP A 444 9.00 -10.80 2.06
CA TRP A 444 8.81 -9.44 2.57
C TRP A 444 7.85 -8.65 1.70
N SER A 445 7.83 -8.94 0.40
CA SER A 445 7.03 -8.17 -0.55
C SER A 445 5.53 -8.34 -0.34
N LEU A 446 5.10 -9.28 0.50
CA LEU A 446 3.68 -9.54 0.71
C LEU A 446 2.97 -8.40 1.42
N LEU A 447 3.70 -7.45 1.97
CA LEU A 447 3.06 -6.25 2.52
C LEU A 447 2.31 -5.50 1.44
N ASN A 448 2.89 -5.40 0.25
CA ASN A 448 2.22 -4.71 -0.86
C ASN A 448 0.94 -5.45 -1.27
N THR A 449 0.97 -6.78 -1.26
CA THR A 449 -0.22 -7.55 -1.62
C THR A 449 -1.32 -7.37 -0.58
N ASP A 450 -0.97 -7.47 0.70
CA ASP A 450 -1.95 -7.26 1.75
C ASP A 450 -2.52 -5.85 1.71
N THR A 451 -1.67 -4.87 1.41
CA THR A 451 -2.13 -3.50 1.29
C THR A 451 -3.05 -3.33 0.09
N TYR A 452 -2.77 -4.03 -1.01
CA TYR A 452 -3.65 -3.99 -2.17
C TYR A 452 -5.03 -4.55 -1.83
N ASP A 453 -5.07 -5.68 -1.13
CA ASP A 453 -6.36 -6.25 -0.73
C ASP A 453 -7.10 -5.32 0.21
N LYS A 454 -6.40 -4.73 1.17
CA LYS A 454 -7.05 -3.82 2.11
C LYS A 454 -7.53 -2.55 1.41
N MET A 455 -6.79 -2.07 0.41
CA MET A 455 -7.23 -0.94 -0.40
C MET A 455 -8.51 -1.26 -1.13
N ASN A 456 -8.59 -2.43 -1.75
CA ASN A 456 -9.81 -2.80 -2.46
C ASN A 456 -10.99 -2.90 -1.50
N LYS A 457 -10.76 -3.49 -0.33
CA LYS A 457 -11.82 -3.60 0.67
C LYS A 457 -12.30 -2.23 1.14
N LEU A 458 -11.36 -1.32 1.42
CA LEU A 458 -11.72 0.02 1.87
C LEU A 458 -12.48 0.78 0.80
N GLU A 459 -12.04 0.68 -0.45
CA GLU A 459 -12.71 1.38 -1.54
C GLU A 459 -14.12 0.85 -1.74
N ASN A 460 -14.29 -0.47 -1.70
CA ASN A 460 -15.63 -1.04 -1.85
C ASN A 460 -16.55 -0.64 -0.70
N ARG A 461 -16.03 -0.67 0.53
CA ARG A 461 -16.85 -0.28 1.67
C ARG A 461 -17.22 1.20 1.63
N LYS A 462 -16.29 2.05 1.19
CA LYS A 462 -16.59 3.47 1.05
C LYS A 462 -17.66 3.71 -0.01
N ASP A 463 -17.55 3.02 -1.16
CA ASP A 463 -18.56 3.17 -2.19
C ASP A 463 -19.93 2.71 -1.71
N ILE A 464 -19.98 1.57 -1.00
CA ILE A 464 -21.24 1.08 -0.49
C ILE A 464 -21.84 2.07 0.50
N ALA A 465 -21.03 2.57 1.43
CA ALA A 465 -21.53 3.49 2.44
C ALA A 465 -22.06 4.77 1.80
N GLN A 466 -21.36 5.29 0.80
CA GLN A 466 -21.82 6.50 0.12
C GLN A 466 -23.12 6.24 -0.64
N GLU A 467 -23.26 5.07 -1.26
CA GLU A 467 -24.48 4.75 -1.99
C GLU A 467 -25.68 4.68 -1.05
N MET A 468 -25.53 3.98 0.09
CA MET A 468 -26.64 3.91 1.04
C MET A 468 -26.93 5.27 1.66
N LEU A 469 -25.97 6.20 1.67
CA LEU A 469 -26.24 7.58 2.16
C LEU A 469 -27.13 8.34 1.16
N MET A 470 -26.87 8.28 -0.13
CA MET A 470 -27.77 8.96 -1.08
C MET A 470 -29.16 8.35 -1.03
N ASN A 471 -29.30 7.04 -0.96
CA ASN A 471 -30.68 6.55 -0.92
C ASN A 471 -31.29 7.13 0.32
N GLN A 472 -30.48 7.26 1.37
CA GLN A 472 -31.22 7.75 2.54
C GLN A 472 -31.51 9.24 2.43
N THR A 473 -30.54 10.02 1.92
CA THR A 473 -30.67 11.47 1.90
C THR A 473 -31.60 11.96 0.81
N LYS A 474 -31.58 11.32 -0.36
CA LYS A 474 -32.35 11.78 -1.51
C LYS A 474 -33.84 11.78 -1.21
N ALA A 475 -34.53 12.82 -1.67
CA ALA A 475 -35.95 12.97 -1.40
C ALA A 475 -36.76 11.91 -2.12
N THR A 476 -37.73 11.33 -1.41
CA THR A 476 -38.60 10.33 -1.98
C THR A 476 -39.53 10.98 -3.01
N PRO A 477 -40.06 10.19 -3.95
CA PRO A 477 -41.01 10.76 -4.91
C PRO A 477 -42.28 11.32 -4.27
N GLU A 478 -42.68 10.84 -3.10
CA GLU A 478 -43.82 11.43 -2.42
C GLU A 478 -43.52 12.85 -1.95
N GLU A 479 -42.28 13.10 -1.50
CA GLU A 479 -41.90 14.45 -1.10
C GLU A 479 -41.82 15.37 -2.31
N ILE A 480 -41.42 14.84 -3.47
CA ILE A 480 -41.43 15.64 -4.69
C ILE A 480 -42.86 15.97 -5.11
N LYS A 481 -43.76 14.99 -5.01
CA LYS A 481 -45.16 15.24 -5.33
C LYS A 481 -45.82 16.19 -4.34
N SER A 482 -45.27 16.32 -3.15
CA SER A 482 -45.80 17.29 -2.19
C SER A 482 -45.66 18.72 -2.72
N ILE A 483 -44.61 19.00 -3.47
CA ILE A 483 -44.39 20.34 -4.01
C ILE A 483 -44.89 20.41 -5.45
N LEU A 484 -44.30 19.62 -6.36
CA LEU A 484 -44.70 19.67 -7.81
C LEU A 484 -45.93 18.79 -7.95
N LYS A 485 -47.12 19.30 -7.64
CA LYS A 485 -48.31 18.41 -7.59
C LYS A 485 -48.89 18.23 -8.99
N PHE A 486 -48.15 17.54 -9.86
CA PHE A 486 -48.60 17.32 -11.26
C PHE A 486 -49.85 16.50 -11.21
N GLN A 487 -49.90 15.52 -10.31
CA GLN A 487 -51.08 14.62 -10.30
C GLN A 487 -52.36 15.44 -10.14
N GLU A 488 -52.52 16.17 -9.02
CA GLU A 488 -53.80 16.83 -8.81
C GLU A 488 -54.17 17.79 -9.92
N LYS A 489 -53.24 18.14 -10.82
CA LYS A 489 -53.51 19.17 -11.80
C LYS A 489 -53.20 18.78 -13.24
N LEU A 490 -52.63 17.59 -13.49
CA LEU A 490 -52.42 17.12 -14.85
C LEU A 490 -53.11 15.79 -15.14
N ASN A 491 -53.61 15.09 -14.11
CA ASN A 491 -54.37 13.85 -14.27
C ASN A 491 -53.56 12.79 -15.02
N VAL A 492 -52.27 12.74 -14.76
CA VAL A 492 -51.39 11.71 -15.32
C VAL A 492 -51.14 10.60 -14.31
N ASP A 493 -50.63 10.96 -13.12
CA ASP A 493 -50.56 10.11 -11.94
C ASP A 493 -49.61 8.92 -12.08
N VAL A 494 -48.95 8.76 -13.23
CA VAL A 494 -48.08 7.60 -13.40
C VAL A 494 -46.66 7.99 -13.77
N ILE A 495 -46.48 8.68 -14.89
CA ILE A 495 -45.16 8.99 -15.43
C ILE A 495 -45.09 10.49 -15.67
N ASP A 496 -43.88 11.04 -15.53
CA ASP A 496 -43.64 12.45 -15.83
C ASP A 496 -43.31 12.59 -17.32
N ASP A 497 -44.32 12.29 -18.14
CA ASP A 497 -44.24 12.41 -19.58
C ASP A 497 -44.75 13.75 -20.09
N CYS A 498 -45.15 14.64 -19.19
CA CYS A 498 -45.66 15.95 -19.57
C CYS A 498 -44.51 16.88 -19.96
N GLU A 499 -44.86 17.91 -20.73
CA GLU A 499 -43.88 18.87 -21.21
C GLU A 499 -43.37 19.73 -20.04
N GLU A 500 -42.11 20.16 -20.15
CA GLU A 500 -41.51 20.99 -19.12
C GLU A 500 -42.23 22.33 -18.95
N LYS A 501 -42.87 22.82 -20.02
CA LYS A 501 -43.59 24.10 -19.92
C LYS A 501 -44.76 23.99 -18.95
N GLN A 502 -45.50 22.87 -19.00
CA GLN A 502 -46.60 22.66 -18.07
C GLN A 502 -46.10 22.61 -16.64
N LEU A 503 -44.99 21.90 -16.40
CA LEU A 503 -44.44 21.80 -15.06
C LEU A 503 -44.00 23.16 -14.54
N VAL A 504 -43.33 23.95 -15.39
CA VAL A 504 -42.90 25.29 -14.99
C VAL A 504 -44.12 26.12 -14.62
N ALA A 505 -45.18 26.06 -15.44
CA ALA A 505 -46.38 26.85 -15.18
C ALA A 505 -47.03 26.47 -13.86
N ILE A 506 -47.23 25.17 -13.63
CA ILE A 506 -47.95 24.74 -12.43
C ILE A 506 -47.13 25.06 -11.17
N LEU A 507 -45.81 24.85 -11.23
CA LEU A 507 -44.98 25.20 -10.09
C LEU A 507 -44.98 26.70 -9.85
N LYS A 508 -45.04 27.50 -10.92
CA LYS A 508 -45.16 28.94 -10.74
C LYS A 508 -46.46 29.31 -10.05
N GLU A 509 -47.55 28.61 -10.33
CA GLU A 509 -48.78 28.88 -9.59
C GLU A 509 -48.67 28.46 -8.13
N ASP A 510 -48.09 27.28 -7.85
CA ASP A 510 -48.11 26.77 -6.48
C ASP A 510 -47.16 27.54 -5.56
N LEU A 511 -46.01 28.00 -6.07
CA LEU A 511 -45.01 28.62 -5.21
C LEU A 511 -45.50 29.96 -4.69
N PRO A 512 -45.12 30.33 -3.47
CA PRO A 512 -45.62 31.58 -2.87
C PRO A 512 -45.08 32.81 -3.58
N ASP A 513 -45.84 33.90 -3.48
CA ASP A 513 -45.44 35.17 -4.06
C ASP A 513 -44.26 35.74 -3.30
N PRO A 514 -43.17 36.12 -3.98
CA PRO A 514 -42.03 36.72 -3.26
C PRO A 514 -42.37 38.03 -2.57
N ARG A 515 -43.29 38.81 -3.13
CA ARG A 515 -43.60 40.11 -2.54
C ARG A 515 -44.36 39.98 -1.23
N SER A 516 -45.33 39.07 -1.17
CA SER A 516 -46.14 38.91 0.04
C SER A 516 -45.32 38.31 1.17
N ALA A 517 -44.40 37.42 0.85
CA ALA A 517 -43.57 36.75 1.86
C ALA A 517 -42.36 37.56 2.27
N GLU A 518 -42.16 38.75 1.67
CA GLU A 518 -41.03 39.63 1.97
C GLU A 518 -39.69 38.95 1.67
N LEU A 519 -39.64 38.20 0.57
CA LEU A 519 -38.41 37.52 0.20
C LEU A 519 -37.37 38.48 -0.36
N TYR A 520 -37.77 39.68 -0.75
CA TYR A 520 -36.85 40.65 -1.33
C TYR A 520 -36.25 41.60 -0.29
N GLU A 521 -36.71 41.57 0.94
CA GLU A 521 -36.31 42.55 1.93
C GLU A 521 -35.15 42.06 2.79
N PHE A 522 -34.41 43.00 3.38
CA PHE A 522 -33.36 42.65 4.33
C PHE A 522 -33.92 42.29 5.70
N ARG A 523 -35.19 42.57 5.94
CA ARG A 523 -35.84 42.31 7.22
C ARG A 523 -36.50 40.93 7.28
N PHE A 524 -36.36 40.13 6.22
CA PHE A 524 -37.05 38.86 6.13
C PHE A 524 -36.67 37.94 7.28
N SER A 525 -37.68 37.30 7.86
CA SER A 525 -37.49 36.34 8.93
C SER A 525 -38.20 35.05 8.57
N ASP A 526 -37.54 33.92 8.81
CA ASP A 526 -38.09 32.61 8.51
C ASP A 526 -38.91 32.03 9.66
N PHE A 527 -39.08 32.79 10.74
CA PHE A 527 -39.82 32.28 11.89
C PHE A 527 -41.28 31.96 11.59
N PRO A 528 -42.06 32.79 10.88
CA PRO A 528 -43.44 32.38 10.56
C PRO A 528 -43.53 31.13 9.71
N LEU A 529 -42.59 30.91 8.81
CA LEU A 529 -42.70 29.84 7.83
C LEU A 529 -42.21 28.51 8.39
N THR A 530 -42.81 27.44 7.91
CA THR A 530 -42.32 26.10 8.19
C THR A 530 -41.23 25.72 7.19
N GLU A 531 -40.54 24.62 7.47
CA GLU A 531 -39.40 24.21 6.64
C GLU A 531 -39.83 23.85 5.23
N HIS A 532 -41.01 23.26 5.07
CA HIS A 532 -41.55 23.04 3.73
C HIS A 532 -41.80 24.37 3.02
N GLY A 533 -42.32 25.36 3.75
CA GLY A 533 -42.44 26.68 3.20
C GLY A 533 -41.10 27.27 2.80
N LEU A 534 -40.05 26.96 3.56
CA LEU A 534 -38.71 27.43 3.20
C LEU A 534 -38.22 26.77 1.92
N ILE A 535 -38.54 25.48 1.72
CA ILE A 535 -38.19 24.82 0.47
C ILE A 535 -38.91 25.47 -0.70
N LYS A 536 -40.21 25.74 -0.53
CA LYS A 536 -40.98 26.37 -1.59
C LYS A 536 -40.44 27.77 -1.89
N CYS A 537 -40.07 28.52 -0.85
CA CYS A 537 -39.48 29.84 -1.07
C CYS A 537 -38.13 29.75 -1.75
N GLY A 538 -37.35 28.71 -1.47
CA GLY A 538 -36.08 28.54 -2.17
C GLY A 538 -36.27 28.28 -3.65
N ILE A 539 -37.25 27.44 -4.00
CA ILE A 539 -37.53 27.20 -5.42
C ILE A 539 -38.06 28.47 -6.07
N ARG A 540 -38.86 29.25 -5.34
CA ARG A 540 -39.32 30.54 -5.86
C ARG A 540 -38.14 31.49 -6.10
N LEU A 541 -37.17 31.50 -5.20
CA LEU A 541 -35.97 32.33 -5.37
C LEU A 541 -35.20 31.90 -6.61
N PHE A 542 -35.10 30.59 -6.85
CA PHE A 542 -34.44 30.13 -8.06
C PHE A 542 -35.23 30.51 -9.30
N PHE A 543 -36.56 30.58 -9.20
CA PHE A 543 -37.37 30.99 -10.34
C PHE A 543 -37.27 32.48 -10.60
N GLU A 544 -36.99 33.28 -9.56
CA GLU A 544 -37.03 34.73 -9.70
C GLU A 544 -35.87 35.27 -10.51
N ILE A 545 -34.69 34.63 -10.42
CA ILE A 545 -33.54 35.09 -11.20
C ILE A 545 -33.60 34.63 -12.64
N ASN A 546 -34.64 33.91 -13.04
CA ASN A 546 -34.86 33.48 -14.42
C ASN A 546 -33.72 32.63 -14.95
N VAL A 547 -33.09 31.85 -14.08
CA VAL A 547 -32.07 30.91 -14.51
C VAL A 547 -32.66 29.55 -14.88
N VAL A 548 -33.90 29.27 -14.49
CA VAL A 548 -34.52 27.99 -14.81
C VAL A 548 -34.83 27.90 -16.29
N GLU A 549 -35.40 28.96 -16.86
CA GLU A 549 -35.72 28.94 -18.28
C GLU A 549 -34.48 29.12 -19.15
N LYS A 550 -33.51 29.92 -18.70
CA LYS A 550 -32.35 30.22 -19.53
C LYS A 550 -31.44 29.01 -19.67
N PHE A 551 -31.18 28.31 -18.57
CA PHE A 551 -30.26 27.17 -18.58
C PHE A 551 -30.99 25.84 -18.70
N LYS A 552 -32.30 25.87 -18.95
CA LYS A 552 -33.12 24.66 -19.12
C LYS A 552 -33.01 23.72 -17.92
N VAL A 553 -33.10 24.29 -16.72
CA VAL A 553 -33.06 23.50 -15.49
C VAL A 553 -34.34 22.67 -15.41
N PRO A 554 -34.25 21.35 -15.28
CA PRO A 554 -35.45 20.54 -15.10
C PRO A 554 -36.16 20.90 -13.80
N VAL A 555 -37.49 20.95 -13.87
CA VAL A 555 -38.27 21.40 -12.72
C VAL A 555 -38.25 20.36 -11.61
N GLU A 556 -38.46 19.08 -11.97
CA GLU A 556 -38.43 18.02 -10.96
C GLU A 556 -37.04 17.86 -10.37
N VAL A 557 -36.01 18.03 -11.19
CA VAL A 557 -34.63 17.95 -10.68
C VAL A 557 -34.36 19.08 -9.70
N LEU A 558 -34.83 20.29 -10.02
CA LEU A 558 -34.65 21.42 -9.11
C LEU A 558 -35.37 21.20 -7.78
N THR A 559 -36.61 20.70 -7.84
CA THR A 559 -37.34 20.41 -6.62
C THR A 559 -36.66 19.34 -5.80
N ARG A 560 -36.18 18.28 -6.46
CA ARG A 560 -35.49 17.20 -5.78
C ARG A 560 -34.19 17.68 -5.16
N TRP A 561 -33.47 18.56 -5.85
CA TRP A 561 -32.23 19.09 -5.31
C TRP A 561 -32.47 19.96 -4.08
N MET A 562 -33.51 20.80 -4.14
CA MET A 562 -33.84 21.61 -2.96
C MET A 562 -34.25 20.73 -1.78
N TYR A 563 -35.07 19.72 -2.02
CA TYR A 563 -35.49 18.86 -0.91
C TYR A 563 -34.31 18.05 -0.37
N THR A 564 -33.42 17.60 -1.24
CA THR A 564 -32.23 16.87 -0.80
C THR A 564 -31.30 17.77 0.01
N VAL A 565 -31.14 19.02 -0.39
CA VAL A 565 -30.33 19.95 0.40
C VAL A 565 -30.98 20.21 1.76
N ARG A 566 -32.31 20.29 1.80
CA ARG A 566 -33.01 20.40 3.08
C ARG A 566 -32.72 19.19 3.96
N LYS A 567 -32.78 17.99 3.40
CA LYS A 567 -32.59 16.77 4.20
C LYS A 567 -31.11 16.59 4.57
N GLY A 568 -30.21 17.21 3.82
CA GLY A 568 -28.80 17.10 4.14
C GLY A 568 -28.42 17.83 5.41
N TYR A 569 -29.07 18.96 5.67
CA TYR A 569 -28.83 19.71 6.89
C TYR A 569 -29.30 18.91 8.11
N ARG A 570 -28.47 18.87 9.14
CA ARG A 570 -28.81 18.10 10.32
C ARG A 570 -29.79 18.86 11.20
N ALA A 571 -30.09 18.29 12.37
CA ALA A 571 -31.04 18.87 13.32
C ALA A 571 -30.33 19.59 14.46
N VAL A 572 -29.19 20.24 14.19
CA VAL A 572 -28.44 20.95 15.21
C VAL A 572 -29.18 22.22 15.59
N THR A 573 -28.73 22.87 16.68
CA THR A 573 -29.49 23.97 17.25
C THR A 573 -29.52 25.19 16.34
N TYR A 574 -28.37 25.57 15.78
CA TYR A 574 -28.30 26.76 14.94
C TYR A 574 -28.04 26.45 13.48
N HIS A 575 -27.05 25.62 13.17
CA HIS A 575 -26.67 25.37 11.79
C HIS A 575 -27.59 24.34 11.13
N ASN A 576 -28.90 24.56 11.24
CA ASN A 576 -29.89 23.69 10.65
C ASN A 576 -30.27 24.22 9.26
N TRP A 577 -31.37 23.69 8.70
CA TRP A 577 -31.81 24.11 7.38
C TRP A 577 -32.23 25.57 7.36
N ARG A 578 -32.71 26.09 8.49
CA ARG A 578 -33.14 27.49 8.54
C ARG A 578 -31.97 28.44 8.33
N HIS A 579 -30.80 28.11 8.88
CA HIS A 579 -29.62 28.95 8.66
C HIS A 579 -29.21 28.94 7.19
N GLY A 580 -29.24 27.77 6.55
CA GLY A 580 -28.90 27.70 5.14
C GLY A 580 -29.86 28.49 4.28
N PHE A 581 -31.16 28.37 4.56
CA PHE A 581 -32.13 29.15 3.79
C PHE A 581 -31.97 30.64 4.05
N ASN A 582 -31.67 31.03 5.30
CA ASN A 582 -31.47 32.44 5.60
C ASN A 582 -30.28 33.00 4.84
N VAL A 583 -29.19 32.25 4.77
CA VAL A 583 -28.03 32.71 4.01
C VAL A 583 -28.35 32.81 2.52
N GLY A 584 -29.05 31.82 1.98
CA GLY A 584 -29.43 31.87 0.58
C GLY A 584 -30.34 33.04 0.26
N GLN A 585 -31.34 33.29 1.11
CA GLN A 585 -32.24 34.40 0.88
C GLN A 585 -31.53 35.73 1.05
N THR A 586 -30.59 35.81 1.99
CA THR A 586 -29.82 37.04 2.16
C THR A 586 -28.98 37.33 0.92
N MET A 587 -28.43 36.29 0.31
CA MET A 587 -27.61 36.54 -0.87
C MET A 587 -28.46 36.85 -2.08
N PHE A 588 -29.66 36.27 -2.15
CA PHE A 588 -30.63 36.69 -3.16
C PHE A 588 -31.00 38.15 -2.97
N THR A 589 -31.17 38.59 -1.72
CA THR A 589 -31.45 39.99 -1.44
C THR A 589 -30.29 40.88 -1.87
N LEU A 590 -29.06 40.45 -1.60
CA LEU A 590 -27.90 41.24 -2.00
C LEU A 590 -27.82 41.35 -3.52
N LEU A 591 -28.13 40.26 -4.23
CA LEU A 591 -28.07 40.30 -5.69
C LEU A 591 -29.17 41.18 -6.27
N MET A 592 -30.40 41.09 -5.74
CA MET A 592 -31.52 41.83 -6.31
C MET A 592 -31.76 43.17 -5.61
N THR A 593 -32.04 43.14 -4.31
CA THR A 593 -32.32 44.38 -3.60
C THR A 593 -31.06 45.21 -3.40
N GLY A 594 -29.94 44.55 -3.09
CA GLY A 594 -28.68 45.25 -2.96
C GLY A 594 -28.05 45.66 -4.26
N ARG A 595 -28.59 45.20 -5.39
CA ARG A 595 -28.12 45.54 -6.72
C ARG A 595 -26.66 45.19 -6.94
N LEU A 596 -26.22 44.08 -6.35
CA LEU A 596 -24.86 43.58 -6.56
C LEU A 596 -24.77 42.65 -7.75
N LYS A 597 -25.88 42.39 -8.44
CA LYS A 597 -25.87 41.53 -9.61
C LYS A 597 -25.15 42.18 -10.78
N LYS A 598 -25.01 43.51 -10.77
CA LYS A 598 -24.46 44.24 -11.91
C LYS A 598 -23.06 43.76 -12.29
N TYR A 599 -22.32 43.21 -11.34
CA TYR A 599 -20.98 42.70 -11.63
C TYR A 599 -20.97 41.24 -12.07
N TYR A 600 -22.09 40.54 -11.97
CA TYR A 600 -22.12 39.10 -12.17
C TYR A 600 -23.09 38.72 -13.28
N THR A 601 -22.75 37.67 -14.02
CA THR A 601 -23.61 37.15 -15.06
C THR A 601 -24.73 36.31 -14.44
N ASP A 602 -25.66 35.86 -15.27
CA ASP A 602 -26.76 35.03 -14.77
C ASP A 602 -26.25 33.68 -14.28
N LEU A 603 -25.28 33.10 -14.98
CA LEU A 603 -24.73 31.81 -14.57
C LEU A 603 -23.99 31.92 -13.25
N GLU A 604 -23.24 33.01 -13.07
CA GLU A 604 -22.56 33.22 -11.79
C GLU A 604 -23.56 33.40 -10.66
N ALA A 605 -24.64 34.14 -10.91
CA ALA A 605 -25.67 34.30 -9.89
C ALA A 605 -26.33 32.97 -9.55
N PHE A 606 -26.57 32.14 -10.56
CA PHE A 606 -27.15 30.81 -10.33
C PHE A 606 -26.25 29.97 -9.45
N ALA A 607 -24.94 30.02 -9.65
CA ALA A 607 -24.00 29.23 -8.82
C ALA A 607 -23.96 29.75 -7.40
N MET A 608 -23.85 31.06 -7.18
CA MET A 608 -23.77 31.68 -5.83
C MET A 608 -25.03 31.44 -5.02
N LEU A 609 -26.22 31.50 -5.59
CA LEU A 609 -27.41 31.17 -4.78
C LEU A 609 -27.39 29.66 -4.56
N ALA A 610 -26.83 28.87 -5.47
CA ALA A 610 -26.81 27.46 -5.13
C ALA A 610 -25.75 27.15 -4.08
N ALA A 611 -24.59 27.79 -4.19
CA ALA A 611 -23.55 27.61 -3.17
C ALA A 611 -23.94 28.27 -1.85
N ALA A 612 -24.71 29.35 -1.90
CA ALA A 612 -25.19 29.96 -0.67
C ALA A 612 -26.13 29.02 0.07
N PHE A 613 -26.99 28.30 -0.65
CA PHE A 613 -27.93 27.41 0.01
C PHE A 613 -27.24 26.20 0.63
N CYS A 614 -26.05 25.83 0.16
CA CYS A 614 -25.35 24.64 0.63
C CYS A 614 -24.05 24.98 1.36
N HIS A 615 -23.96 26.16 1.97
CA HIS A 615 -22.69 26.58 2.56
C HIS A 615 -22.41 25.88 3.89
N ASP A 616 -23.43 25.63 4.71
CA ASP A 616 -23.26 24.95 5.99
C ASP A 616 -23.85 23.55 5.96
N ILE A 617 -23.79 22.88 4.82
CA ILE A 617 -24.49 21.60 4.65
C ILE A 617 -23.83 20.53 5.51
N ASP A 618 -24.67 19.77 6.21
CA ASP A 618 -24.24 18.69 7.12
C ASP A 618 -23.28 19.20 8.18
N HIS A 619 -23.61 20.33 8.79
CA HIS A 619 -22.84 20.84 9.91
C HIS A 619 -23.16 20.00 11.15
N ARG A 620 -22.12 19.46 11.79
CA ARG A 620 -22.32 18.58 12.93
C ARG A 620 -22.65 19.35 14.20
N GLY A 621 -22.52 20.67 14.20
CA GLY A 621 -22.77 21.47 15.38
C GLY A 621 -21.55 21.87 16.17
N THR A 622 -20.35 21.55 15.67
CA THR A 622 -19.10 21.84 16.36
C THR A 622 -18.20 22.70 15.49
N ASN A 623 -17.31 23.43 16.12
CA ASN A 623 -16.41 24.35 15.44
C ASN A 623 -15.28 23.58 14.75
N ASN A 624 -14.47 24.30 13.97
CA ASN A 624 -13.27 23.70 13.41
C ASN A 624 -12.23 23.39 14.47
N LEU A 625 -12.16 24.22 15.51
CA LEU A 625 -11.26 23.95 16.62
C LEU A 625 -11.59 22.64 17.29
N TYR A 626 -12.88 22.33 17.43
CA TYR A 626 -13.26 21.05 18.00
C TYR A 626 -12.90 19.90 17.08
N GLN A 627 -12.95 20.11 15.76
CA GLN A 627 -12.52 19.07 14.84
C GLN A 627 -11.03 18.80 14.98
N MET A 628 -10.23 19.86 15.11
CA MET A 628 -8.78 19.67 15.27
C MET A 628 -8.44 19.05 16.61
N LYS A 629 -9.09 19.49 17.69
CA LYS A 629 -8.74 19.00 19.02
C LYS A 629 -9.23 17.59 19.26
N SER A 630 -10.34 17.19 18.65
CA SER A 630 -10.85 15.84 18.80
C SER A 630 -10.22 14.85 17.81
N THR A 631 -9.38 15.32 16.91
CA THR A 631 -8.75 14.52 15.85
C THR A 631 -9.78 13.68 15.10
N SER A 632 -10.86 14.34 14.68
CA SER A 632 -11.93 13.68 13.96
C SER A 632 -11.44 13.25 12.58
N PRO A 633 -12.13 12.30 11.94
CA PRO A 633 -11.78 11.96 10.55
C PRO A 633 -11.83 13.14 9.61
N LEU A 634 -12.70 14.10 9.87
CA LEU A 634 -12.73 15.32 9.07
C LEU A 634 -11.41 16.08 9.17
N ALA A 635 -10.86 16.20 10.38
CA ALA A 635 -9.61 16.93 10.56
C ALA A 635 -8.44 16.19 9.93
N ARG A 636 -8.44 14.86 10.02
CA ARG A 636 -7.37 14.08 9.40
C ARG A 636 -7.51 14.02 7.89
N LEU A 637 -8.69 14.30 7.36
CA LEU A 637 -8.88 14.32 5.91
C LEU A 637 -8.55 15.68 5.32
N HIS A 638 -9.11 16.74 5.90
CA HIS A 638 -8.87 18.11 5.44
C HIS A 638 -8.00 18.82 6.47
N GLY A 639 -6.86 19.34 6.02
CA GLY A 639 -5.93 19.96 6.96
C GLY A 639 -6.45 21.27 7.52
N SER A 640 -6.90 22.17 6.64
CA SER A 640 -7.35 23.50 7.03
C SER A 640 -8.72 23.77 6.41
N SER A 641 -9.49 24.63 7.08
CA SER A 641 -10.87 24.90 6.72
C SER A 641 -11.66 23.59 6.64
N ILE A 642 -11.63 22.86 7.75
CA ILE A 642 -12.07 21.47 7.77
C ILE A 642 -13.55 21.35 7.40
N LEU A 643 -14.40 22.06 8.14
CA LEU A 643 -15.84 21.95 7.89
C LEU A 643 -16.22 22.56 6.56
N GLU A 644 -15.56 23.65 6.17
CA GLU A 644 -15.89 24.29 4.89
C GLU A 644 -15.55 23.36 3.73
N ARG A 645 -14.41 22.68 3.80
CA ARG A 645 -14.07 21.71 2.78
C ARG A 645 -15.02 20.52 2.80
N HIS A 646 -15.48 20.12 3.98
CA HIS A 646 -16.48 19.05 4.05
C HIS A 646 -17.78 19.46 3.38
N HIS A 647 -18.23 20.70 3.63
CA HIS A 647 -19.46 21.18 3.01
C HIS A 647 -19.31 21.26 1.49
N LEU A 648 -18.17 21.72 1.02
CA LEU A 648 -17.92 21.78 -0.42
C LEU A 648 -17.93 20.38 -1.02
N GLU A 649 -17.29 19.42 -0.35
CA GLU A 649 -17.23 18.05 -0.85
C GLU A 649 -18.62 17.43 -0.91
N TYR A 650 -19.42 17.63 0.13
CA TYR A 650 -20.77 17.06 0.13
C TYR A 650 -21.66 17.71 -0.91
N SER A 651 -21.52 19.03 -1.11
CA SER A 651 -22.30 19.70 -2.15
C SER A 651 -21.94 19.17 -3.53
N LYS A 652 -20.64 18.98 -3.79
CA LYS A 652 -20.23 18.41 -5.08
C LYS A 652 -20.74 16.99 -5.23
N THR A 653 -20.71 16.20 -4.16
CA THR A 653 -21.23 14.84 -4.22
C THR A 653 -22.71 14.82 -4.56
N LEU A 654 -23.48 15.74 -3.97
CA LEU A 654 -24.89 15.85 -4.32
C LEU A 654 -25.06 16.25 -5.78
N LEU A 655 -24.23 17.18 -6.27
CA LEU A 655 -24.35 17.61 -7.65
C LEU A 655 -23.92 16.55 -8.65
N GLN A 656 -23.17 15.55 -8.22
CA GLN A 656 -22.70 14.53 -9.16
C GLN A 656 -23.84 13.65 -9.68
N ASP A 657 -24.93 13.54 -8.93
CA ASP A 657 -26.03 12.67 -9.34
C ASP A 657 -26.81 13.31 -10.49
N GLU A 658 -27.16 12.50 -11.49
CA GLU A 658 -27.95 13.01 -12.60
C GLU A 658 -29.34 13.43 -12.13
N SER A 659 -29.89 12.74 -11.14
CA SER A 659 -31.20 13.07 -10.62
C SER A 659 -31.19 14.33 -9.76
N LEU A 660 -30.03 14.79 -9.32
CA LEU A 660 -29.93 15.96 -8.47
C LEU A 660 -29.19 17.13 -9.11
N ASN A 661 -28.55 16.91 -10.26
CA ASN A 661 -27.71 17.93 -10.89
C ASN A 661 -28.61 18.97 -11.53
N ILE A 662 -28.76 20.12 -10.85
CA ILE A 662 -29.46 21.24 -11.47
C ILE A 662 -28.67 21.84 -12.61
N PHE A 663 -27.36 21.58 -12.67
CA PHE A 663 -26.49 22.07 -13.73
C PHE A 663 -26.31 21.03 -14.84
N GLN A 664 -27.35 20.25 -15.12
CA GLN A 664 -27.26 19.23 -16.15
C GLN A 664 -26.99 19.83 -17.52
N ASN A 665 -27.79 20.81 -17.92
CA ASN A 665 -27.75 21.35 -19.27
C ASN A 665 -26.83 22.57 -19.34
N LEU A 666 -25.57 22.33 -19.01
CA LEU A 666 -24.53 23.34 -19.07
C LEU A 666 -23.33 22.78 -19.81
N ASN A 667 -22.58 23.65 -20.47
CA ASN A 667 -21.38 23.23 -21.17
C ASN A 667 -20.31 22.82 -20.15
N LYS A 668 -19.23 22.24 -20.65
CA LYS A 668 -18.11 21.84 -19.78
C LYS A 668 -17.51 23.08 -19.13
N ARG A 669 -17.33 24.16 -19.89
CA ARG A 669 -16.73 25.36 -19.31
C ARG A 669 -17.67 26.03 -18.32
N GLN A 670 -18.97 26.00 -18.58
CA GLN A 670 -19.93 26.55 -17.63
C GLN A 670 -19.96 25.73 -16.35
N PHE A 671 -19.88 24.41 -16.47
CA PHE A 671 -19.84 23.57 -15.26
C PHE A 671 -18.55 23.78 -14.49
N GLU A 672 -17.43 23.97 -15.20
CA GLU A 672 -16.18 24.24 -14.49
C GLU A 672 -16.24 25.58 -13.77
N THR A 673 -16.85 26.59 -14.40
CA THR A 673 -17.06 27.87 -13.73
C THR A 673 -17.94 27.70 -12.50
N VAL A 674 -19.00 26.90 -12.62
CA VAL A 674 -19.90 26.66 -11.48
C VAL A 674 -19.15 25.99 -10.34
N ILE A 675 -18.31 25.01 -10.65
CA ILE A 675 -17.58 24.30 -9.60
C ILE A 675 -16.56 25.23 -8.93
N HIS A 676 -15.86 26.04 -9.71
CA HIS A 676 -14.92 27.00 -9.13
C HIS A 676 -15.63 28.01 -8.24
N LEU A 677 -16.79 28.50 -8.68
CA LEU A 677 -17.57 29.43 -7.87
C LEU A 677 -18.06 28.78 -6.59
N PHE A 678 -18.49 27.51 -6.68
CA PHE A 678 -18.87 26.75 -5.50
C PHE A 678 -17.72 26.69 -4.50
N GLU A 679 -16.53 26.36 -5.00
CA GLU A 679 -15.36 26.28 -4.12
C GLU A 679 -15.08 27.60 -3.44
N VAL A 680 -15.07 28.70 -4.22
CA VAL A 680 -14.75 30.00 -3.66
C VAL A 680 -15.78 30.41 -2.61
N ALA A 681 -17.07 30.24 -2.94
CA ALA A 681 -18.12 30.67 -2.03
C ALA A 681 -18.12 29.87 -0.74
N ILE A 682 -17.98 28.54 -0.84
CA ILE A 682 -18.07 27.72 0.36
C ILE A 682 -16.81 27.83 1.22
N ILE A 683 -15.62 27.86 0.60
CA ILE A 683 -14.39 27.99 1.38
C ILE A 683 -14.30 29.37 2.03
N ALA A 684 -14.82 30.39 1.35
CA ALA A 684 -14.78 31.74 1.90
C ALA A 684 -15.70 31.92 3.10
N THR A 685 -16.52 30.91 3.43
CA THR A 685 -17.47 31.03 4.52
C THR A 685 -16.78 31.20 5.87
N ASP A 686 -15.66 30.50 6.10
CA ASP A 686 -15.01 30.57 7.38
C ASP A 686 -14.47 31.98 7.65
N LEU A 687 -14.35 32.31 8.93
CA LEU A 687 -14.00 33.67 9.31
C LEU A 687 -12.49 33.91 9.31
N ALA A 688 -11.67 32.86 9.34
CA ALA A 688 -10.23 33.06 9.25
C ALA A 688 -9.82 33.65 7.91
N LEU A 689 -10.39 33.12 6.83
CA LEU A 689 -10.08 33.64 5.50
C LEU A 689 -10.57 35.07 5.34
N TYR A 690 -11.74 35.38 5.90
CA TYR A 690 -12.25 36.76 5.85
C TYR A 690 -11.35 37.70 6.65
N PHE A 691 -10.89 37.26 7.82
CA PHE A 691 -10.00 38.10 8.62
C PHE A 691 -8.66 38.29 7.94
N LYS A 692 -8.23 37.33 7.13
CA LYS A 692 -6.99 37.51 6.37
C LYS A 692 -7.18 38.42 5.17
N LYS A 693 -8.32 38.33 4.47
CA LYS A 693 -8.51 39.04 3.20
C LYS A 693 -9.41 40.26 3.30
N ARG A 694 -9.67 40.76 4.51
CA ARG A 694 -10.43 42.00 4.67
C ARG A 694 -9.80 43.16 3.90
N THR A 695 -8.47 43.29 3.97
CA THR A 695 -7.80 44.48 3.47
C THR A 695 -7.92 44.62 1.96
N MET A 696 -7.88 43.50 1.23
CA MET A 696 -7.95 43.57 -0.22
C MET A 696 -9.34 44.03 -0.68
N PHE A 697 -10.39 43.55 -0.02
CA PHE A 697 -11.73 44.07 -0.30
C PHE A 697 -11.83 45.54 0.06
N GLN A 698 -11.21 45.95 1.16
CA GLN A 698 -11.22 47.36 1.53
C GLN A 698 -10.56 48.22 0.46
N LYS A 699 -9.44 47.75 -0.09
CA LYS A 699 -8.77 48.48 -1.16
C LYS A 699 -9.60 48.51 -2.43
N ILE A 700 -10.30 47.42 -2.75
CA ILE A 700 -11.18 47.43 -3.91
C ILE A 700 -12.29 48.46 -3.73
N VAL A 701 -12.89 48.51 -2.54
CA VAL A 701 -13.96 49.48 -2.27
C VAL A 701 -13.42 50.89 -2.35
N ASP A 702 -12.25 51.14 -1.76
CA ASP A 702 -11.66 52.48 -1.81
C ASP A 702 -11.36 52.91 -3.25
N ALA A 703 -10.86 51.97 -4.06
CA ALA A 703 -10.62 52.30 -5.47
C ALA A 703 -11.91 52.61 -6.19
N CYS A 704 -12.98 51.84 -5.93
CA CYS A 704 -14.24 52.07 -6.61
C CYS A 704 -14.96 53.33 -6.11
N GLU A 705 -14.59 53.83 -4.93
CA GLU A 705 -15.24 55.03 -4.40
C GLU A 705 -14.79 56.28 -5.15
N GLN A 706 -13.59 56.29 -5.70
CA GLN A 706 -13.02 57.48 -6.32
C GLN A 706 -13.50 57.70 -7.74
N MET A 707 -14.29 56.78 -8.29
CA MET A 707 -14.71 56.89 -9.71
C MET A 707 -15.83 57.93 -9.82
N GLN A 708 -15.87 58.67 -10.92
CA GLN A 708 -16.86 59.71 -11.16
C GLN A 708 -18.22 59.14 -11.57
N THR A 709 -18.24 58.00 -12.25
CA THR A 709 -19.47 57.45 -12.81
C THR A 709 -19.58 55.97 -12.47
N GLU A 710 -20.80 55.46 -12.59
CA GLU A 710 -21.09 54.09 -12.15
C GLU A 710 -20.53 53.05 -13.12
N GLU A 711 -20.67 53.29 -14.43
CA GLU A 711 -20.24 52.29 -15.40
C GLU A 711 -18.74 52.10 -15.41
N GLU A 712 -17.98 53.15 -15.06
CA GLU A 712 -16.54 52.99 -14.89
C GLU A 712 -16.23 52.03 -13.76
N ALA A 713 -16.94 52.15 -12.64
CA ALA A 713 -16.75 51.21 -11.53
C ALA A 713 -17.16 49.80 -11.92
N ILE A 714 -18.26 49.67 -12.66
CA ILE A 714 -18.72 48.34 -13.10
C ILE A 714 -17.66 47.68 -13.97
N LYS A 715 -17.11 48.43 -14.92
CA LYS A 715 -16.06 47.89 -15.79
C LYS A 715 -14.81 47.54 -14.99
N TYR A 716 -14.44 48.40 -14.04
CA TYR A 716 -13.24 48.17 -13.23
C TYR A 716 -13.37 46.89 -12.40
N VAL A 717 -14.55 46.64 -11.85
CA VAL A 717 -14.77 45.41 -11.10
C VAL A 717 -14.80 44.21 -12.03
N THR A 718 -15.49 44.34 -13.17
CA THR A 718 -15.77 43.17 -13.99
C THR A 718 -14.64 42.77 -14.93
N VAL A 719 -13.62 43.62 -15.13
CA VAL A 719 -12.51 43.20 -15.99
C VAL A 719 -11.67 42.14 -15.29
N ASP A 720 -11.46 42.29 -13.98
CA ASP A 720 -10.56 41.41 -13.23
C ASP A 720 -11.38 40.34 -12.53
N PRO A 721 -11.20 39.06 -12.85
CA PRO A 721 -11.91 38.00 -12.12
C PRO A 721 -11.55 37.94 -10.65
N THR A 722 -10.33 38.35 -10.29
CA THR A 722 -9.91 38.28 -8.89
C THR A 722 -10.75 39.18 -8.01
N LYS A 723 -11.06 40.39 -8.49
CA LYS A 723 -11.86 41.31 -7.69
C LYS A 723 -13.31 40.81 -7.56
N LYS A 724 -13.83 40.17 -8.61
CA LYS A 724 -15.14 39.57 -8.50
C LYS A 724 -15.15 38.43 -7.49
N GLU A 725 -14.07 37.63 -7.46
CA GLU A 725 -13.97 36.57 -6.46
C GLU A 725 -13.89 37.14 -5.06
N ILE A 726 -13.15 38.23 -4.87
CA ILE A 726 -13.04 38.85 -3.55
C ILE A 726 -14.39 39.40 -3.09
N ILE A 727 -15.11 40.06 -4.01
CA ILE A 727 -16.42 40.59 -3.66
C ILE A 727 -17.39 39.47 -3.34
N MET A 728 -17.33 38.36 -4.09
CA MET A 728 -18.18 37.21 -3.79
C MET A 728 -17.84 36.60 -2.44
N ALA A 729 -16.55 36.53 -2.09
CA ALA A 729 -16.14 36.02 -0.80
C ALA A 729 -16.67 36.88 0.34
N MET A 730 -16.59 38.20 0.18
CA MET A 730 -17.12 39.09 1.21
C MET A 730 -18.64 39.04 1.25
N MET A 731 -19.29 38.79 0.12
CA MET A 731 -20.74 38.60 0.12
C MET A 731 -21.13 37.35 0.89
N MET A 732 -20.38 36.26 0.72
CA MET A 732 -20.54 35.07 1.55
C MET A 732 -20.39 35.39 3.02
N THR A 733 -19.35 36.16 3.37
CA THR A 733 -19.12 36.49 4.77
C THR A 733 -20.25 37.34 5.33
N ALA A 734 -20.77 38.28 4.55
CA ALA A 734 -21.89 39.10 4.99
C ALA A 734 -23.15 38.27 5.14
N CYS A 735 -23.30 37.24 4.31
CA CYS A 735 -24.50 36.42 4.36
C CYS A 735 -24.50 35.47 5.55
N ASP A 736 -23.37 34.83 5.85
CA ASP A 736 -23.36 33.90 6.97
C ASP A 736 -23.40 34.64 8.31
N LEU A 737 -23.15 35.95 8.31
CA LEU A 737 -23.26 36.78 9.49
C LEU A 737 -24.47 37.71 9.43
N SER A 738 -25.41 37.45 8.52
CA SER A 738 -26.51 38.37 8.28
C SER A 738 -27.48 38.47 9.44
N ALA A 739 -27.49 37.47 10.33
CA ALA A 739 -28.42 37.46 11.44
C ALA A 739 -28.26 38.64 12.37
N ILE A 740 -27.07 39.24 12.39
CA ILE A 740 -26.84 40.44 13.21
C ILE A 740 -27.67 41.60 12.68
N THR A 741 -27.81 41.70 11.35
CA THR A 741 -28.49 42.82 10.75
C THR A 741 -30.01 42.72 10.80
N LYS A 742 -30.55 41.60 11.27
CA LYS A 742 -31.99 41.45 11.36
C LYS A 742 -32.55 42.33 12.48
N PRO A 743 -33.84 42.63 12.45
CA PRO A 743 -34.46 43.37 13.56
C PRO A 743 -34.30 42.64 14.88
N TRP A 744 -34.57 43.37 15.97
CA TRP A 744 -34.21 42.88 17.29
C TRP A 744 -34.99 41.63 17.67
N GLU A 745 -36.27 41.55 17.27
CA GLU A 745 -37.08 40.39 17.61
C GLU A 745 -36.56 39.12 16.95
N VAL A 746 -35.84 39.25 15.84
CA VAL A 746 -35.23 38.08 15.20
C VAL A 746 -33.83 37.85 15.77
N GLN A 747 -33.07 38.93 15.97
CA GLN A 747 -31.69 38.81 16.39
C GLN A 747 -31.58 38.21 17.79
N SER A 748 -32.49 38.57 18.70
CA SER A 748 -32.43 37.99 20.04
C SER A 748 -32.59 36.47 20.00
N GLN A 749 -33.58 35.99 19.24
CA GLN A 749 -33.80 34.55 19.12
C GLN A 749 -32.60 33.86 18.48
N VAL A 750 -32.06 34.45 17.41
CA VAL A 750 -30.96 33.79 16.70
C VAL A 750 -29.70 33.81 17.57
N ALA A 751 -29.48 34.88 18.33
CA ALA A 751 -28.32 34.95 19.21
C ALA A 751 -28.40 33.91 20.32
N LEU A 752 -29.59 33.71 20.89
CA LEU A 752 -29.73 32.63 21.87
C LEU A 752 -29.50 31.28 21.23
N MET A 753 -29.93 31.10 19.98
CA MET A 753 -29.68 29.82 19.28
C MET A 753 -28.18 29.57 19.11
N VAL A 754 -27.45 30.59 18.66
CA VAL A 754 -26.01 30.46 18.45
C VAL A 754 -25.30 30.19 19.76
N ALA A 755 -25.70 30.91 20.81
CA ALA A 755 -25.09 30.70 22.12
C ALA A 755 -25.37 29.29 22.63
N ASN A 756 -26.58 28.78 22.40
CA ASN A 756 -26.90 27.42 22.84
C ASN A 756 -26.06 26.39 22.11
N GLU A 757 -25.86 26.57 20.80
CA GLU A 757 -24.98 25.66 20.06
C GLU A 757 -23.56 25.71 20.59
N PHE A 758 -23.06 26.93 20.87
CA PHE A 758 -21.70 27.05 21.40
C PHE A 758 -21.59 26.42 22.78
N TRP A 759 -22.63 26.56 23.61
CA TRP A 759 -22.61 25.96 24.94
C TRP A 759 -22.64 24.44 24.85
N GLU A 760 -23.38 23.89 23.89
CA GLU A 760 -23.35 22.45 23.67
C GLU A 760 -21.96 21.97 23.27
N GLN A 761 -21.30 22.73 22.39
CA GLN A 761 -19.92 22.37 22.04
C GLN A 761 -18.99 22.46 23.25
N GLY A 762 -19.19 23.48 24.09
CA GLY A 762 -18.38 23.59 25.30
C GLY A 762 -18.59 22.44 26.26
N ASP A 763 -19.84 22.00 26.40
CA ASP A 763 -20.12 20.81 27.22
C ASP A 763 -19.43 19.59 26.64
N LEU A 764 -19.44 19.45 25.31
CA LEU A 764 -18.72 18.33 24.68
C LEU A 764 -17.23 18.41 24.96
N GLU A 765 -16.65 19.61 24.90
CA GLU A 765 -15.24 19.77 25.20
C GLU A 765 -14.93 19.41 26.64
N ARG A 766 -15.78 19.83 27.57
CA ARG A 766 -15.53 19.58 28.98
C ARG A 766 -15.70 18.10 29.32
N THR A 767 -16.62 17.41 28.64
CA THR A 767 -16.89 16.02 28.95
C THR A 767 -15.94 15.08 28.21
N VAL A 768 -15.76 15.29 26.91
CA VAL A 768 -14.99 14.35 26.09
C VAL A 768 -13.50 14.66 26.17
N LEU A 769 -13.12 15.87 25.75
CA LEU A 769 -11.71 16.24 25.64
C LEU A 769 -11.07 16.56 26.99
N GLN A 770 -11.86 16.69 28.05
CA GLN A 770 -11.37 17.04 29.39
C GLN A 770 -10.56 18.33 29.37
N GLN A 771 -11.08 19.33 28.65
CA GLN A 771 -10.45 20.64 28.55
C GLN A 771 -11.45 21.71 28.99
N GLN A 772 -10.95 22.75 29.63
CA GLN A 772 -11.81 23.86 30.03
C GLN A 772 -12.13 24.73 28.83
N PRO A 773 -13.39 24.98 28.52
CA PRO A 773 -13.74 25.76 27.33
C PRO A 773 -13.46 27.25 27.53
N ILE A 774 -13.47 27.96 26.43
CA ILE A 774 -13.28 29.42 26.41
C ILE A 774 -14.55 30.07 26.94
N PRO A 775 -14.50 31.34 27.38
CA PRO A 775 -15.72 31.97 27.91
C PRO A 775 -16.86 32.09 26.91
N MET A 776 -16.59 32.04 25.61
CA MET A 776 -17.67 32.04 24.63
C MET A 776 -18.51 30.78 24.74
N MET A 777 -17.87 29.64 24.97
CA MET A 777 -18.53 28.35 24.98
C MET A 777 -18.72 27.78 26.38
N ASP A 778 -18.74 28.63 27.40
CA ASP A 778 -18.95 28.21 28.77
C ASP A 778 -20.36 28.60 29.21
N ARG A 779 -21.12 27.62 29.71
CA ARG A 779 -22.49 27.89 30.16
C ARG A 779 -22.49 28.84 31.35
N ASN A 780 -21.53 28.70 32.26
CA ASN A 780 -21.48 29.51 33.47
C ASN A 780 -21.27 30.99 33.15
N LYS A 781 -20.80 31.31 31.96
CA LYS A 781 -20.63 32.69 31.51
C LYS A 781 -21.81 33.16 30.66
N ARG A 782 -22.98 32.55 30.82
CA ARG A 782 -24.12 32.88 29.97
C ARG A 782 -24.55 34.32 30.19
N ASP A 783 -24.42 34.84 31.40
CA ASP A 783 -24.77 36.22 31.68
C ASP A 783 -23.78 37.20 31.06
N GLU A 784 -22.63 36.71 30.61
CA GLU A 784 -21.69 37.51 29.84
C GLU A 784 -21.99 37.46 28.34
N LEU A 785 -23.09 36.83 27.94
CA LEU A 785 -23.42 36.75 26.52
C LEU A 785 -23.61 38.10 25.85
N PRO A 786 -24.36 39.07 26.41
CA PRO A 786 -24.56 40.32 25.66
C PRO A 786 -23.28 41.10 25.40
N LYS A 787 -22.43 41.28 26.40
CA LYS A 787 -21.21 42.04 26.20
C LYS A 787 -20.32 41.41 25.13
N LEU A 788 -20.21 40.07 25.14
CA LEU A 788 -19.47 39.38 24.09
C LEU A 788 -20.08 39.69 22.73
N GLN A 789 -21.41 39.68 22.65
CA GLN A 789 -22.07 40.02 21.39
C GLN A 789 -21.67 41.41 20.93
N VAL A 790 -21.56 42.36 21.86
CA VAL A 790 -21.09 43.70 21.48
C VAL A 790 -19.72 43.61 20.85
N GLY A 791 -18.81 42.86 21.48
CA GLY A 791 -17.52 42.63 20.89
C GLY A 791 -17.64 41.98 19.53
N PHE A 792 -18.53 40.99 19.42
CA PHE A 792 -18.74 40.31 18.14
C PHE A 792 -19.21 41.28 17.08
N ILE A 793 -19.95 42.31 17.47
CA ILE A 793 -20.34 43.33 16.50
C ILE A 793 -19.15 44.22 16.15
N ASP A 794 -18.35 44.58 17.16
CA ASP A 794 -17.31 45.57 16.94
C ASP A 794 -16.09 44.96 16.26
N PHE A 795 -15.95 43.64 16.29
CA PHE A 795 -14.74 43.00 15.80
C PHE A 795 -14.92 42.31 14.46
N VAL A 796 -16.08 41.72 14.18
CA VAL A 796 -16.24 40.91 12.98
C VAL A 796 -17.21 41.57 12.00
N CYS A 797 -18.43 41.85 12.45
CA CYS A 797 -19.50 42.22 11.54
C CYS A 797 -19.37 43.67 11.04
N THR A 798 -18.92 44.58 11.91
CA THR A 798 -19.00 45.99 11.57
C THR A 798 -18.11 46.34 10.37
N PHE A 799 -16.98 45.66 10.22
CA PHE A 799 -16.09 45.96 9.10
C PHE A 799 -16.77 45.64 7.76
N VAL A 800 -17.27 44.42 7.62
CA VAL A 800 -17.85 44.01 6.35
C VAL A 800 -19.11 44.80 6.05
N TYR A 801 -19.92 45.08 7.08
CA TYR A 801 -21.16 45.81 6.79
C TYR A 801 -20.90 47.28 6.50
N LYS A 802 -19.93 47.91 7.16
CA LYS A 802 -19.56 49.28 6.80
C LYS A 802 -18.95 49.34 5.40
N GLU A 803 -18.10 48.38 5.04
CA GLU A 803 -17.50 48.37 3.71
C GLU A 803 -18.56 48.19 2.63
N PHE A 804 -19.53 47.32 2.87
CA PHE A 804 -20.59 47.12 1.87
C PHE A 804 -21.54 48.30 1.83
N SER A 805 -21.77 48.98 2.97
CA SER A 805 -22.57 50.19 2.95
C SER A 805 -21.90 51.29 2.15
N ARG A 806 -20.58 51.43 2.29
CA ARG A 806 -19.85 52.40 1.46
C ARG A 806 -19.85 51.99 0.00
N PHE A 807 -19.71 50.69 -0.27
CA PHE A 807 -19.63 50.21 -1.65
C PHE A 807 -20.95 50.44 -2.38
N HIS A 808 -22.06 50.02 -1.78
CA HIS A 808 -23.39 50.22 -2.35
C HIS A 808 -24.26 50.90 -1.32
N LYS A 809 -24.89 52.01 -1.71
CA LYS A 809 -25.80 52.69 -0.80
C LYS A 809 -27.07 51.87 -0.55
N GLU A 810 -27.43 50.98 -1.49
CA GLU A 810 -28.62 50.16 -1.32
C GLU A 810 -28.49 49.18 -0.18
N ILE A 811 -27.28 48.87 0.25
CA ILE A 811 -27.04 48.00 1.40
C ILE A 811 -26.95 48.80 2.69
N THR A 812 -27.20 50.11 2.64
CA THR A 812 -27.18 50.93 3.84
C THR A 812 -28.12 50.46 4.95
N PRO A 813 -29.38 50.04 4.68
CA PRO A 813 -30.21 49.56 5.79
C PRO A 813 -29.62 48.38 6.54
N MET A 814 -28.95 47.48 5.82
CA MET A 814 -28.33 46.31 6.45
C MET A 814 -27.39 46.73 7.56
N LEU A 815 -26.36 47.51 7.22
CA LEU A 815 -25.48 48.10 8.22
C LEU A 815 -26.27 48.83 9.28
N SER A 816 -27.29 49.59 8.85
CA SER A 816 -28.10 50.34 9.80
C SER A 816 -28.70 49.42 10.85
N GLY A 817 -29.25 48.29 10.41
CA GLY A 817 -29.81 47.33 11.36
C GLY A 817 -28.77 46.90 12.37
N LEU A 818 -27.56 46.59 11.89
CA LEU A 818 -26.48 46.20 12.78
C LEU A 818 -26.27 47.25 13.87
N GLN A 819 -26.21 48.52 13.47
CA GLN A 819 -26.00 49.58 14.44
C GLN A 819 -27.07 49.55 15.51
N ASN A 820 -28.34 49.41 15.11
CA ASN A 820 -29.41 49.24 16.13
C ASN A 820 -29.08 48.05 17.04
N ASN A 821 -28.99 46.84 16.49
CA ASN A 821 -28.75 45.66 17.35
C ASN A 821 -27.59 45.96 18.30
N ARG A 822 -26.58 46.73 17.91
CA ARG A 822 -25.53 46.96 18.88
C ARG A 822 -26.05 47.76 20.05
N VAL A 823 -26.90 48.75 19.77
CA VAL A 823 -27.50 49.56 20.84
C VAL A 823 -28.18 48.65 21.85
N GLU A 824 -29.01 47.73 21.35
CA GLU A 824 -29.69 46.81 22.25
C GLU A 824 -28.68 45.98 23.02
N TRP A 825 -27.67 45.46 22.32
CA TRP A 825 -26.69 44.63 22.99
C TRP A 825 -25.84 45.44 23.95
N LYS A 826 -25.79 46.76 23.79
CA LYS A 826 -25.15 47.57 24.81
C LYS A 826 -26.02 47.65 26.06
N SER A 827 -27.33 47.87 25.87
CA SER A 827 -28.21 48.05 27.02
C SER A 827 -28.25 46.79 27.87
N LEU A 828 -28.39 45.62 27.23
CA LEU A 828 -28.37 44.37 27.97
C LEU A 828 -27.03 44.16 28.68
N ALA A 829 -25.95 44.72 28.14
CA ALA A 829 -24.69 44.68 28.86
C ALA A 829 -24.74 45.59 30.07
N ASP A 830 -25.29 46.80 29.91
CA ASP A 830 -25.24 47.79 30.97
C ASP A 830 -25.99 47.32 32.21
N GLU A 831 -27.16 46.71 32.02
CA GLU A 831 -27.90 46.13 33.15
C GLU A 831 -27.02 45.14 33.90
N TYR A 832 -26.28 44.30 33.17
CA TYR A 832 -25.37 43.37 33.82
C TYR A 832 -24.33 44.13 34.62
N ASP A 833 -23.78 45.21 34.07
CA ASP A 833 -22.83 46.02 34.80
C ASP A 833 -23.49 46.66 36.02
N ALA A 834 -24.81 46.88 35.97
CA ALA A 834 -25.50 47.35 37.16
C ALA A 834 -25.72 46.20 38.14
N LYS A 835 -25.94 44.99 37.64
CA LYS A 835 -26.20 43.86 38.54
C LYS A 835 -24.93 43.43 39.25
N MET A 836 -23.80 43.40 38.55
CA MET A 836 -22.54 42.99 39.14
C MET A 836 -21.90 44.08 39.98
N LYS A 837 -22.42 45.31 39.91
CA LYS A 837 -21.82 46.40 40.69
C LYS A 837 -22.20 46.31 42.16
N VAL A 838 -23.41 45.87 42.45
CA VAL A 838 -23.89 45.79 43.83
C VAL A 838 -23.54 44.43 44.43
N SER B 64 74.96 -16.12 -18.07
CA SER B 64 73.71 -15.47 -17.66
C SER B 64 72.75 -16.46 -17.01
N GLU B 65 73.26 -17.65 -16.68
CA GLU B 65 72.45 -18.62 -15.97
C GLU B 65 72.06 -18.09 -14.59
N LEU B 66 73.03 -17.50 -13.88
CA LEU B 66 72.74 -16.90 -12.58
C LEU B 66 71.75 -15.75 -12.71
N THR B 67 71.85 -14.97 -13.80
CA THR B 67 70.92 -13.88 -14.03
C THR B 67 69.50 -14.39 -14.15
N GLN B 68 69.29 -15.45 -14.94
CA GLN B 68 67.96 -16.00 -15.10
C GLN B 68 67.45 -16.63 -13.80
N VAL B 69 68.34 -17.30 -13.06
CA VAL B 69 67.94 -17.89 -11.78
C VAL B 69 67.49 -16.80 -10.81
N GLU B 70 68.26 -15.71 -10.72
CA GLU B 70 67.91 -14.61 -9.84
C GLU B 70 66.61 -13.93 -10.28
N GLU B 71 66.41 -13.75 -11.58
CA GLU B 71 65.18 -13.14 -12.08
C GLU B 71 63.97 -14.00 -11.74
N SER B 72 64.09 -15.33 -11.94
CA SER B 72 62.99 -16.22 -11.61
C SER B 72 62.70 -16.22 -10.11
N ALA B 73 63.74 -16.24 -9.27
CA ALA B 73 63.53 -16.23 -7.83
C ALA B 73 62.89 -14.93 -7.37
N LEU B 74 63.35 -13.79 -7.93
CA LEU B 74 62.78 -12.51 -7.55
C LEU B 74 61.32 -12.40 -7.98
N CYS B 75 60.99 -12.90 -9.17
CA CYS B 75 59.60 -12.88 -9.61
C CYS B 75 58.74 -13.81 -8.75
N LEU B 76 59.30 -14.95 -8.34
CA LEU B 76 58.59 -15.84 -7.42
C LEU B 76 58.29 -15.15 -6.10
N GLU B 77 59.28 -14.45 -5.54
CA GLU B 77 59.05 -13.73 -4.29
C GLU B 77 58.03 -12.61 -4.47
N LEU B 78 58.08 -11.91 -5.61
CA LEU B 78 57.10 -10.88 -5.90
C LEU B 78 55.69 -11.45 -5.94
N LEU B 79 55.54 -12.65 -6.50
CA LEU B 79 54.24 -13.30 -6.50
C LEU B 79 53.85 -13.82 -5.12
N TRP B 80 54.82 -14.21 -4.30
CA TRP B 80 54.49 -14.64 -2.94
C TRP B 80 54.02 -13.49 -2.08
N THR B 81 54.50 -12.27 -2.37
CA THR B 81 54.11 -11.11 -1.57
C THR B 81 52.61 -10.83 -1.61
N VAL B 82 51.90 -11.32 -2.62
CA VAL B 82 50.45 -11.16 -2.64
C VAL B 82 49.77 -12.07 -1.63
N GLN B 83 50.46 -13.11 -1.15
CA GLN B 83 49.85 -14.05 -0.22
C GLN B 83 49.86 -13.58 1.23
N GLU B 84 50.61 -12.53 1.54
CA GLU B 84 50.62 -11.98 2.90
C GLU B 84 49.32 -11.22 3.14
N GLU B 85 48.43 -11.81 3.93
CA GLU B 85 47.19 -11.14 4.28
C GLU B 85 47.47 -9.97 5.22
N GLY B 86 46.67 -8.92 5.08
CA GLY B 86 46.82 -7.72 5.88
C GLY B 86 47.72 -6.67 5.25
N GLY B 87 48.40 -7.00 4.16
CA GLY B 87 49.23 -6.06 3.45
C GLY B 87 48.46 -5.31 2.38
N THR B 88 49.21 -4.65 1.51
CA THR B 88 48.63 -3.89 0.41
C THR B 88 49.30 -4.28 -0.90
N PRO B 89 48.56 -4.24 -2.01
CA PRO B 89 49.19 -4.48 -3.32
C PRO B 89 50.23 -3.45 -3.69
N GLU B 90 50.16 -2.25 -3.10
CA GLU B 90 51.11 -1.21 -3.42
C GLU B 90 52.53 -1.58 -3.00
N GLN B 91 52.68 -2.38 -1.94
CA GLN B 91 54.00 -2.86 -1.55
C GLN B 91 54.60 -3.77 -2.63
N GLY B 92 53.79 -4.70 -3.14
CA GLY B 92 54.27 -5.56 -4.20
C GLY B 92 54.57 -4.81 -5.47
N VAL B 93 53.71 -3.85 -5.83
CA VAL B 93 53.98 -3.04 -7.01
C VAL B 93 55.25 -2.21 -6.81
N HIS B 94 55.48 -1.72 -5.58
CA HIS B 94 56.68 -0.94 -5.31
C HIS B 94 57.94 -1.77 -5.44
N ARG B 95 57.94 -2.99 -4.89
CA ARG B 95 59.14 -3.83 -5.02
C ARG B 95 59.34 -4.25 -6.48
N ALA B 96 58.25 -4.48 -7.21
CA ALA B 96 58.37 -4.76 -8.64
C ALA B 96 58.96 -3.58 -9.38
N LEU B 97 58.55 -2.37 -9.02
CA LEU B 97 59.08 -1.16 -9.67
C LEU B 97 60.56 -0.96 -9.35
N GLN B 98 60.97 -1.25 -8.11
CA GLN B 98 62.37 -1.04 -7.77
C GLN B 98 63.25 -2.08 -8.46
N ARG B 99 62.72 -3.26 -8.69
CA ARG B 99 63.50 -4.28 -9.42
C ARG B 99 63.49 -3.94 -10.92
N LEU B 100 62.38 -3.46 -11.46
CA LEU B 100 62.45 -3.10 -12.90
C LEU B 100 63.47 -1.98 -13.05
N ALA B 101 63.47 -0.99 -12.16
CA ALA B 101 64.40 0.12 -12.42
C ALA B 101 65.81 -0.46 -12.36
N HIS B 102 66.09 -1.22 -11.30
CA HIS B 102 67.41 -1.83 -11.27
C HIS B 102 67.71 -2.56 -12.58
N LEU B 103 66.70 -3.21 -13.15
CA LEU B 103 66.93 -4.02 -14.36
C LEU B 103 67.21 -3.14 -15.58
N LEU B 104 66.40 -2.11 -15.81
CA LEU B 104 66.63 -1.28 -16.99
C LEU B 104 67.51 -0.07 -16.71
N GLN B 105 68.12 0.02 -15.52
CA GLN B 105 69.04 1.12 -15.19
C GLN B 105 68.35 2.47 -15.33
N ALA B 106 67.29 2.68 -14.57
CA ALA B 106 66.53 3.92 -14.60
C ALA B 106 66.25 4.37 -13.18
N ASP B 107 65.68 5.57 -13.05
CA ASP B 107 65.39 6.14 -11.75
C ASP B 107 63.97 6.68 -11.72
N ARG B 108 63.41 6.76 -10.50
CA ARG B 108 62.13 7.41 -10.25
C ARG B 108 60.98 6.76 -11.02
N CYS B 109 60.92 5.43 -10.96
CA CYS B 109 59.78 4.72 -11.55
C CYS B 109 58.51 5.11 -10.82
N SER B 110 57.40 5.15 -11.56
CA SER B 110 56.17 5.68 -10.97
C SER B 110 54.96 4.87 -11.41
N MET B 111 53.97 4.84 -10.54
CA MET B 111 52.68 4.20 -10.86
C MET B 111 51.62 5.27 -10.66
N PHE B 112 50.77 5.48 -11.65
CA PHE B 112 49.66 6.43 -11.49
C PHE B 112 48.39 5.66 -11.61
N LEU B 113 47.51 5.77 -10.63
CA LEU B 113 46.25 5.00 -10.65
C LEU B 113 45.27 5.70 -11.54
N CYS B 114 44.25 4.99 -11.98
CA CYS B 114 43.19 5.57 -12.82
C CYS B 114 41.87 5.53 -12.09
N ARG B 115 41.16 6.66 -12.09
CA ARG B 115 39.84 6.77 -11.49
C ARG B 115 38.87 7.34 -12.52
N SER B 116 37.59 7.23 -12.19
CA SER B 116 36.51 7.76 -13.03
C SER B 116 35.53 8.49 -12.15
N ARG B 117 35.42 9.81 -12.35
CA ARG B 117 34.50 10.65 -11.61
C ARG B 117 33.63 11.41 -12.60
N ASN B 118 32.33 11.50 -12.29
CA ASN B 118 31.36 12.23 -13.12
C ASN B 118 31.29 11.69 -14.54
N GLY B 119 31.68 10.42 -14.73
CA GLY B 119 31.66 9.81 -16.04
C GLY B 119 32.88 10.07 -16.88
N ILE B 120 33.82 10.89 -16.43
CA ILE B 120 35.02 11.17 -17.19
C ILE B 120 36.22 10.59 -16.45
N PRO B 121 37.15 9.95 -17.15
CA PRO B 121 38.29 9.30 -16.48
C PRO B 121 39.43 10.26 -16.22
N GLU B 122 40.21 9.92 -15.20
CA GLU B 122 41.35 10.73 -14.78
C GLU B 122 42.38 9.83 -14.13
N VAL B 123 43.61 10.33 -14.05
CA VAL B 123 44.71 9.60 -13.42
C VAL B 123 45.16 10.38 -12.21
N ALA B 124 45.73 9.66 -11.25
CA ALA B 124 46.18 10.28 -10.00
C ALA B 124 47.44 9.57 -9.52
N SER B 125 48.19 10.25 -8.66
CA SER B 125 49.47 9.72 -8.22
C SER B 125 49.30 8.68 -7.13
N ARG B 126 49.98 7.55 -7.28
CA ARG B 126 49.99 6.50 -6.27
C ARG B 126 51.38 6.10 -5.83
N LEU B 127 52.35 6.03 -6.74
CA LEU B 127 53.73 5.76 -6.38
C LEU B 127 54.65 6.69 -7.18
N LEU B 128 55.52 7.40 -6.47
CA LEU B 128 56.41 8.37 -7.08
C LEU B 128 57.82 8.17 -6.54
N ASP B 129 58.81 8.53 -7.36
CA ASP B 129 60.22 8.55 -6.96
C ASP B 129 60.70 7.19 -6.47
N VAL B 130 60.26 6.12 -7.13
CA VAL B 130 60.70 4.79 -6.75
C VAL B 130 62.11 4.55 -7.31
N THR B 131 63.04 4.30 -6.41
CA THR B 131 64.44 4.01 -6.73
C THR B 131 64.86 2.80 -5.92
N PRO B 132 65.91 2.10 -6.36
CA PRO B 132 66.41 0.98 -5.56
C PRO B 132 66.87 1.43 -4.18
N THR B 133 66.60 0.58 -3.18
CA THR B 133 66.92 0.84 -1.77
C THR B 133 66.25 2.14 -1.30
N SER B 134 64.92 2.18 -1.44
CA SER B 134 64.13 3.32 -1.04
C SER B 134 62.97 2.85 -0.17
N LYS B 135 62.65 3.65 0.85
CA LYS B 135 61.59 3.29 1.77
C LYS B 135 60.24 3.35 1.07
N PHE B 136 59.39 2.36 1.37
CA PHE B 136 58.07 2.31 0.75
C PHE B 136 57.18 3.43 1.24
N GLU B 137 57.18 3.69 2.55
CA GLU B 137 56.29 4.69 3.13
C GLU B 137 56.61 6.08 2.63
N ASP B 138 57.88 6.36 2.31
CA ASP B 138 58.23 7.65 1.75
C ASP B 138 57.85 7.75 0.28
N ASN B 139 57.96 6.65 -0.46
CA ASN B 139 57.64 6.67 -1.89
C ASN B 139 56.14 6.67 -2.15
N LEU B 140 55.35 6.14 -1.22
CA LEU B 140 53.89 6.19 -1.36
C LEU B 140 53.41 7.63 -1.29
N VAL B 141 52.39 7.95 -2.09
CA VAL B 141 51.77 9.27 -2.10
C VAL B 141 50.36 9.14 -1.55
N GLY B 142 50.07 9.91 -0.52
CA GLY B 142 48.76 9.88 0.10
C GLY B 142 47.73 10.57 -0.75
N PRO B 143 46.46 10.40 -0.36
CA PRO B 143 45.36 11.03 -1.11
C PRO B 143 45.37 12.55 -1.05
N ASP B 144 46.03 13.15 -0.08
CA ASP B 144 46.05 14.60 0.07
C ASP B 144 47.17 15.28 -0.71
N LYS B 145 48.10 14.51 -1.28
CA LYS B 145 49.21 15.05 -2.05
C LYS B 145 49.15 14.58 -3.50
N GLU B 146 48.18 13.75 -3.85
CA GLU B 146 48.11 13.23 -5.20
C GLU B 146 47.79 14.34 -6.20
N VAL B 147 48.32 14.19 -7.41
CA VAL B 147 48.06 15.12 -8.51
C VAL B 147 47.19 14.42 -9.54
N VAL B 148 46.14 15.11 -9.98
CA VAL B 148 45.10 14.53 -10.82
C VAL B 148 45.19 15.13 -12.21
N PHE B 149 45.29 14.27 -13.22
CA PHE B 149 45.37 14.70 -14.61
C PHE B 149 44.21 14.10 -15.39
N PRO B 150 43.45 14.91 -16.13
CA PRO B 150 42.46 14.35 -17.05
C PRO B 150 43.14 13.59 -18.18
N LEU B 151 42.36 12.72 -18.83
CA LEU B 151 42.92 11.86 -19.86
C LEU B 151 43.38 12.65 -21.09
N ASP B 152 42.76 13.78 -21.38
CA ASP B 152 43.13 14.55 -22.57
C ASP B 152 44.39 15.38 -22.37
N ILE B 153 44.92 15.45 -21.15
CA ILE B 153 46.19 16.14 -20.91
C ILE B 153 47.20 15.12 -20.40
N GLY B 154 48.48 15.42 -20.62
CA GLY B 154 49.55 14.60 -20.12
C GLY B 154 49.84 13.37 -20.96
N ILE B 155 51.10 12.93 -20.93
CA ILE B 155 51.48 11.68 -21.60
C ILE B 155 50.76 10.51 -20.94
N VAL B 156 50.58 10.58 -19.62
CA VAL B 156 49.88 9.51 -18.89
C VAL B 156 48.45 9.39 -19.37
N GLY B 157 47.78 10.53 -19.55
CA GLY B 157 46.41 10.50 -20.02
C GLY B 157 46.27 9.86 -21.39
N TRP B 158 47.19 10.17 -22.30
CA TRP B 158 47.13 9.57 -23.63
C TRP B 158 47.50 8.09 -23.59
N ALA B 159 48.41 7.70 -22.70
CA ALA B 159 48.73 6.29 -22.55
C ALA B 159 47.52 5.51 -22.03
N ALA B 160 46.79 6.08 -21.09
CA ALA B 160 45.57 5.43 -20.61
C ALA B 160 44.46 5.44 -21.65
N HIS B 161 44.40 6.49 -22.47
CA HIS B 161 43.38 6.57 -23.51
C HIS B 161 43.62 5.55 -24.61
N THR B 162 44.86 5.48 -25.12
CA THR B 162 45.17 4.56 -26.21
C THR B 162 45.22 3.12 -25.76
N LYS B 163 45.48 2.87 -24.47
CA LYS B 163 45.63 1.52 -23.92
C LYS B 163 46.75 0.75 -24.61
N LYS B 164 47.84 1.45 -24.91
CA LYS B 164 48.99 0.85 -25.57
C LYS B 164 50.28 1.42 -24.97
N THR B 165 51.38 0.72 -25.24
CA THR B 165 52.69 1.14 -24.77
C THR B 165 53.15 2.39 -25.50
N HIS B 166 53.69 3.36 -24.76
CA HIS B 166 54.16 4.62 -25.31
C HIS B 166 55.57 4.89 -24.78
N ASN B 167 56.56 4.79 -25.67
CA ASN B 167 57.96 5.05 -25.31
C ASN B 167 58.41 6.29 -26.06
N VAL B 168 58.63 7.39 -25.33
CA VAL B 168 59.08 8.63 -25.93
C VAL B 168 60.51 8.91 -25.45
N PRO B 169 61.48 9.04 -26.36
CA PRO B 169 62.86 9.29 -25.95
C PRO B 169 63.10 10.75 -25.61
N ASP B 170 62.43 11.65 -26.34
CA ASP B 170 62.56 13.09 -26.15
C ASP B 170 61.18 13.65 -25.85
N VAL B 171 60.96 14.05 -24.60
CA VAL B 171 59.63 14.50 -24.16
C VAL B 171 59.25 15.84 -24.78
N LYS B 172 60.22 16.62 -25.24
CA LYS B 172 59.92 17.94 -25.81
C LYS B 172 59.32 17.87 -27.20
N LYS B 173 59.42 16.72 -27.88
CA LYS B 173 58.88 16.57 -29.22
C LYS B 173 57.42 16.15 -29.23
N ASN B 174 56.81 15.92 -28.07
CA ASN B 174 55.44 15.46 -27.97
C ASN B 174 54.56 16.58 -27.43
N SER B 175 53.46 16.86 -28.13
CA SER B 175 52.49 17.83 -27.64
C SER B 175 51.64 17.28 -26.52
N HIS B 176 51.76 15.99 -26.20
CA HIS B 176 51.09 15.38 -25.07
C HIS B 176 51.83 15.61 -23.76
N PHE B 177 53.01 16.22 -23.78
CA PHE B 177 53.78 16.43 -22.56
C PHE B 177 53.07 17.43 -21.64
N SER B 178 53.14 17.16 -20.34
CA SER B 178 52.67 18.08 -19.31
C SER B 178 53.80 18.33 -18.34
N ASP B 179 54.13 19.59 -18.09
CA ASP B 179 55.28 19.91 -17.22
C ASP B 179 54.83 20.25 -15.79
N PHE B 180 53.56 20.06 -15.46
CA PHE B 180 53.08 20.45 -14.15
C PHE B 180 53.85 19.76 -13.04
N MET B 181 54.14 18.47 -13.22
CA MET B 181 54.94 17.76 -12.22
C MET B 181 56.38 18.25 -12.23
N ASP B 182 56.87 18.69 -13.39
CA ASP B 182 58.23 19.23 -13.47
C ASP B 182 58.34 20.54 -12.67
N LYS B 183 57.34 21.40 -12.76
CA LYS B 183 57.35 22.65 -12.01
C LYS B 183 57.04 22.42 -10.53
N GLN B 184 56.21 21.42 -10.24
CA GLN B 184 55.73 21.19 -8.88
C GLN B 184 56.86 20.85 -7.92
N THR B 185 57.80 20.00 -8.35
CA THR B 185 58.90 19.56 -7.51
C THR B 185 60.26 19.98 -8.03
N GLY B 186 60.32 20.75 -9.12
CA GLY B 186 61.59 21.18 -9.65
C GLY B 186 62.45 20.07 -10.23
N TYR B 187 61.84 19.07 -10.87
CA TYR B 187 62.55 17.96 -11.46
C TYR B 187 62.48 18.05 -12.98
N VAL B 188 63.57 17.73 -13.64
CA VAL B 188 63.66 17.80 -15.10
C VAL B 188 63.45 16.41 -15.66
N THR B 189 62.61 16.30 -16.69
CA THR B 189 62.27 15.04 -17.32
C THR B 189 62.71 15.07 -18.77
N LYS B 190 63.39 14.01 -19.21
CA LYS B 190 63.90 13.93 -20.57
C LYS B 190 63.54 12.65 -21.31
N ASN B 191 63.31 11.54 -20.62
CA ASN B 191 62.98 10.29 -21.27
C ASN B 191 61.79 9.66 -20.54
N LEU B 192 60.94 8.96 -21.28
CA LEU B 192 59.75 8.40 -20.66
C LEU B 192 59.35 7.10 -21.34
N LEU B 193 58.92 6.14 -20.52
CA LEU B 193 58.35 4.89 -21.03
C LEU B 193 57.13 4.58 -20.18
N ALA B 194 55.95 4.56 -20.80
CA ALA B 194 54.68 4.45 -20.10
C ALA B 194 53.87 3.29 -20.67
N THR B 195 53.20 2.55 -19.78
CA THR B 195 52.35 1.43 -20.18
C THR B 195 51.10 1.41 -19.32
N PRO B 196 49.93 1.22 -19.90
CA PRO B 196 48.72 1.02 -19.09
C PRO B 196 48.53 -0.45 -18.72
N ILE B 197 47.96 -0.67 -17.54
CA ILE B 197 47.64 -2.01 -17.07
C ILE B 197 46.17 -2.25 -17.40
N VAL B 198 45.93 -3.02 -18.46
CA VAL B 198 44.57 -3.20 -19.01
C VAL B 198 44.20 -4.66 -18.85
N VAL B 199 43.18 -4.94 -18.05
CA VAL B 199 42.53 -6.24 -18.00
C VAL B 199 41.04 -6.04 -18.17
N GLY B 200 40.41 -6.92 -18.94
CA GLY B 200 38.98 -6.82 -19.17
C GLY B 200 38.54 -5.54 -19.85
N LYS B 201 39.36 -5.02 -20.75
CA LYS B 201 39.10 -3.77 -21.48
C LYS B 201 38.87 -2.59 -20.53
N GLU B 202 39.61 -2.56 -19.42
CA GLU B 202 39.59 -1.43 -18.50
C GLU B 202 41.01 -1.16 -18.01
N VAL B 203 41.35 0.12 -17.88
CA VAL B 203 42.68 0.53 -17.45
C VAL B 203 42.68 0.67 -15.93
N LEU B 204 43.69 0.10 -15.28
CA LEU B 204 43.82 0.17 -13.83
C LEU B 204 44.88 1.16 -13.39
N ALA B 205 46.06 1.12 -14.01
CA ALA B 205 47.16 2.00 -13.65
C ALA B 205 48.07 2.19 -14.83
N VAL B 206 48.87 3.26 -14.78
CA VAL B 206 49.87 3.57 -15.78
C VAL B 206 51.23 3.55 -15.12
N ILE B 207 52.14 2.74 -15.64
CA ILE B 207 53.46 2.52 -15.07
C ILE B 207 54.49 3.19 -15.97
N MET B 208 55.40 3.96 -15.36
CA MET B 208 56.39 4.70 -16.11
C MET B 208 57.80 4.51 -15.54
N ALA B 209 58.76 4.47 -16.46
CA ALA B 209 60.18 4.58 -16.17
C ALA B 209 60.73 5.81 -16.87
N VAL B 210 61.49 6.62 -16.14
CA VAL B 210 61.87 7.96 -16.58
C VAL B 210 63.37 8.14 -16.41
N ASN B 211 63.99 8.83 -17.39
CA ASN B 211 65.35 9.35 -17.28
C ASN B 211 66.37 8.23 -17.04
N LYS B 212 66.54 7.41 -18.09
CA LYS B 212 67.63 6.45 -18.13
C LYS B 212 68.96 7.14 -17.84
N VAL B 213 69.64 6.71 -16.78
CA VAL B 213 70.81 7.42 -16.30
C VAL B 213 71.99 7.28 -17.26
N ASN B 214 72.19 6.08 -17.81
CA ASN B 214 73.38 5.80 -18.60
C ASN B 214 73.13 5.75 -20.10
N ALA B 215 71.96 6.22 -20.55
CA ALA B 215 71.67 6.26 -21.98
C ALA B 215 70.62 7.34 -22.24
N SER B 216 70.50 7.71 -23.51
CA SER B 216 69.55 8.72 -23.93
C SER B 216 68.31 8.15 -24.59
N GLU B 217 68.12 6.83 -24.51
CA GLU B 217 67.05 6.18 -25.25
C GLU B 217 66.70 4.85 -24.60
N PHE B 218 65.41 4.52 -24.59
CA PHE B 218 64.93 3.22 -24.13
C PHE B 218 64.81 2.30 -25.34
N SER B 219 65.62 1.24 -25.38
CA SER B 219 65.62 0.33 -26.56
C SER B 219 64.50 -0.71 -26.46
N LYS B 220 64.38 -1.55 -27.49
CA LYS B 220 63.31 -2.59 -27.50
C LYS B 220 63.52 -3.55 -26.33
N GLN B 221 64.77 -4.00 -26.10
CA GLN B 221 64.97 -4.97 -25.03
C GLN B 221 64.45 -4.45 -23.71
N ASP B 222 64.64 -3.15 -23.47
CA ASP B 222 64.11 -2.52 -22.28
C ASP B 222 62.59 -2.59 -22.24
N GLU B 223 61.94 -2.34 -23.38
CA GLU B 223 60.49 -2.44 -23.44
C GLU B 223 60.02 -3.87 -23.24
N GLU B 224 60.79 -4.84 -23.73
CA GLU B 224 60.43 -6.24 -23.51
C GLU B 224 60.49 -6.61 -22.03
N VAL B 225 61.56 -6.20 -21.34
CA VAL B 225 61.65 -6.46 -19.90
C VAL B 225 60.53 -5.75 -19.15
N PHE B 226 60.21 -4.52 -19.59
CA PHE B 226 59.09 -3.78 -19.04
C PHE B 226 57.79 -4.57 -19.14
N SER B 227 57.47 -5.06 -20.33
CA SER B 227 56.25 -5.83 -20.52
C SER B 227 56.27 -7.10 -19.67
N LYS B 228 57.42 -7.76 -19.60
CA LYS B 228 57.51 -9.01 -18.83
C LYS B 228 57.22 -8.78 -17.35
N TYR B 229 57.77 -7.71 -16.76
CA TYR B 229 57.55 -7.49 -15.34
C TYR B 229 56.17 -6.92 -15.04
N LEU B 230 55.66 -6.03 -15.88
CA LEU B 230 54.32 -5.55 -15.58
C LEU B 230 53.23 -6.50 -16.03
N ASN B 231 53.56 -7.63 -16.66
CA ASN B 231 52.61 -8.73 -16.68
C ASN B 231 52.29 -9.22 -15.27
N PHE B 232 53.33 -9.40 -14.45
CA PHE B 232 53.12 -9.80 -13.06
C PHE B 232 52.49 -8.67 -12.25
N VAL B 233 52.89 -7.43 -12.53
CA VAL B 233 52.22 -6.28 -11.89
C VAL B 233 50.75 -6.26 -12.24
N SER B 234 50.41 -6.58 -13.50
CA SER B 234 49.02 -6.67 -13.91
C SER B 234 48.30 -7.79 -13.19
N ILE B 235 48.99 -8.90 -12.93
CA ILE B 235 48.39 -9.99 -12.17
C ILE B 235 48.01 -9.52 -10.77
N ILE B 236 48.94 -8.82 -10.10
CA ILE B 236 48.66 -8.37 -8.73
C ILE B 236 47.56 -7.32 -8.73
N LEU B 237 47.52 -6.45 -9.75
CA LEU B 237 46.47 -5.44 -9.81
C LEU B 237 45.12 -6.06 -10.13
N ARG B 238 45.09 -7.11 -10.96
CA ARG B 238 43.84 -7.81 -11.23
C ARG B 238 43.30 -8.48 -9.98
N LEU B 239 44.20 -9.09 -9.18
CA LEU B 239 43.77 -9.69 -7.92
C LEU B 239 43.15 -8.63 -7.00
N HIS B 240 43.86 -7.51 -6.80
CA HIS B 240 43.34 -6.48 -5.92
C HIS B 240 42.04 -5.89 -6.45
N HIS B 241 41.95 -5.67 -7.76
CA HIS B 241 40.74 -5.10 -8.35
C HIS B 241 39.55 -6.04 -8.19
N THR B 242 39.76 -7.35 -8.38
CA THR B 242 38.67 -8.29 -8.21
C THR B 242 38.20 -8.32 -6.76
N SER B 243 39.13 -8.28 -5.81
CA SER B 243 38.74 -8.22 -4.41
C SER B 243 37.94 -6.95 -4.12
N TYR B 244 38.39 -5.80 -4.64
CA TYR B 244 37.70 -4.55 -4.39
C TYR B 244 36.31 -4.54 -5.00
N MET B 245 36.16 -5.07 -6.22
CA MET B 245 34.85 -5.10 -6.86
C MET B 245 33.91 -6.07 -6.14
N TYR B 246 34.45 -7.17 -5.62
CA TYR B 246 33.64 -8.06 -4.80
C TYR B 246 33.14 -7.34 -3.56
N ASN B 247 34.01 -6.56 -2.91
CA ASN B 247 33.58 -5.80 -1.74
C ASN B 247 32.51 -4.78 -2.11
N ILE B 248 32.67 -4.11 -3.26
CA ILE B 248 31.70 -3.10 -3.68
C ILE B 248 30.35 -3.73 -3.93
N GLU B 249 30.32 -4.86 -4.63
CA GLU B 249 29.04 -5.50 -4.91
C GLU B 249 28.41 -6.10 -3.66
N SER B 250 29.24 -6.58 -2.72
CA SER B 250 28.70 -7.05 -1.45
C SER B 250 28.03 -5.91 -0.68
N ARG B 251 28.68 -4.75 -0.64
CA ARG B 251 28.08 -3.59 0.03
C ARG B 251 26.79 -3.16 -0.65
N ARG B 252 26.78 -3.15 -1.99
CA ARG B 252 25.59 -2.76 -2.73
C ARG B 252 24.42 -3.72 -2.47
N SER B 253 24.70 -5.02 -2.49
CA SER B 253 23.65 -6.01 -2.23
C SER B 253 23.14 -5.91 -0.81
N GLN B 254 24.04 -5.67 0.15
CA GLN B 254 23.60 -5.49 1.53
C GLN B 254 22.73 -4.25 1.68
N ILE B 255 23.08 -3.16 1.00
CA ILE B 255 22.29 -1.93 1.06
C ILE B 255 20.90 -2.18 0.52
N LEU B 256 20.80 -2.82 -0.65
CA LEU B 256 19.49 -3.12 -1.22
C LEU B 256 18.70 -4.06 -0.32
N MET B 257 19.36 -5.06 0.26
CA MET B 257 18.68 -6.05 1.08
C MET B 257 18.09 -5.39 2.32
N TRP B 258 18.89 -4.55 2.99
CA TRP B 258 18.43 -3.90 4.21
C TRP B 258 17.38 -2.82 3.91
N SER B 259 17.53 -2.09 2.81
CA SER B 259 16.52 -1.11 2.44
C SER B 259 15.19 -1.79 2.16
N ALA B 260 15.22 -2.95 1.48
CA ALA B 260 13.99 -3.69 1.26
C ALA B 260 13.42 -4.23 2.56
N ASN B 261 14.28 -4.64 3.50
CA ASN B 261 13.79 -5.09 4.80
C ASN B 261 13.06 -3.97 5.52
N LYS B 262 13.62 -2.75 5.49
CA LYS B 262 13.03 -1.65 6.25
C LYS B 262 11.82 -1.04 5.55
N VAL B 263 11.80 -1.04 4.21
CA VAL B 263 10.66 -0.45 3.51
C VAL B 263 9.41 -1.30 3.71
N PHE B 264 9.54 -2.62 3.57
CA PHE B 264 8.41 -3.52 3.71
C PHE B 264 8.07 -3.83 5.16
N GLU B 265 8.84 -3.30 6.11
CA GLU B 265 8.54 -3.53 7.52
C GLU B 265 7.19 -2.94 7.90
N GLU B 266 6.89 -1.75 7.40
CA GLU B 266 5.68 -1.03 7.78
C GLU B 266 5.35 -0.03 6.70
N LEU B 267 4.08 0.32 6.59
CA LEU B 267 3.62 1.34 5.66
C LEU B 267 3.63 2.68 6.38
N THR B 268 4.57 3.55 6.00
CA THR B 268 4.75 4.83 6.68
C THR B 268 4.96 5.93 5.65
N ASP B 269 5.20 7.15 6.14
CA ASP B 269 5.35 8.32 5.30
C ASP B 269 6.76 8.37 4.70
N VAL B 270 7.03 9.44 3.96
CA VAL B 270 8.33 9.57 3.29
C VAL B 270 9.45 9.73 4.31
N GLU B 271 9.25 10.60 5.31
CA GLU B 271 10.31 10.91 6.26
C GLU B 271 10.73 9.69 7.06
N ARG B 272 9.77 9.01 7.67
CA ARG B 272 10.09 7.86 8.51
C ARG B 272 10.69 6.73 7.70
N GLN B 273 10.16 6.46 6.50
CA GLN B 273 10.67 5.38 5.67
C GLN B 273 12.11 5.66 5.22
N PHE B 274 12.36 6.89 4.76
CA PHE B 274 13.71 7.25 4.31
C PHE B 274 14.69 7.22 5.47
N HIS B 275 14.26 7.69 6.65
CA HIS B 275 15.13 7.63 7.82
C HIS B 275 15.46 6.20 8.21
N LYS B 276 14.46 5.30 8.18
CA LYS B 276 14.72 3.90 8.48
C LYS B 276 15.73 3.31 7.51
N ALA B 277 15.50 3.50 6.21
CA ALA B 277 16.38 2.92 5.21
C ALA B 277 17.81 3.46 5.34
N LEU B 278 17.94 4.78 5.49
CA LEU B 278 19.27 5.39 5.55
C LEU B 278 20.01 5.02 6.82
N TYR B 279 19.32 5.02 7.97
CA TYR B 279 19.99 4.64 9.20
C TYR B 279 20.35 3.16 9.22
N THR B 280 19.63 2.33 8.47
CA THR B 280 20.01 0.93 8.42
C THR B 280 21.20 0.69 7.50
N VAL B 281 21.26 1.37 6.34
CA VAL B 281 22.40 1.18 5.43
C VAL B 281 23.58 2.08 5.80
N ARG B 282 23.45 2.85 6.87
CA ARG B 282 24.54 3.63 7.48
C ARG B 282 25.90 2.96 7.48
N SER B 283 25.96 1.70 7.94
CA SER B 283 27.23 1.01 8.04
C SER B 283 27.85 0.76 6.67
N TYR B 284 27.03 0.71 5.62
CA TYR B 284 27.52 0.35 4.30
C TYR B 284 27.69 1.54 3.37
N LEU B 285 27.20 2.74 3.71
CA LEU B 285 27.55 3.89 2.88
C LEU B 285 29.05 4.16 2.89
N ASN B 286 29.71 3.89 4.03
CA ASN B 286 31.16 4.10 4.18
C ASN B 286 31.53 5.55 3.94
N CYS B 287 30.79 6.46 4.56
CA CYS B 287 31.02 7.89 4.47
C CYS B 287 31.12 8.49 5.87
N GLU B 288 31.86 9.58 6.00
CA GLU B 288 32.05 10.19 7.31
C GLU B 288 30.81 10.93 7.78
N ARG B 289 29.99 11.41 6.86
CA ARG B 289 28.84 12.23 7.19
C ARG B 289 27.98 12.37 5.95
N TYR B 290 26.66 12.28 6.13
CA TYR B 290 25.76 12.48 5.00
C TYR B 290 24.40 12.94 5.50
N SER B 291 23.63 13.54 4.59
CA SER B 291 22.36 14.15 4.94
C SER B 291 21.40 14.00 3.77
N ILE B 292 20.12 14.22 4.06
CA ILE B 292 19.07 14.21 3.04
C ILE B 292 18.13 15.38 3.29
N GLY B 293 17.88 16.17 2.26
CA GLY B 293 16.95 17.27 2.36
C GLY B 293 15.74 17.08 1.46
N LEU B 294 14.55 17.10 2.04
CA LEU B 294 13.32 16.81 1.31
C LEU B 294 12.66 18.11 0.87
N LEU B 295 12.24 18.16 -0.39
CA LEU B 295 11.60 19.34 -0.94
C LEU B 295 10.10 19.31 -0.67
N ASP B 296 9.48 20.48 -0.75
CA ASP B 296 8.04 20.60 -0.63
C ASP B 296 7.39 20.25 -1.96
N MET B 297 6.46 19.30 -1.93
CA MET B 297 5.87 18.77 -3.15
C MET B 297 4.55 19.43 -3.51
N THR B 298 4.12 20.46 -2.76
CA THR B 298 2.88 21.16 -3.07
C THR B 298 3.05 21.93 -4.37
N LYS B 299 2.38 21.47 -5.42
CA LYS B 299 2.57 22.05 -6.75
C LYS B 299 1.69 23.25 -7.03
N GLU B 300 0.46 23.27 -6.52
CA GLU B 300 -0.49 24.34 -6.82
C GLU B 300 -0.89 25.06 -5.53
N LYS B 301 -1.13 26.36 -5.67
CA LYS B 301 -1.48 27.22 -4.56
C LYS B 301 -3.00 27.33 -4.41
N GLU B 302 -3.43 27.66 -3.20
CA GLU B 302 -4.85 27.93 -2.96
C GLU B 302 -5.24 29.27 -3.58
N PHE B 303 -6.53 29.41 -3.87
CA PHE B 303 -7.01 30.62 -4.54
C PHE B 303 -6.82 31.86 -3.67
N TYR B 304 -7.08 31.75 -2.37
CA TYR B 304 -6.93 32.90 -1.48
C TYR B 304 -5.47 33.27 -1.26
N ASP B 305 -4.56 32.31 -1.43
CA ASP B 305 -3.13 32.62 -1.45
C ASP B 305 -2.66 33.11 -2.81
N GLU B 306 -3.46 32.92 -3.85
CA GLU B 306 -3.12 33.39 -5.19
C GLU B 306 -3.68 34.77 -5.49
N TRP B 307 -4.66 35.23 -4.71
CA TRP B 307 -5.23 36.56 -4.92
C TRP B 307 -4.20 37.68 -4.86
N PRO B 308 -3.32 37.78 -3.85
CA PRO B 308 -2.33 38.88 -3.89
C PRO B 308 -1.37 38.80 -5.06
N ILE B 309 -1.06 37.59 -5.53
CA ILE B 309 -0.20 37.46 -6.71
C ILE B 309 -0.89 38.03 -7.93
N LYS B 310 -2.16 37.71 -8.13
CA LYS B 310 -2.88 38.15 -9.31
C LYS B 310 -3.32 39.61 -9.22
N LEU B 311 -3.34 40.19 -8.02
CA LEU B 311 -3.67 41.60 -7.88
C LEU B 311 -2.45 42.50 -8.01
N GLY B 312 -1.26 41.95 -8.09
CA GLY B 312 -0.06 42.76 -8.15
C GLY B 312 0.43 43.28 -6.82
N GLU B 313 -0.24 42.91 -5.73
CA GLU B 313 0.19 43.36 -4.40
C GLU B 313 1.55 42.81 -4.03
N VAL B 314 1.80 41.54 -4.34
CA VAL B 314 3.05 40.86 -4.00
C VAL B 314 3.74 40.46 -5.30
N GLU B 315 5.03 40.79 -5.40
CA GLU B 315 5.78 40.50 -6.62
C GLU B 315 5.93 38.99 -6.82
N PRO B 316 5.98 38.54 -8.07
CA PRO B 316 6.13 37.10 -8.32
C PRO B 316 7.51 36.61 -7.90
N TYR B 317 7.59 35.31 -7.61
CA TYR B 317 8.82 34.71 -7.15
C TYR B 317 9.87 34.65 -8.26
N LYS B 318 11.12 34.88 -7.87
CA LYS B 318 12.26 34.73 -8.76
C LYS B 318 13.39 34.09 -7.97
N GLY B 319 13.84 32.93 -8.42
CA GLY B 319 14.89 32.21 -7.72
C GLY B 319 15.02 30.77 -8.20
N PRO B 320 15.59 29.92 -7.35
CA PRO B 320 15.73 28.50 -7.72
C PRO B 320 14.37 27.84 -7.89
N LYS B 321 14.28 26.94 -8.87
CA LYS B 321 13.05 26.23 -9.16
C LYS B 321 13.35 24.81 -9.59
N THR B 322 12.56 23.86 -9.06
CA THR B 322 12.66 22.47 -9.45
C THR B 322 12.22 22.33 -10.91
N PRO B 323 12.84 21.41 -11.66
CA PRO B 323 12.56 21.35 -13.12
C PRO B 323 11.09 21.22 -13.50
N ASP B 324 10.26 20.56 -12.69
CA ASP B 324 8.85 20.44 -13.05
C ASP B 324 8.14 21.78 -12.85
N GLY B 325 8.69 22.66 -12.02
CA GLY B 325 8.16 24.00 -11.90
C GLY B 325 7.95 24.47 -10.47
N ARG B 326 8.25 23.60 -9.51
CA ARG B 326 8.00 23.94 -8.12
C ARG B 326 9.09 24.84 -7.56
N GLU B 327 8.82 25.40 -6.40
CA GLU B 327 9.81 26.19 -5.67
C GLU B 327 10.75 25.27 -4.90
N VAL B 328 12.04 25.56 -4.98
CA VAL B 328 13.04 24.78 -4.25
C VAL B 328 12.94 25.20 -2.79
N ASN B 329 12.24 24.40 -1.99
CA ASN B 329 12.03 24.68 -0.57
C ASN B 329 12.33 23.40 0.20
N PHE B 330 13.55 23.28 0.70
CA PHE B 330 13.91 22.16 1.56
C PHE B 330 13.17 22.31 2.88
N TYR B 331 12.10 21.56 3.06
CA TYR B 331 11.26 21.72 4.24
C TYR B 331 11.71 20.86 5.41
N LYS B 332 12.71 20.00 5.22
CA LYS B 332 13.23 19.17 6.29
C LYS B 332 14.61 18.67 5.89
N ILE B 333 15.52 18.62 6.87
CA ILE B 333 16.86 18.09 6.67
C ILE B 333 17.11 17.06 7.76
N ILE B 334 17.66 15.91 7.40
CA ILE B 334 18.09 14.91 8.36
C ILE B 334 19.59 14.74 8.20
N ASP B 335 20.35 15.09 9.24
CA ASP B 335 21.80 14.99 9.23
C ASP B 335 22.23 13.75 9.98
N TYR B 336 23.07 12.94 9.35
CA TYR B 336 23.68 11.78 9.97
C TYR B 336 25.16 12.06 10.17
N ILE B 337 25.57 12.22 11.42
CA ILE B 337 26.98 12.45 11.76
C ILE B 337 27.58 11.10 12.12
N LEU B 338 28.65 10.72 11.43
CA LEU B 338 29.27 9.42 11.65
C LEU B 338 30.73 9.49 12.05
N HIS B 339 31.36 10.67 12.01
CA HIS B 339 32.77 10.76 12.36
C HIS B 339 33.00 10.63 13.86
N GLY B 340 32.01 10.98 14.66
CA GLY B 340 32.14 10.93 16.11
C GLY B 340 30.80 11.05 16.82
N LYS B 341 30.59 10.18 17.81
CA LYS B 341 29.43 10.09 18.69
C LYS B 341 28.16 9.62 17.97
N GLU B 342 28.20 9.42 16.65
CA GLU B 342 27.07 8.90 15.88
C GLU B 342 25.80 9.72 16.11
N GLU B 343 25.95 11.04 16.04
CA GLU B 343 24.85 11.96 16.28
C GLU B 343 23.97 12.08 15.04
N ILE B 344 22.66 12.16 15.27
CA ILE B 344 21.68 12.31 14.20
C ILE B 344 20.73 13.46 14.56
N LYS B 345 20.56 14.40 13.64
CA LYS B 345 19.72 15.56 13.93
C LYS B 345 18.65 15.73 12.86
N VAL B 346 17.48 16.19 13.27
CA VAL B 346 16.38 16.50 12.37
C VAL B 346 16.11 17.99 12.48
N ILE B 347 16.29 18.71 11.37
CA ILE B 347 16.03 20.14 11.30
C ILE B 347 14.76 20.34 10.49
N PRO B 348 13.64 20.68 11.13
CA PRO B 348 12.44 21.08 10.37
C PRO B 348 12.51 22.55 10.02
N THR B 349 12.15 22.87 8.77
CA THR B 349 12.28 24.19 8.18
C THR B 349 13.69 24.72 8.39
N PRO B 350 14.69 24.12 7.75
CA PRO B 350 16.07 24.55 8.00
C PRO B 350 16.31 25.92 7.41
N PRO B 351 17.22 26.70 8.01
CA PRO B 351 17.55 28.00 7.45
C PRO B 351 18.55 27.88 6.30
N ALA B 352 18.76 28.99 5.60
CA ALA B 352 19.77 29.04 4.56
C ALA B 352 21.19 29.06 5.13
N ASP B 353 21.34 29.23 6.44
CA ASP B 353 22.62 29.18 7.11
C ASP B 353 23.04 27.75 7.44
N HIS B 354 22.21 26.76 7.10
CA HIS B 354 22.54 25.37 7.37
C HIS B 354 23.78 24.95 6.59
N TRP B 355 24.65 24.18 7.25
CA TRP B 355 25.95 23.88 6.68
C TRP B 355 25.84 23.02 5.42
N THR B 356 24.80 22.19 5.33
CA THR B 356 24.54 21.47 4.09
C THR B 356 24.17 22.42 2.97
N LEU B 357 23.35 23.43 3.28
CA LEU B 357 22.82 24.36 2.29
C LEU B 357 23.65 25.62 2.13
N ILE B 358 24.73 25.78 2.90
CA ILE B 358 25.57 26.97 2.78
C ILE B 358 26.18 27.03 1.38
N SER B 359 26.69 25.91 0.89
CA SER B 359 27.07 25.80 -0.51
C SER B 359 25.82 25.63 -1.37
N GLY B 360 25.98 25.89 -2.66
CA GLY B 360 24.86 25.79 -3.57
C GLY B 360 24.62 24.40 -4.14
N LEU B 361 25.34 23.38 -3.66
CA LEU B 361 25.24 22.06 -4.27
C LEU B 361 23.86 21.42 -4.09
N PRO B 362 23.26 21.35 -2.90
CA PRO B 362 21.90 20.79 -2.82
C PRO B 362 20.88 21.57 -3.63
N THR B 363 21.00 22.89 -3.65
CA THR B 363 20.09 23.69 -4.47
C THR B 363 20.33 23.46 -5.95
N TYR B 364 21.59 23.27 -6.36
CA TYR B 364 21.88 22.93 -7.75
C TYR B 364 21.27 21.60 -8.13
N VAL B 365 21.39 20.60 -7.25
CA VAL B 365 20.84 19.28 -7.54
C VAL B 365 19.31 19.35 -7.62
N ALA B 366 18.69 20.14 -6.73
CA ALA B 366 17.24 20.32 -6.80
C ALA B 366 16.82 21.06 -8.07
N GLU B 367 17.66 21.99 -8.55
CA GLU B 367 17.31 22.76 -9.74
C GLU B 367 17.52 21.97 -11.03
N ASN B 368 18.47 21.04 -11.06
CA ASN B 368 18.86 20.40 -12.32
C ASN B 368 18.77 18.88 -12.32
N GLY B 369 18.82 18.23 -11.17
CA GLY B 369 18.70 16.78 -11.17
C GLY B 369 19.94 16.03 -11.63
N PHE B 370 21.11 16.65 -11.54
CA PHE B 370 22.36 15.98 -11.87
C PHE B 370 22.90 15.21 -10.67
N ILE B 371 23.92 14.40 -10.93
CA ILE B 371 24.69 13.75 -9.88
C ILE B 371 26.04 14.44 -9.82
N CYS B 372 26.32 15.08 -8.69
CA CYS B 372 27.48 15.96 -8.56
C CYS B 372 28.53 15.27 -7.70
N ASN B 373 29.67 14.93 -8.31
CA ASN B 373 30.84 14.41 -7.63
C ASN B 373 31.89 15.51 -7.62
N MET B 374 32.30 15.93 -6.43
CA MET B 374 33.27 17.01 -6.28
C MET B 374 34.41 16.55 -5.39
N MET B 375 35.63 16.69 -5.89
CA MET B 375 36.84 16.50 -5.10
C MET B 375 37.48 17.86 -4.88
N ASN B 376 38.07 18.04 -3.70
CA ASN B 376 38.55 19.34 -3.24
C ASN B 376 37.45 20.39 -3.36
N ALA B 377 36.36 20.14 -2.63
CA ALA B 377 35.20 21.02 -2.70
C ALA B 377 35.47 22.46 -2.29
N PRO B 378 36.15 22.76 -1.18
CA PRO B 378 36.40 24.18 -0.85
C PRO B 378 37.24 24.91 -1.90
N ALA B 379 38.05 24.21 -2.66
CA ALA B 379 38.84 24.85 -3.71
C ALA B 379 37.99 25.32 -4.88
N ASP B 380 36.75 24.88 -4.97
CA ASP B 380 35.86 25.31 -6.05
C ASP B 380 35.43 26.75 -5.84
N GLU B 381 35.29 27.49 -6.94
CA GLU B 381 34.90 28.89 -6.87
C GLU B 381 33.41 29.12 -7.10
N TYR B 382 32.71 28.14 -7.65
CA TYR B 382 31.31 28.33 -7.98
C TYR B 382 30.39 28.16 -6.77
N PHE B 383 30.63 27.13 -5.96
CA PHE B 383 29.68 26.76 -4.94
C PHE B 383 29.93 27.38 -3.56
N THR B 384 31.09 28.01 -3.37
CA THR B 384 31.42 28.67 -2.11
C THR B 384 31.30 27.72 -0.91
N PHE B 385 32.02 26.62 -0.99
CA PHE B 385 32.08 25.68 0.12
C PHE B 385 32.86 26.28 1.29
N GLN B 386 32.66 25.71 2.47
CA GLN B 386 33.37 26.18 3.66
C GLN B 386 34.81 25.72 3.63
N LYS B 387 35.75 26.67 3.64
CA LYS B 387 37.16 26.31 3.64
C LYS B 387 37.60 25.79 5.00
N GLY B 388 37.13 26.41 6.08
CA GLY B 388 37.51 26.00 7.41
C GLY B 388 36.60 24.93 7.96
N PRO B 389 36.70 24.66 9.27
CA PRO B 389 35.81 23.68 9.90
C PRO B 389 34.35 24.11 9.81
N VAL B 390 33.47 23.13 9.59
CA VAL B 390 32.05 23.40 9.48
C VAL B 390 31.46 23.78 10.82
N ASP B 391 31.81 23.03 11.86
CA ASP B 391 31.32 23.27 13.21
C ASP B 391 32.49 23.56 14.13
N GLU B 392 32.17 23.75 15.41
CA GLU B 392 33.22 23.95 16.41
C GLU B 392 34.08 22.69 16.53
N THR B 393 33.47 21.51 16.45
CA THR B 393 34.23 20.28 16.30
C THR B 393 34.97 20.32 14.97
N GLY B 394 36.18 19.75 14.96
CA GLY B 394 37.00 19.85 13.77
C GLY B 394 36.61 18.87 12.68
N TRP B 395 35.95 19.36 11.64
CA TRP B 395 35.58 18.55 10.48
C TRP B 395 35.53 19.45 9.26
N VAL B 396 36.36 19.13 8.27
CA VAL B 396 36.51 19.93 7.07
C VAL B 396 35.98 19.14 5.89
N ILE B 397 35.09 19.77 5.11
CA ILE B 397 34.54 19.10 3.94
C ILE B 397 35.62 19.00 2.87
N LYS B 398 35.84 17.79 2.38
CA LYS B 398 36.86 17.51 1.37
C LYS B 398 36.28 17.03 0.05
N ASN B 399 35.46 15.98 0.08
CA ASN B 399 34.84 15.43 -1.12
C ASN B 399 33.34 15.30 -0.88
N VAL B 400 32.55 15.65 -1.89
CA VAL B 400 31.10 15.66 -1.79
C VAL B 400 30.50 14.86 -2.94
N LEU B 401 29.41 14.14 -2.65
CA LEU B 401 28.65 13.43 -3.67
C LEU B 401 27.17 13.68 -3.40
N SER B 402 26.52 14.38 -4.32
CA SER B 402 25.13 14.79 -4.16
C SER B 402 24.29 14.21 -5.29
N LEU B 403 23.19 13.54 -4.93
CA LEU B 403 22.31 12.90 -5.89
C LEU B 403 20.86 13.26 -5.60
N PRO B 404 20.02 13.30 -6.63
CA PRO B 404 18.59 13.54 -6.41
C PRO B 404 17.78 12.26 -6.30
N ILE B 405 16.72 12.34 -5.51
CA ILE B 405 15.73 11.28 -5.39
C ILE B 405 14.55 11.65 -6.27
N VAL B 406 14.11 10.73 -7.10
CA VAL B 406 13.19 11.03 -8.21
C VAL B 406 11.93 10.19 -8.07
N ASN B 407 10.78 10.85 -8.17
CA ASN B 407 9.46 10.25 -8.07
C ASN B 407 9.17 9.48 -9.35
N LYS B 408 8.00 8.81 -9.39
CA LYS B 408 7.60 8.08 -10.59
C LYS B 408 7.39 9.01 -11.78
N LYS B 409 6.80 10.19 -11.53
CA LYS B 409 6.59 11.18 -12.57
C LYS B 409 7.80 12.06 -12.82
N GLU B 410 8.98 11.59 -12.41
CA GLU B 410 10.27 12.26 -12.60
C GLU B 410 10.38 13.58 -11.86
N ASP B 411 9.60 13.78 -10.81
CA ASP B 411 9.77 14.95 -9.97
C ASP B 411 10.87 14.72 -8.93
N ILE B 412 11.50 15.79 -8.49
CA ILE B 412 12.55 15.73 -7.49
C ILE B 412 11.90 15.78 -6.11
N VAL B 413 12.07 14.72 -5.34
CA VAL B 413 11.48 14.63 -4.01
C VAL B 413 12.47 15.02 -2.92
N GLY B 414 13.72 14.61 -3.05
CA GLY B 414 14.73 14.95 -2.08
C GLY B 414 16.10 15.01 -2.73
N VAL B 415 17.07 15.49 -1.95
CA VAL B 415 18.45 15.54 -2.37
C VAL B 415 19.30 14.88 -1.30
N ALA B 416 20.04 13.84 -1.66
CA ALA B 416 20.91 13.14 -0.73
C ALA B 416 22.34 13.56 -0.99
N THR B 417 23.03 13.98 0.05
CA THR B 417 24.40 14.49 -0.05
C THR B 417 25.30 13.67 0.86
N PHE B 418 26.34 13.08 0.28
CA PHE B 418 27.29 12.25 1.00
C PHE B 418 28.64 12.95 1.02
N TYR B 419 29.16 13.19 2.21
CA TYR B 419 30.39 13.97 2.37
C TYR B 419 31.59 13.02 2.44
N ASN B 420 32.76 13.53 2.86
CA ASN B 420 34.04 12.90 2.57
C ASN B 420 34.12 11.47 3.08
N ARG B 421 34.82 10.63 2.31
CA ARG B 421 34.87 9.20 2.60
C ARG B 421 35.66 8.92 3.86
N LYS B 422 35.46 7.72 4.41
CA LYS B 422 36.17 7.32 5.63
C LYS B 422 37.68 7.29 5.40
N ASP B 423 38.11 6.73 4.29
CA ASP B 423 39.49 6.88 3.86
C ASP B 423 39.64 8.19 3.09
N GLY B 424 40.89 8.61 2.90
CA GLY B 424 41.15 9.89 2.29
C GLY B 424 40.87 9.95 0.80
N LYS B 425 40.63 8.82 0.17
CA LYS B 425 40.44 8.78 -1.27
C LYS B 425 39.16 9.51 -1.67
N PRO B 426 39.11 10.07 -2.88
CA PRO B 426 37.87 10.71 -3.35
C PRO B 426 36.79 9.71 -3.68
N PHE B 427 35.66 10.19 -4.21
CA PHE B 427 34.56 9.32 -4.58
C PHE B 427 34.80 8.75 -5.97
N ASP B 428 35.02 7.44 -6.05
CA ASP B 428 35.19 6.78 -7.33
C ASP B 428 33.84 6.63 -8.04
N GLU B 429 33.85 5.96 -9.18
CA GLU B 429 32.60 5.66 -9.86
C GLU B 429 31.79 4.59 -9.13
N HIS B 430 32.43 3.76 -8.32
CA HIS B 430 31.70 2.70 -7.64
C HIS B 430 30.87 3.24 -6.48
N ASP B 431 31.37 4.28 -5.80
CA ASP B 431 30.56 4.93 -4.78
C ASP B 431 29.36 5.63 -5.40
N GLU B 432 29.55 6.22 -6.58
CA GLU B 432 28.41 6.79 -7.31
C GLU B 432 27.41 5.71 -7.68
N TYR B 433 27.92 4.53 -8.08
CA TYR B 433 27.06 3.39 -8.40
C TYR B 433 26.22 2.99 -7.20
N ILE B 434 26.86 2.85 -6.03
CA ILE B 434 26.18 2.41 -4.83
C ILE B 434 25.13 3.42 -4.39
N THR B 435 25.51 4.70 -4.35
CA THR B 435 24.58 5.74 -3.90
C THR B 435 23.44 5.93 -4.90
N GLU B 436 23.70 5.77 -6.20
CA GLU B 436 22.62 5.86 -7.16
C GLU B 436 21.64 4.71 -7.02
N THR B 437 22.13 3.49 -6.73
CA THR B 437 21.21 2.40 -6.47
C THR B 437 20.36 2.67 -5.24
N LEU B 438 20.97 3.22 -4.19
CA LEU B 438 20.21 3.55 -2.98
C LEU B 438 19.12 4.59 -3.28
N THR B 439 19.48 5.64 -4.01
CA THR B 439 18.50 6.69 -4.30
C THR B 439 17.39 6.18 -5.21
N GLN B 440 17.72 5.29 -6.16
CA GLN B 440 16.68 4.69 -6.99
C GLN B 440 15.73 3.85 -6.17
N PHE B 441 16.25 3.08 -5.20
CA PHE B 441 15.38 2.30 -4.34
C PHE B 441 14.45 3.21 -3.53
N LEU B 442 14.97 4.31 -2.99
CA LEU B 442 14.11 5.22 -2.24
C LEU B 442 13.04 5.85 -3.13
N GLY B 443 13.42 6.26 -4.34
CA GLY B 443 12.45 6.80 -5.27
C GLY B 443 11.37 5.81 -5.64
N TRP B 444 11.69 4.52 -5.67
CA TRP B 444 10.66 3.52 -5.93
C TRP B 444 9.78 3.28 -4.70
N SER B 445 10.35 3.31 -3.49
CA SER B 445 9.55 3.16 -2.28
C SER B 445 8.63 4.35 -2.03
N LEU B 446 8.84 5.44 -2.76
CA LEU B 446 7.86 6.53 -2.75
C LEU B 446 6.46 6.04 -3.12
N LEU B 447 6.36 4.97 -3.91
CA LEU B 447 5.04 4.40 -4.19
C LEU B 447 4.39 3.85 -2.92
N ASN B 448 5.17 3.19 -2.07
CA ASN B 448 4.63 2.72 -0.80
C ASN B 448 4.16 3.90 0.06
N THR B 449 4.94 4.98 0.08
CA THR B 449 4.51 6.15 0.84
C THR B 449 3.21 6.74 0.29
N ASP B 450 3.10 6.85 -1.04
CA ASP B 450 1.89 7.39 -1.65
C ASP B 450 0.68 6.50 -1.37
N THR B 451 0.88 5.18 -1.41
CA THR B 451 -0.20 4.25 -1.07
C THR B 451 -0.60 4.39 0.38
N TYR B 452 0.35 4.65 1.28
CA TYR B 452 0.00 4.88 2.68
C TYR B 452 -0.88 6.10 2.83
N ASP B 453 -0.54 7.20 2.14
CA ASP B 453 -1.37 8.39 2.22
C ASP B 453 -2.76 8.16 1.62
N LYS B 454 -2.82 7.47 0.48
CA LYS B 454 -4.11 7.23 -0.17
C LYS B 454 -4.99 6.32 0.68
N MET B 455 -4.39 5.32 1.34
CA MET B 455 -5.11 4.50 2.31
C MET B 455 -5.65 5.31 3.46
N ASN B 456 -4.86 6.25 3.99
CA ASN B 456 -5.36 7.09 5.07
C ASN B 456 -6.55 7.92 4.63
N LYS B 457 -6.48 8.49 3.42
CA LYS B 457 -7.61 9.27 2.91
C LYS B 457 -8.84 8.40 2.71
N LEU B 458 -8.67 7.20 2.16
CA LEU B 458 -9.80 6.29 1.97
C LEU B 458 -10.43 5.89 3.29
N GLU B 459 -9.62 5.58 4.30
CA GLU B 459 -10.17 5.22 5.61
C GLU B 459 -10.95 6.36 6.22
N ASN B 460 -10.41 7.59 6.13
CA ASN B 460 -11.13 8.73 6.69
C ASN B 460 -12.42 9.00 5.94
N ARG B 461 -12.41 8.87 4.61
CA ARG B 461 -13.62 9.10 3.83
C ARG B 461 -14.67 8.04 4.12
N LYS B 462 -14.25 6.78 4.28
CA LYS B 462 -15.19 5.73 4.64
C LYS B 462 -15.80 5.97 6.01
N ASP B 463 -14.97 6.39 6.99
CA ASP B 463 -15.50 6.70 8.31
C ASP B 463 -16.51 7.83 8.27
N ILE B 464 -16.20 8.89 7.51
CA ILE B 464 -17.11 10.02 7.39
C ILE B 464 -18.42 9.59 6.76
N ALA B 465 -18.33 8.83 5.67
CA ALA B 465 -19.55 8.39 4.97
C ALA B 465 -20.41 7.50 5.86
N GLN B 466 -19.78 6.61 6.63
CA GLN B 466 -20.54 5.73 7.51
C GLN B 466 -21.20 6.53 8.64
N GLU B 467 -20.51 7.52 9.19
CA GLU B 467 -21.13 8.35 10.23
C GLU B 467 -22.31 9.14 9.68
N MET B 468 -22.15 9.74 8.49
CA MET B 468 -23.25 10.47 7.87
C MET B 468 -24.43 9.56 7.60
N LEU B 469 -24.17 8.35 7.08
CA LEU B 469 -25.23 7.39 6.81
C LEU B 469 -25.93 6.97 8.09
N MET B 470 -25.18 6.75 9.16
CA MET B 470 -25.80 6.36 10.43
C MET B 470 -26.66 7.47 10.99
N ASN B 471 -26.22 8.73 10.84
CA ASN B 471 -27.04 9.84 11.28
C ASN B 471 -28.33 9.92 10.47
N GLN B 472 -28.25 9.70 9.17
CA GLN B 472 -29.47 9.75 8.34
C GLN B 472 -30.41 8.60 8.66
N THR B 473 -29.87 7.40 8.89
CA THR B 473 -30.71 6.23 9.09
C THR B 473 -31.32 6.18 10.49
N LYS B 474 -30.58 6.61 11.51
CA LYS B 474 -31.02 6.46 12.89
C LYS B 474 -32.31 7.23 13.14
N ALA B 475 -33.16 6.68 14.00
CA ALA B 475 -34.45 7.30 14.30
C ALA B 475 -34.24 8.55 15.14
N THR B 476 -34.85 9.65 14.70
CA THR B 476 -34.79 10.90 15.45
C THR B 476 -35.62 10.78 16.72
N PRO B 477 -35.36 11.63 17.71
CA PRO B 477 -36.17 11.58 18.95
C PRO B 477 -37.65 11.82 18.71
N GLU B 478 -38.01 12.56 17.67
CA GLU B 478 -39.43 12.76 17.36
C GLU B 478 -40.09 11.45 16.94
N GLU B 479 -39.38 10.63 16.15
CA GLU B 479 -39.94 9.35 15.73
C GLU B 479 -40.07 8.39 16.90
N ILE B 480 -39.11 8.39 17.82
CA ILE B 480 -39.24 7.58 19.03
C ILE B 480 -40.41 8.07 19.87
N LYS B 481 -40.58 9.38 19.98
CA LYS B 481 -41.68 9.95 20.74
C LYS B 481 -43.04 9.54 20.18
N SER B 482 -43.11 9.14 18.92
CA SER B 482 -44.36 8.66 18.35
C SER B 482 -44.70 7.25 18.82
N ILE B 483 -43.74 6.52 19.38
CA ILE B 483 -43.98 5.20 19.95
C ILE B 483 -43.86 5.22 21.47
N LEU B 484 -42.75 5.72 22.00
CA LEU B 484 -42.54 5.83 23.44
C LEU B 484 -42.99 7.21 23.90
N LYS B 485 -44.31 7.33 24.08
CA LYS B 485 -44.92 8.64 24.44
C LYS B 485 -44.64 8.97 25.90
N PHE B 486 -43.38 9.22 26.24
CA PHE B 486 -43.00 9.48 27.65
C PHE B 486 -43.71 10.75 28.13
N GLN B 487 -43.81 11.78 27.30
CA GLN B 487 -44.41 13.04 27.82
C GLN B 487 -45.94 12.93 27.96
N GLU B 488 -46.68 12.50 26.93
CA GLU B 488 -48.13 12.55 27.02
C GLU B 488 -48.67 11.69 28.17
N LYS B 489 -47.79 10.93 28.83
CA LYS B 489 -48.26 9.99 29.84
C LYS B 489 -47.59 10.20 31.19
N LEU B 490 -46.40 10.80 31.20
CA LEU B 490 -45.69 11.05 32.46
C LEU B 490 -45.49 12.53 32.76
N ASN B 491 -45.83 13.43 31.83
CA ASN B 491 -45.66 14.87 31.99
C ASN B 491 -44.21 15.21 32.34
N VAL B 492 -43.27 14.54 31.68
CA VAL B 492 -41.84 14.74 31.90
C VAL B 492 -41.28 15.44 30.67
N ASP B 493 -40.25 16.26 30.90
CA ASP B 493 -39.61 17.02 29.84
C ASP B 493 -38.86 16.09 28.88
N VAL B 494 -38.19 16.70 27.91
CA VAL B 494 -37.47 15.93 26.89
C VAL B 494 -36.38 15.08 27.54
N ILE B 495 -35.73 15.60 28.57
CA ILE B 495 -34.68 14.85 29.27
C ILE B 495 -35.29 13.66 29.98
N ASP B 496 -34.72 12.48 29.75
CA ASP B 496 -35.23 11.23 30.32
C ASP B 496 -34.54 10.97 31.65
N ASP B 497 -35.25 11.23 32.74
CA ASP B 497 -34.82 10.82 34.08
C ASP B 497 -35.74 9.75 34.65
N CYS B 498 -36.62 9.18 33.83
CA CYS B 498 -37.58 8.19 34.30
C CYS B 498 -36.89 6.87 34.60
N GLU B 499 -37.48 6.11 35.51
CA GLU B 499 -37.02 4.76 35.77
C GLU B 499 -37.31 3.88 34.55
N GLU B 500 -36.51 2.82 34.38
CA GLU B 500 -36.72 1.92 33.26
C GLU B 500 -38.05 1.20 33.38
N LYS B 501 -38.41 0.76 34.59
CA LYS B 501 -39.66 0.02 34.79
C LYS B 501 -40.87 0.86 34.43
N GLN B 502 -40.81 2.17 34.70
CA GLN B 502 -41.89 3.06 34.29
C GLN B 502 -42.03 3.10 32.77
N LEU B 503 -40.90 3.16 32.07
CA LEU B 503 -40.93 3.14 30.61
C LEU B 503 -41.50 1.82 30.09
N VAL B 504 -41.12 0.70 30.71
CA VAL B 504 -41.69 -0.59 30.33
C VAL B 504 -43.19 -0.60 30.53
N ALA B 505 -43.65 -0.10 31.67
CA ALA B 505 -45.07 -0.11 31.99
C ALA B 505 -45.87 0.73 31.01
N ILE B 506 -45.36 1.92 30.67
CA ILE B 506 -46.13 2.78 29.78
C ILE B 506 -45.99 2.38 28.31
N LEU B 507 -44.93 1.65 27.95
CA LEU B 507 -44.85 1.13 26.59
C LEU B 507 -45.74 -0.09 26.40
N LYS B 508 -45.86 -0.94 27.43
CA LYS B 508 -46.68 -2.14 27.31
C LYS B 508 -48.17 -1.84 27.23
N GLU B 509 -48.58 -0.59 27.49
CA GLU B 509 -49.97 -0.21 27.33
C GLU B 509 -50.28 0.38 25.95
N ASP B 510 -49.27 0.86 25.23
CA ASP B 510 -49.47 1.47 23.93
C ASP B 510 -49.13 0.55 22.77
N LEU B 511 -48.71 -0.67 23.06
CA LEU B 511 -48.38 -1.62 22.01
C LEU B 511 -49.59 -2.47 21.65
N PRO B 512 -49.66 -2.98 20.43
CA PRO B 512 -50.82 -3.79 20.03
C PRO B 512 -50.95 -5.06 20.85
N ASP B 513 -52.18 -5.52 21.00
CA ASP B 513 -52.45 -6.72 21.77
C ASP B 513 -51.91 -7.93 21.02
N PRO B 514 -51.03 -8.73 21.62
CA PRO B 514 -50.54 -9.93 20.92
C PRO B 514 -51.63 -10.93 20.58
N ARG B 515 -52.63 -11.09 21.44
CA ARG B 515 -53.68 -12.06 21.16
C ARG B 515 -54.56 -11.58 20.02
N SER B 516 -54.83 -10.28 19.95
CA SER B 516 -55.48 -9.69 18.79
C SER B 516 -54.48 -9.55 17.64
N ALA B 517 -55.01 -9.19 16.47
CA ALA B 517 -54.24 -9.02 15.24
C ALA B 517 -53.50 -10.28 14.82
N GLU B 518 -53.85 -11.42 15.42
CA GLU B 518 -53.24 -12.74 15.18
C GLU B 518 -51.74 -12.66 14.95
N LEU B 519 -51.03 -12.12 15.95
CA LEU B 519 -49.57 -12.14 15.90
C LEU B 519 -49.01 -13.54 16.13
N TYR B 520 -49.77 -14.42 16.78
CA TYR B 520 -49.32 -15.76 17.11
C TYR B 520 -49.62 -16.78 16.03
N GLU B 521 -50.37 -16.42 14.99
CA GLU B 521 -50.88 -17.37 14.02
C GLU B 521 -50.07 -17.33 12.72
N PHE B 522 -50.19 -18.41 11.96
CA PHE B 522 -49.55 -18.49 10.65
C PHE B 522 -50.32 -17.73 9.57
N ARG B 523 -51.57 -17.35 9.83
CA ARG B 523 -52.41 -16.70 8.84
C ARG B 523 -52.30 -15.18 8.88
N PHE B 524 -51.36 -14.65 9.66
CA PHE B 524 -51.23 -13.21 9.85
C PHE B 524 -50.98 -12.51 8.53
N SER B 525 -51.71 -11.41 8.30
CA SER B 525 -51.56 -10.59 7.11
C SER B 525 -51.32 -9.15 7.54
N ASP B 526 -50.26 -8.54 7.02
CA ASP B 526 -49.88 -7.18 7.37
C ASP B 526 -50.58 -6.13 6.52
N PHE B 527 -51.45 -6.55 5.59
CA PHE B 527 -52.13 -5.59 4.73
C PHE B 527 -53.02 -4.60 5.49
N PRO B 528 -53.83 -4.99 6.46
CA PRO B 528 -54.59 -3.99 7.24
C PRO B 528 -53.78 -3.25 8.29
N LEU B 529 -52.46 -3.36 8.28
CA LEU B 529 -51.60 -2.70 9.25
C LEU B 529 -50.67 -1.73 8.53
N THR B 530 -50.58 -0.50 9.04
CA THR B 530 -49.60 0.45 8.54
C THR B 530 -48.22 0.13 9.11
N GLU B 531 -47.19 0.73 8.53
CA GLU B 531 -45.82 0.36 8.87
C GLU B 531 -45.44 0.79 10.29
N HIS B 532 -45.99 1.91 10.77
CA HIS B 532 -45.84 2.25 12.18
C HIS B 532 -46.46 1.18 13.07
N GLY B 533 -47.63 0.69 12.68
CA GLY B 533 -48.22 -0.45 13.38
C GLY B 533 -47.33 -1.66 13.34
N LEU B 534 -46.61 -1.88 12.24
CA LEU B 534 -45.68 -2.99 12.16
C LEU B 534 -44.51 -2.82 13.14
N ILE B 535 -44.00 -1.60 13.28
CA ILE B 535 -42.93 -1.36 14.25
C ILE B 535 -43.42 -1.63 15.67
N LYS B 536 -44.62 -1.13 15.98
CA LYS B 536 -45.19 -1.37 17.30
C LYS B 536 -45.39 -2.86 17.56
N CYS B 537 -45.88 -3.59 16.55
CA CYS B 537 -46.09 -5.03 16.68
C CYS B 537 -44.77 -5.77 16.87
N GLY B 538 -43.71 -5.33 16.19
CA GLY B 538 -42.43 -5.98 16.38
C GLY B 538 -41.84 -5.76 17.75
N ILE B 539 -41.98 -4.55 18.28
CA ILE B 539 -41.53 -4.31 19.65
C ILE B 539 -42.36 -5.13 20.64
N ARG B 540 -43.65 -5.29 20.34
CA ARG B 540 -44.49 -6.18 21.14
C ARG B 540 -43.99 -7.63 21.07
N LEU B 541 -43.58 -8.07 19.88
CA LEU B 541 -43.04 -9.42 19.72
C LEU B 541 -41.79 -9.61 20.57
N PHE B 542 -40.91 -8.61 20.58
CA PHE B 542 -39.73 -8.69 21.42
C PHE B 542 -40.10 -8.74 22.89
N PHE B 543 -41.13 -7.99 23.29
CA PHE B 543 -41.62 -8.09 24.66
C PHE B 543 -42.22 -9.45 24.97
N GLU B 544 -42.73 -10.14 23.96
CA GLU B 544 -43.49 -11.36 24.18
C GLU B 544 -42.61 -12.57 24.51
N ILE B 545 -41.40 -12.65 23.94
CA ILE B 545 -40.52 -13.77 24.24
C ILE B 545 -39.78 -13.60 25.55
N ASN B 546 -40.06 -12.53 26.30
CA ASN B 546 -39.51 -12.29 27.63
C ASN B 546 -37.97 -12.24 27.61
N VAL B 547 -37.45 -11.25 26.89
CA VAL B 547 -36.02 -11.01 26.86
C VAL B 547 -35.63 -9.60 27.28
N VAL B 548 -36.55 -8.63 27.28
CA VAL B 548 -36.20 -7.27 27.65
C VAL B 548 -35.91 -7.19 29.15
N GLU B 549 -36.75 -7.82 29.97
CA GLU B 549 -36.50 -7.83 31.40
C GLU B 549 -35.40 -8.82 31.78
N LYS B 550 -35.34 -9.96 31.10
CA LYS B 550 -34.35 -10.98 31.47
C LYS B 550 -32.93 -10.50 31.20
N PHE B 551 -32.70 -9.83 30.08
CA PHE B 551 -31.39 -9.34 29.70
C PHE B 551 -31.23 -7.84 29.90
N LYS B 552 -32.15 -7.23 30.67
CA LYS B 552 -32.16 -5.82 31.07
C LYS B 552 -31.73 -4.86 29.96
N VAL B 553 -32.20 -5.09 28.75
CA VAL B 553 -31.93 -4.19 27.63
C VAL B 553 -32.79 -2.94 27.81
N PRO B 554 -32.32 -1.77 27.41
CA PRO B 554 -33.12 -0.56 27.60
C PRO B 554 -34.28 -0.51 26.63
N VAL B 555 -35.39 0.06 27.10
CA VAL B 555 -36.59 0.16 26.26
C VAL B 555 -36.40 1.19 25.15
N GLU B 556 -35.83 2.34 25.47
CA GLU B 556 -35.60 3.36 24.45
C GLU B 556 -34.61 2.87 23.41
N VAL B 557 -33.60 2.10 23.84
CA VAL B 557 -32.65 1.51 22.91
C VAL B 557 -33.36 0.54 21.97
N LEU B 558 -34.27 -0.28 22.52
CA LEU B 558 -35.01 -1.21 21.68
C LEU B 558 -35.89 -0.49 20.66
N THR B 559 -36.57 0.57 21.09
CA THR B 559 -37.41 1.33 20.17
C THR B 559 -36.59 1.99 19.08
N ARG B 560 -35.45 2.59 19.44
CA ARG B 560 -34.59 3.21 18.44
C ARG B 560 -34.02 2.17 17.49
N TRP B 561 -33.66 1.00 18.02
CA TRP B 561 -33.13 -0.07 17.17
C TRP B 561 -34.17 -0.53 16.16
N MET B 562 -35.41 -0.73 16.60
CA MET B 562 -36.42 -1.22 15.66
C MET B 562 -36.80 -0.17 14.65
N TYR B 563 -36.88 1.10 15.06
CA TYR B 563 -37.20 2.15 14.10
C TYR B 563 -36.05 2.33 13.08
N THR B 564 -34.81 2.22 13.54
CA THR B 564 -33.68 2.27 12.61
C THR B 564 -33.67 1.07 11.68
N VAL B 565 -34.05 -0.10 12.17
CA VAL B 565 -34.13 -1.27 11.31
C VAL B 565 -35.20 -1.08 10.25
N ARG B 566 -36.35 -0.51 10.63
CA ARG B 566 -37.38 -0.23 9.65
C ARG B 566 -36.89 0.78 8.61
N LYS B 567 -36.20 1.83 9.06
CA LYS B 567 -35.69 2.84 8.14
C LYS B 567 -34.57 2.30 7.25
N GLY B 568 -33.89 1.24 7.68
CA GLY B 568 -32.85 0.66 6.84
C GLY B 568 -33.39 -0.08 5.64
N TYR B 569 -34.60 -0.62 5.75
CA TYR B 569 -35.23 -1.27 4.61
C TYR B 569 -35.64 -0.23 3.58
N ARG B 570 -35.30 -0.47 2.32
CA ARG B 570 -35.58 0.50 1.27
C ARG B 570 -37.05 0.46 0.89
N ALA B 571 -37.41 1.23 -0.14
CA ALA B 571 -38.77 1.32 -0.63
C ALA B 571 -39.01 0.47 -1.87
N VAL B 572 -38.37 -0.69 -1.95
CA VAL B 572 -38.50 -1.59 -3.08
C VAL B 572 -39.86 -2.27 -3.04
N THR B 573 -40.22 -2.96 -4.14
CA THR B 573 -41.58 -3.48 -4.28
C THR B 573 -41.87 -4.58 -3.26
N TYR B 574 -41.00 -5.58 -3.16
CA TYR B 574 -41.28 -6.71 -2.30
C TYR B 574 -40.39 -6.80 -1.08
N HIS B 575 -39.11 -6.44 -1.19
CA HIS B 575 -38.17 -6.60 -0.10
C HIS B 575 -38.10 -5.38 0.80
N ASN B 576 -39.22 -4.68 0.97
CA ASN B 576 -39.31 -3.53 1.86
C ASN B 576 -39.48 -4.00 3.31
N TRP B 577 -39.86 -3.07 4.18
CA TRP B 577 -39.95 -3.37 5.61
C TRP B 577 -41.03 -4.40 5.92
N ARG B 578 -42.07 -4.47 5.10
CA ARG B 578 -43.13 -5.45 5.35
C ARG B 578 -42.63 -6.88 5.20
N HIS B 579 -41.73 -7.13 4.24
CA HIS B 579 -41.13 -8.45 4.11
C HIS B 579 -40.31 -8.81 5.35
N GLY B 580 -39.49 -7.89 5.83
CA GLY B 580 -38.70 -8.16 7.02
C GLY B 580 -39.56 -8.41 8.24
N PHE B 581 -40.63 -7.63 8.40
CA PHE B 581 -41.53 -7.86 9.53
C PHE B 581 -42.26 -9.19 9.40
N ASN B 582 -42.65 -9.56 8.18
CA ASN B 582 -43.33 -10.84 7.99
C ASN B 582 -42.41 -12.00 8.34
N VAL B 583 -41.14 -11.91 7.94
CA VAL B 583 -40.19 -12.95 8.31
C VAL B 583 -39.94 -13.00 9.82
N GLY B 584 -39.82 -11.84 10.47
CA GLY B 584 -39.68 -11.81 11.92
C GLY B 584 -40.89 -12.40 12.63
N GLN B 585 -42.09 -12.06 12.15
CA GLN B 585 -43.30 -12.60 12.75
C GLN B 585 -43.40 -14.10 12.55
N THR B 586 -43.01 -14.59 11.36
CA THR B 586 -43.03 -16.03 11.13
C THR B 586 -42.02 -16.74 12.00
N MET B 587 -40.86 -16.14 12.24
CA MET B 587 -39.92 -16.70 13.19
C MET B 587 -40.52 -16.76 14.58
N PHE B 588 -41.23 -15.70 14.97
CA PHE B 588 -41.90 -15.70 16.28
C PHE B 588 -42.93 -16.82 16.37
N THR B 589 -43.71 -17.02 15.31
CA THR B 589 -44.74 -18.06 15.35
C THR B 589 -44.14 -19.45 15.34
N LEU B 590 -43.05 -19.64 14.59
CA LEU B 590 -42.35 -20.92 14.60
C LEU B 590 -41.78 -21.22 15.97
N LEU B 591 -41.25 -20.20 16.65
CA LEU B 591 -40.75 -20.40 18.00
C LEU B 591 -41.87 -20.73 18.97
N MET B 592 -42.97 -19.97 18.91
CA MET B 592 -44.01 -20.09 19.93
C MET B 592 -45.10 -21.11 19.54
N THR B 593 -45.78 -20.86 18.42
CA THR B 593 -46.86 -21.76 18.02
C THR B 593 -46.31 -23.10 17.54
N GLY B 594 -45.16 -23.08 16.86
CA GLY B 594 -44.53 -24.29 16.36
C GLY B 594 -43.77 -25.09 17.37
N ARG B 595 -43.68 -24.61 18.62
CA ARG B 595 -43.05 -25.31 19.73
C ARG B 595 -41.56 -25.58 19.50
N LEU B 596 -40.90 -24.81 18.64
CA LEU B 596 -39.47 -24.99 18.44
C LEU B 596 -38.63 -24.30 19.50
N LYS B 597 -39.24 -23.42 20.30
CA LYS B 597 -38.54 -22.75 21.39
C LYS B 597 -37.94 -23.72 22.39
N LYS B 598 -38.47 -24.94 22.46
CA LYS B 598 -37.92 -25.93 23.37
C LYS B 598 -36.52 -26.39 22.98
N TYR B 599 -36.09 -26.12 21.75
CA TYR B 599 -34.74 -26.50 21.36
C TYR B 599 -33.70 -25.41 21.60
N TYR B 600 -34.11 -24.21 21.99
CA TYR B 600 -33.19 -23.08 22.12
C TYR B 600 -33.42 -22.38 23.44
N THR B 601 -32.37 -21.72 23.93
CA THR B 601 -32.45 -20.94 25.14
C THR B 601 -33.07 -19.57 24.82
N ASP B 602 -33.30 -18.76 25.86
CA ASP B 602 -33.91 -17.46 25.66
C ASP B 602 -33.00 -16.52 24.90
N LEU B 603 -31.70 -16.59 25.16
CA LEU B 603 -30.74 -15.78 24.41
C LEU B 603 -30.73 -16.14 22.93
N GLU B 604 -30.82 -17.44 22.64
CA GLU B 604 -30.84 -17.88 21.25
C GLU B 604 -32.11 -17.40 20.55
N ALA B 605 -33.25 -17.42 21.24
CA ALA B 605 -34.48 -16.89 20.66
C ALA B 605 -34.38 -15.39 20.43
N PHE B 606 -33.75 -14.67 21.37
CA PHE B 606 -33.55 -13.24 21.22
C PHE B 606 -32.72 -12.93 19.97
N ALA B 607 -31.56 -13.57 19.85
CA ALA B 607 -30.70 -13.35 18.69
C ALA B 607 -31.36 -13.83 17.40
N MET B 608 -32.17 -14.88 17.48
CA MET B 608 -32.84 -15.41 16.31
C MET B 608 -33.91 -14.47 15.79
N LEU B 609 -34.73 -13.90 16.67
CA LEU B 609 -35.70 -12.89 16.25
C LEU B 609 -35.01 -11.65 15.71
N ALA B 610 -33.96 -11.18 16.38
CA ALA B 610 -33.26 -9.99 15.91
C ALA B 610 -32.61 -10.22 14.55
N ALA B 611 -32.12 -11.44 14.30
CA ALA B 611 -31.55 -11.76 12.99
C ALA B 611 -32.64 -11.92 11.93
N ALA B 612 -33.81 -12.41 12.32
CA ALA B 612 -34.91 -12.55 11.37
C ALA B 612 -35.42 -11.20 10.92
N PHE B 613 -35.45 -10.22 11.82
CA PHE B 613 -35.95 -8.90 11.43
C PHE B 613 -34.99 -8.20 10.47
N CYS B 614 -33.69 -8.40 10.63
CA CYS B 614 -32.68 -7.75 9.82
C CYS B 614 -32.17 -8.62 8.69
N HIS B 615 -32.84 -9.72 8.37
CA HIS B 615 -32.30 -10.69 7.43
C HIS B 615 -32.21 -10.12 6.03
N ASP B 616 -33.04 -9.13 5.70
CA ASP B 616 -33.05 -8.52 4.38
C ASP B 616 -32.85 -7.01 4.43
N ILE B 617 -32.08 -6.50 5.39
CA ILE B 617 -31.93 -5.06 5.55
C ILE B 617 -31.18 -4.49 4.36
N ASP B 618 -31.61 -3.30 3.93
CA ASP B 618 -31.00 -2.58 2.81
C ASP B 618 -30.98 -3.42 1.54
N HIS B 619 -32.12 -4.02 1.22
CA HIS B 619 -32.24 -4.78 -0.02
C HIS B 619 -32.58 -3.83 -1.17
N ARG B 620 -31.85 -3.96 -2.27
CA ARG B 620 -32.01 -3.06 -3.41
C ARG B 620 -32.99 -3.57 -4.45
N GLY B 621 -33.62 -4.73 -4.22
CA GLY B 621 -34.57 -5.28 -5.16
C GLY B 621 -33.97 -6.15 -6.24
N THR B 622 -32.66 -6.39 -6.22
CA THR B 622 -31.99 -7.24 -7.20
C THR B 622 -31.32 -8.40 -6.48
N ASN B 623 -31.40 -9.59 -7.06
CA ASN B 623 -30.88 -10.78 -6.43
C ASN B 623 -29.36 -10.86 -6.57
N ASN B 624 -28.77 -11.96 -6.08
CA ASN B 624 -27.33 -12.11 -6.10
C ASN B 624 -26.79 -12.22 -7.53
N LEU B 625 -27.57 -12.78 -8.44
CA LEU B 625 -27.13 -12.91 -9.83
C LEU B 625 -26.90 -11.54 -10.46
N TYR B 626 -27.78 -10.58 -10.19
CA TYR B 626 -27.57 -9.24 -10.73
C TYR B 626 -26.38 -8.57 -10.08
N GLN B 627 -26.10 -8.88 -8.82
CA GLN B 627 -24.89 -8.35 -8.18
C GLN B 627 -23.64 -8.90 -8.87
N MET B 628 -23.64 -10.19 -9.20
CA MET B 628 -22.47 -10.78 -9.85
C MET B 628 -22.32 -10.27 -11.28
N LYS B 629 -23.42 -10.18 -12.02
CA LYS B 629 -23.34 -9.85 -13.44
C LYS B 629 -23.00 -8.38 -13.67
N SER B 630 -23.52 -7.49 -12.83
CA SER B 630 -23.25 -6.07 -12.97
C SER B 630 -21.95 -5.65 -12.31
N THR B 631 -21.22 -6.58 -11.69
CA THR B 631 -19.97 -6.30 -10.98
C THR B 631 -20.17 -5.19 -9.94
N SER B 632 -21.17 -5.38 -9.09
CA SER B 632 -21.51 -4.42 -8.07
C SER B 632 -20.38 -4.33 -7.04
N PRO B 633 -20.27 -3.20 -6.32
CA PRO B 633 -19.33 -3.15 -5.20
C PRO B 633 -19.58 -4.23 -4.15
N LEU B 634 -20.84 -4.62 -3.95
CA LEU B 634 -21.13 -5.73 -3.06
C LEU B 634 -20.51 -7.02 -3.56
N ALA B 635 -20.58 -7.27 -4.86
CA ALA B 635 -19.99 -8.48 -5.42
C ALA B 635 -18.47 -8.48 -5.30
N ARG B 636 -17.84 -7.32 -5.42
CA ARG B 636 -16.40 -7.25 -5.27
C ARG B 636 -15.97 -7.37 -3.82
N LEU B 637 -16.78 -6.86 -2.88
CA LEU B 637 -16.42 -6.95 -1.48
C LEU B 637 -16.68 -8.35 -0.91
N HIS B 638 -17.84 -8.93 -1.23
CA HIS B 638 -18.22 -10.26 -0.76
C HIS B 638 -18.26 -11.22 -1.94
N GLY B 639 -17.55 -12.33 -1.81
CA GLY B 639 -17.50 -13.30 -2.90
C GLY B 639 -18.75 -14.14 -3.02
N SER B 640 -19.07 -14.90 -1.98
CA SER B 640 -20.22 -15.79 -1.95
C SER B 640 -21.26 -15.28 -0.98
N SER B 641 -22.53 -15.52 -1.30
CA SER B 641 -23.67 -15.02 -0.53
C SER B 641 -23.56 -13.50 -0.36
N ILE B 642 -23.61 -12.82 -1.51
CA ILE B 642 -23.31 -11.38 -1.56
C ILE B 642 -24.28 -10.59 -0.68
N LEU B 643 -25.56 -10.65 -1.00
CA LEU B 643 -26.54 -9.87 -0.27
C LEU B 643 -26.65 -10.33 1.17
N GLU B 644 -26.54 -11.65 1.42
CA GLU B 644 -26.64 -12.15 2.77
C GLU B 644 -25.52 -11.61 3.66
N ARG B 645 -24.29 -11.60 3.12
CA ARG B 645 -23.18 -11.04 3.86
C ARG B 645 -23.33 -9.54 4.05
N HIS B 646 -23.89 -8.85 3.04
CA HIS B 646 -24.14 -7.42 3.20
C HIS B 646 -25.13 -7.15 4.32
N HIS B 647 -26.22 -7.93 4.37
CA HIS B 647 -27.22 -7.76 5.42
C HIS B 647 -26.62 -8.04 6.79
N LEU B 648 -25.81 -9.10 6.89
CA LEU B 648 -25.16 -9.41 8.16
C LEU B 648 -24.21 -8.31 8.60
N GLU B 649 -23.41 -7.79 7.66
CA GLU B 649 -22.47 -6.72 7.98
C GLU B 649 -23.20 -5.46 8.43
N TYR B 650 -24.27 -5.10 7.75
CA TYR B 650 -24.99 -3.88 8.11
C TYR B 650 -25.74 -4.06 9.44
N SER B 651 -26.24 -5.26 9.72
CA SER B 651 -26.87 -5.52 11.01
C SER B 651 -25.87 -5.42 12.15
N LYS B 652 -24.66 -5.97 11.97
CA LYS B 652 -23.65 -5.85 13.00
C LYS B 652 -23.18 -4.40 13.15
N THR B 653 -23.13 -3.65 12.05
CA THR B 653 -22.80 -2.22 12.13
C THR B 653 -23.84 -1.46 12.93
N LEU B 654 -25.12 -1.79 12.73
CA LEU B 654 -26.16 -1.18 13.54
C LEU B 654 -26.01 -1.56 15.01
N LEU B 655 -25.67 -2.81 15.28
CA LEU B 655 -25.50 -3.25 16.66
C LEU B 655 -24.26 -2.66 17.34
N GLN B 656 -23.30 -2.17 16.56
CA GLN B 656 -22.08 -1.63 17.16
C GLN B 656 -22.35 -0.34 17.92
N ASP B 657 -23.29 0.48 17.45
CA ASP B 657 -23.57 1.76 18.10
C ASP B 657 -24.26 1.55 19.45
N GLU B 658 -23.80 2.29 20.46
CA GLU B 658 -24.30 2.07 21.82
C GLU B 658 -25.76 2.49 21.96
N SER B 659 -26.20 3.51 21.23
CA SER B 659 -27.59 3.93 21.28
C SER B 659 -28.51 2.95 20.55
N LEU B 660 -27.97 2.07 19.71
CA LEU B 660 -28.74 1.06 19.00
C LEU B 660 -28.43 -0.35 19.48
N ASN B 661 -27.44 -0.53 20.35
CA ASN B 661 -27.00 -1.86 20.76
C ASN B 661 -28.09 -2.48 21.63
N ILE B 662 -28.88 -3.37 21.01
CA ILE B 662 -29.94 -4.05 21.75
C ILE B 662 -29.37 -5.14 22.65
N PHE B 663 -28.14 -5.57 22.41
CA PHE B 663 -27.45 -6.55 23.24
C PHE B 663 -26.43 -5.89 24.15
N GLN B 664 -26.79 -4.72 24.69
CA GLN B 664 -25.83 -3.87 25.39
C GLN B 664 -25.47 -4.43 26.75
N ASN B 665 -26.43 -5.01 27.45
CA ASN B 665 -26.29 -5.34 28.86
C ASN B 665 -26.03 -6.82 29.13
N LEU B 666 -25.58 -7.58 28.13
CA LEU B 666 -25.27 -8.98 28.32
C LEU B 666 -23.77 -9.21 28.34
N ASN B 667 -23.39 -10.42 28.72
CA ASN B 667 -21.99 -10.78 28.94
C ASN B 667 -21.23 -10.85 27.62
N LYS B 668 -19.90 -10.92 27.72
CA LYS B 668 -19.07 -10.98 26.52
C LYS B 668 -19.24 -12.30 25.80
N ARG B 669 -19.27 -13.41 26.55
CA ARG B 669 -19.51 -14.72 25.94
C ARG B 669 -20.88 -14.78 25.30
N GLN B 670 -21.88 -14.22 25.97
CA GLN B 670 -23.21 -14.12 25.38
C GLN B 670 -23.19 -13.31 24.09
N PHE B 671 -22.37 -12.24 24.06
CA PHE B 671 -22.30 -11.44 22.85
C PHE B 671 -21.63 -12.21 21.71
N GLU B 672 -20.59 -12.99 22.01
CA GLU B 672 -19.98 -13.81 20.96
C GLU B 672 -20.97 -14.84 20.43
N THR B 673 -21.74 -15.46 21.33
CA THR B 673 -22.76 -16.41 20.90
C THR B 673 -23.82 -15.72 20.05
N VAL B 674 -24.24 -14.52 20.44
CA VAL B 674 -25.26 -13.79 19.69
C VAL B 674 -24.77 -13.39 18.32
N ILE B 675 -23.51 -12.96 18.22
CA ILE B 675 -22.94 -12.60 16.93
C ILE B 675 -22.85 -13.82 16.02
N HIS B 676 -22.42 -14.96 16.57
CA HIS B 676 -22.35 -16.17 15.76
C HIS B 676 -23.73 -16.60 15.29
N LEU B 677 -24.73 -16.53 16.16
CA LEU B 677 -26.09 -16.89 15.77
C LEU B 677 -26.63 -15.92 14.72
N PHE B 678 -26.30 -14.64 14.86
CA PHE B 678 -26.66 -13.64 13.86
C PHE B 678 -26.10 -14.04 12.49
N GLU B 679 -24.81 -14.40 12.46
CA GLU B 679 -24.18 -14.78 11.22
C GLU B 679 -24.84 -16.01 10.61
N VAL B 680 -25.06 -17.03 11.44
CA VAL B 680 -25.65 -18.27 10.93
C VAL B 680 -27.04 -18.02 10.37
N ALA B 681 -27.88 -17.32 11.14
CA ALA B 681 -29.26 -17.09 10.72
C ALA B 681 -29.34 -16.24 9.46
N ILE B 682 -28.53 -15.18 9.36
CA ILE B 682 -28.62 -14.32 8.20
C ILE B 682 -28.05 -15.00 6.96
N ILE B 683 -26.90 -15.68 7.09
CA ILE B 683 -26.32 -16.34 5.93
C ILE B 683 -27.20 -17.50 5.47
N ALA B 684 -27.97 -18.11 6.38
CA ALA B 684 -28.79 -19.26 6.03
C ALA B 684 -29.89 -18.94 5.03
N THR B 685 -30.26 -17.65 4.87
CA THR B 685 -31.32 -17.30 3.94
C THR B 685 -30.89 -17.41 2.48
N ASP B 686 -29.61 -17.63 2.20
CA ASP B 686 -29.18 -17.95 0.85
C ASP B 686 -29.77 -19.30 0.45
N LEU B 687 -30.53 -19.32 -0.63
CA LEU B 687 -31.25 -20.54 -0.98
C LEU B 687 -30.33 -21.65 -1.44
N ALA B 688 -29.16 -21.30 -1.99
CA ALA B 688 -28.19 -22.34 -2.38
C ALA B 688 -27.71 -23.12 -1.16
N LEU B 689 -27.47 -22.42 -0.05
CA LEU B 689 -27.10 -23.10 1.19
C LEU B 689 -28.21 -24.02 1.67
N TYR B 690 -29.46 -23.59 1.51
CA TYR B 690 -30.59 -24.45 1.85
C TYR B 690 -30.62 -25.69 0.98
N PHE B 691 -30.41 -25.53 -0.32
CA PHE B 691 -30.36 -26.68 -1.22
C PHE B 691 -29.19 -27.61 -0.92
N LYS B 692 -28.12 -27.10 -0.31
CA LYS B 692 -27.01 -27.95 0.07
C LYS B 692 -27.22 -28.67 1.40
N LYS B 693 -27.88 -28.05 2.38
CA LYS B 693 -28.03 -28.65 3.71
C LYS B 693 -29.41 -29.25 3.96
N ARG B 694 -30.30 -29.26 2.97
CA ARG B 694 -31.61 -29.86 3.15
C ARG B 694 -31.52 -31.35 3.46
N THR B 695 -30.57 -32.04 2.83
CA THR B 695 -30.41 -33.47 3.09
C THR B 695 -29.98 -33.74 4.53
N MET B 696 -29.08 -32.90 5.06
CA MET B 696 -28.66 -33.05 6.45
C MET B 696 -29.82 -32.79 7.40
N PHE B 697 -30.65 -31.80 7.08
CA PHE B 697 -31.84 -31.57 7.89
C PHE B 697 -32.79 -32.77 7.81
N GLN B 698 -32.94 -33.35 6.62
CA GLN B 698 -33.80 -34.52 6.46
C GLN B 698 -33.30 -35.68 7.30
N LYS B 699 -31.99 -35.88 7.34
CA LYS B 699 -31.42 -36.93 8.17
C LYS B 699 -31.66 -36.66 9.66
N ILE B 700 -31.54 -35.40 10.08
CA ILE B 700 -31.82 -35.07 11.48
C ILE B 700 -33.28 -35.36 11.81
N VAL B 701 -34.20 -34.99 10.92
CA VAL B 701 -35.62 -35.22 11.14
C VAL B 701 -35.91 -36.72 11.19
N ASP B 702 -35.29 -37.49 10.29
CA ASP B 702 -35.49 -38.94 10.27
C ASP B 702 -34.99 -39.57 11.56
N ALA B 703 -33.85 -39.11 12.06
CA ALA B 703 -33.34 -39.62 13.33
C ALA B 703 -34.27 -39.26 14.49
N CYS B 704 -34.79 -38.03 14.49
CA CYS B 704 -35.66 -37.59 15.59
C CYS B 704 -37.04 -38.24 15.54
N GLU B 705 -37.47 -38.69 14.36
CA GLU B 705 -38.81 -39.26 14.24
C GLU B 705 -38.93 -40.60 14.97
N GLN B 706 -37.85 -41.38 15.00
CA GLN B 706 -37.92 -42.73 15.54
C GLN B 706 -38.12 -42.77 17.05
N MET B 707 -37.65 -41.75 17.77
CA MET B 707 -37.82 -41.75 19.22
C MET B 707 -39.27 -41.52 19.60
N GLN B 708 -39.74 -42.26 20.61
CA GLN B 708 -41.11 -42.18 21.07
C GLN B 708 -41.31 -41.24 22.24
N THR B 709 -40.25 -40.63 22.75
CA THR B 709 -40.31 -39.70 23.87
C THR B 709 -39.89 -38.33 23.40
N GLU B 710 -40.70 -37.31 23.73
CA GLU B 710 -40.37 -35.95 23.33
C GLU B 710 -39.10 -35.46 24.01
N GLU B 711 -38.95 -35.76 25.30
CA GLU B 711 -37.78 -35.30 26.04
C GLU B 711 -36.50 -35.89 25.49
N GLU B 712 -36.55 -37.14 25.04
CA GLU B 712 -35.34 -37.78 24.54
C GLU B 712 -34.95 -37.23 23.18
N ALA B 713 -35.92 -36.87 22.34
CA ALA B 713 -35.62 -36.17 21.10
C ALA B 713 -35.06 -34.78 21.36
N ILE B 714 -35.61 -34.07 22.35
CA ILE B 714 -35.06 -32.77 22.74
C ILE B 714 -33.61 -32.92 23.18
N LYS B 715 -33.33 -33.95 23.98
CA LYS B 715 -31.96 -34.19 24.43
C LYS B 715 -31.04 -34.54 23.27
N TYR B 716 -31.54 -35.32 22.31
CA TYR B 716 -30.73 -35.67 21.14
C TYR B 716 -30.37 -34.43 20.33
N VAL B 717 -31.31 -33.50 20.18
CA VAL B 717 -31.02 -32.29 19.42
C VAL B 717 -30.10 -31.37 20.20
N THR B 718 -30.34 -31.20 21.51
CA THR B 718 -29.71 -30.12 22.27
C THR B 718 -28.20 -30.33 22.44
N VAL B 719 -27.78 -31.56 22.79
CA VAL B 719 -26.38 -31.79 23.13
C VAL B 719 -25.43 -31.63 21.96
N ASP B 720 -25.94 -31.56 20.73
CA ASP B 720 -25.08 -31.31 19.57
C ASP B 720 -25.38 -29.92 19.02
N PRO B 721 -24.48 -28.95 19.20
CA PRO B 721 -24.75 -27.60 18.66
C PRO B 721 -24.85 -27.56 17.15
N THR B 722 -24.22 -28.49 16.45
CA THR B 722 -24.34 -28.54 14.99
C THR B 722 -25.78 -28.81 14.57
N LYS B 723 -26.46 -29.72 15.27
CA LYS B 723 -27.87 -29.99 14.94
C LYS B 723 -28.74 -28.78 15.21
N LYS B 724 -28.46 -28.05 16.29
CA LYS B 724 -29.21 -26.83 16.57
C LYS B 724 -28.99 -25.79 15.47
N GLU B 725 -27.75 -25.66 15.00
CA GLU B 725 -27.48 -24.71 13.93
C GLU B 725 -28.15 -25.11 12.62
N ILE B 726 -28.18 -26.41 12.31
CA ILE B 726 -28.84 -26.87 11.10
C ILE B 726 -30.34 -26.59 11.18
N ILE B 727 -30.95 -26.88 12.33
CA ILE B 727 -32.38 -26.61 12.49
C ILE B 727 -32.66 -25.12 12.42
N MET B 728 -31.76 -24.30 12.96
CA MET B 728 -31.92 -22.85 12.87
C MET B 728 -31.85 -22.36 11.43
N ALA B 729 -30.90 -22.89 10.66
CA ALA B 729 -30.79 -22.50 9.26
C ALA B 729 -32.04 -22.88 8.49
N MET B 730 -32.62 -24.04 8.68
CA MET B 730 -33.86 -24.31 7.93
C MET B 730 -35.05 -23.58 8.55
N MET B 731 -35.03 -23.24 9.82
CA MET B 731 -36.12 -22.43 10.40
C MET B 731 -36.11 -21.07 9.72
N MET B 732 -34.93 -20.52 9.44
CA MET B 732 -34.81 -19.18 8.82
C MET B 732 -35.17 -19.29 7.35
N THR B 733 -34.84 -20.40 6.73
CA THR B 733 -35.30 -20.61 5.35
C THR B 733 -36.82 -20.76 5.28
N ALA B 734 -37.43 -21.51 6.21
CA ALA B 734 -38.87 -21.66 6.23
C ALA B 734 -39.58 -20.35 6.50
N CYS B 735 -38.99 -19.50 7.35
CA CYS B 735 -39.55 -18.16 7.58
C CYS B 735 -39.44 -17.29 6.33
N ASP B 736 -38.31 -17.39 5.63
CA ASP B 736 -38.07 -16.52 4.48
C ASP B 736 -39.04 -16.78 3.33
N LEU B 737 -39.58 -17.98 3.22
CA LEU B 737 -40.53 -18.33 2.17
C LEU B 737 -41.95 -18.47 2.70
N SER B 738 -42.28 -17.82 3.82
CA SER B 738 -43.53 -18.10 4.51
C SER B 738 -44.74 -17.57 3.75
N ALA B 739 -44.53 -16.65 2.81
CA ALA B 739 -45.65 -16.05 2.11
C ALA B 739 -46.42 -17.08 1.28
N ILE B 740 -45.76 -18.17 0.91
CA ILE B 740 -46.42 -19.21 0.12
C ILE B 740 -47.41 -19.99 0.97
N THR B 741 -47.33 -19.85 2.30
CA THR B 741 -48.23 -20.59 3.18
C THR B 741 -49.39 -19.73 3.66
N LYS B 742 -49.46 -18.48 3.22
CA LYS B 742 -50.53 -17.57 3.61
C LYS B 742 -51.83 -17.96 2.91
N PRO B 743 -53.00 -17.51 3.42
CA PRO B 743 -54.26 -17.75 2.70
C PRO B 743 -54.27 -17.20 1.28
N TRP B 744 -55.30 -17.56 0.51
CA TRP B 744 -55.21 -17.40 -0.94
C TRP B 744 -55.12 -15.94 -1.36
N GLU B 745 -55.88 -15.05 -0.72
CA GLU B 745 -55.82 -13.64 -1.11
C GLU B 745 -54.46 -13.03 -0.79
N VAL B 746 -53.94 -13.31 0.41
CA VAL B 746 -52.63 -12.80 0.79
C VAL B 746 -51.56 -13.37 -0.13
N GLN B 747 -51.63 -14.66 -0.43
CA GLN B 747 -50.64 -15.27 -1.31
C GLN B 747 -50.72 -14.70 -2.72
N SER B 748 -51.93 -14.46 -3.22
CA SER B 748 -52.07 -13.90 -4.56
C SER B 748 -51.47 -12.49 -4.64
N GLN B 749 -51.78 -11.64 -3.67
CA GLN B 749 -51.23 -10.30 -3.68
C GLN B 749 -49.70 -10.31 -3.51
N VAL B 750 -49.19 -11.13 -2.59
CA VAL B 750 -47.75 -11.17 -2.36
C VAL B 750 -47.02 -11.75 -3.57
N ALA B 751 -47.61 -12.75 -4.21
CA ALA B 751 -47.00 -13.32 -5.41
C ALA B 751 -46.99 -12.30 -6.54
N LEU B 752 -48.03 -11.50 -6.66
CA LEU B 752 -48.01 -10.42 -7.64
C LEU B 752 -46.91 -9.42 -7.34
N MET B 753 -46.73 -9.08 -6.06
CA MET B 753 -45.65 -8.16 -5.69
C MET B 753 -44.27 -8.74 -6.01
N VAL B 754 -44.08 -10.03 -5.70
CA VAL B 754 -42.80 -10.69 -5.97
C VAL B 754 -42.54 -10.72 -7.47
N ALA B 755 -43.55 -11.08 -8.26
CA ALA B 755 -43.40 -11.12 -9.71
C ALA B 755 -43.13 -9.74 -10.26
N ASN B 756 -43.77 -8.71 -9.72
CA ASN B 756 -43.51 -7.34 -10.17
C ASN B 756 -42.07 -6.93 -9.89
N GLU B 757 -41.56 -7.27 -8.71
CA GLU B 757 -40.17 -6.95 -8.40
C GLU B 757 -39.21 -7.69 -9.34
N PHE B 758 -39.51 -8.96 -9.62
CA PHE B 758 -38.66 -9.72 -10.54
C PHE B 758 -38.74 -9.15 -11.95
N TRP B 759 -39.92 -8.66 -12.35
CA TRP B 759 -40.05 -8.07 -13.68
C TRP B 759 -39.30 -6.75 -13.78
N GLU B 760 -39.32 -5.94 -12.71
CA GLU B 760 -38.51 -4.72 -12.71
C GLU B 760 -37.03 -5.06 -12.79
N GLN B 761 -36.59 -6.09 -12.07
CA GLN B 761 -35.20 -6.50 -12.18
C GLN B 761 -34.88 -6.97 -13.58
N GLY B 762 -35.79 -7.70 -14.22
CA GLY B 762 -35.55 -8.14 -15.59
C GLY B 762 -35.50 -7.01 -16.58
N ASP B 763 -36.40 -6.03 -16.45
CA ASP B 763 -36.38 -4.87 -17.33
C ASP B 763 -35.10 -4.07 -17.15
N LEU B 764 -34.70 -3.84 -15.91
CA LEU B 764 -33.46 -3.12 -15.64
C LEU B 764 -32.24 -3.90 -16.13
N GLU B 765 -32.28 -5.23 -16.00
CA GLU B 765 -31.22 -6.08 -16.50
C GLU B 765 -31.10 -5.97 -18.01
N ARG B 766 -32.23 -5.97 -18.72
CA ARG B 766 -32.22 -5.82 -20.16
C ARG B 766 -31.74 -4.43 -20.57
N THR B 767 -32.12 -3.40 -19.79
CA THR B 767 -31.77 -2.02 -20.13
C THR B 767 -30.29 -1.74 -19.95
N VAL B 768 -29.71 -2.11 -18.80
CA VAL B 768 -28.33 -1.72 -18.51
C VAL B 768 -27.32 -2.83 -18.81
N LEU B 769 -27.72 -4.10 -18.70
CA LEU B 769 -26.83 -5.22 -18.93
C LEU B 769 -26.87 -5.74 -20.36
N GLN B 770 -27.88 -5.35 -21.14
CA GLN B 770 -28.08 -5.83 -22.51
C GLN B 770 -28.11 -7.36 -22.57
N GLN B 771 -28.81 -7.97 -21.61
CA GLN B 771 -28.94 -9.42 -21.54
C GLN B 771 -30.41 -9.79 -21.49
N GLN B 772 -30.73 -10.95 -22.07
CA GLN B 772 -32.11 -11.42 -22.08
C GLN B 772 -32.44 -12.02 -20.73
N PRO B 773 -33.48 -11.53 -20.05
CA PRO B 773 -33.86 -12.13 -18.76
C PRO B 773 -34.44 -13.51 -18.94
N ILE B 774 -34.34 -14.31 -17.88
CA ILE B 774 -34.96 -15.64 -17.84
C ILE B 774 -36.47 -15.43 -17.80
N PRO B 775 -37.28 -16.42 -18.23
CA PRO B 775 -38.73 -16.19 -18.26
C PRO B 775 -39.35 -15.90 -16.90
N MET B 776 -38.67 -16.25 -15.81
CA MET B 776 -39.19 -15.92 -14.49
C MET B 776 -39.15 -14.42 -14.23
N MET B 777 -38.08 -13.76 -14.67
CA MET B 777 -37.92 -12.32 -14.48
C MET B 777 -38.34 -11.50 -15.70
N ASP B 778 -38.86 -12.14 -16.74
CA ASP B 778 -39.25 -11.44 -17.96
C ASP B 778 -40.72 -11.03 -17.88
N ARG B 779 -40.99 -9.76 -18.18
CA ARG B 779 -42.35 -9.25 -18.06
C ARG B 779 -43.27 -9.82 -19.13
N ASN B 780 -42.74 -10.03 -20.33
CA ASN B 780 -43.56 -10.49 -21.45
C ASN B 780 -44.14 -11.88 -21.20
N LYS B 781 -43.56 -12.65 -20.28
CA LYS B 781 -44.10 -13.94 -19.90
C LYS B 781 -44.98 -13.86 -18.67
N ARG B 782 -45.66 -12.73 -18.46
CA ARG B 782 -46.45 -12.54 -17.24
C ARG B 782 -47.59 -13.55 -17.15
N ASP B 783 -48.16 -13.95 -18.29
CA ASP B 783 -49.23 -14.95 -18.27
C ASP B 783 -48.73 -16.33 -17.88
N GLU B 784 -47.41 -16.53 -17.84
CA GLU B 784 -46.82 -17.77 -17.32
C GLU B 784 -46.66 -17.74 -15.82
N LEU B 785 -47.08 -16.66 -15.15
CA LEU B 785 -46.93 -16.58 -13.70
C LEU B 785 -47.60 -17.72 -12.93
N PRO B 786 -48.85 -18.16 -13.25
CA PRO B 786 -49.42 -19.28 -12.49
C PRO B 786 -48.59 -20.55 -12.56
N LYS B 787 -48.36 -21.06 -13.77
CA LYS B 787 -47.66 -22.33 -13.94
C LYS B 787 -46.29 -22.29 -13.28
N LEU B 788 -45.51 -21.24 -13.56
CA LEU B 788 -44.21 -21.06 -12.93
C LEU B 788 -44.30 -21.13 -11.41
N GLN B 789 -45.35 -20.51 -10.84
CA GLN B 789 -45.52 -20.52 -9.40
C GLN B 789 -45.62 -21.94 -8.87
N VAL B 790 -46.36 -22.82 -9.57
CA VAL B 790 -46.51 -24.18 -9.07
C VAL B 790 -45.15 -24.87 -9.04
N GLY B 791 -44.26 -24.55 -9.99
CA GLY B 791 -42.92 -25.09 -9.93
C GLY B 791 -42.21 -24.68 -8.66
N PHE B 792 -42.33 -23.39 -8.31
CA PHE B 792 -41.75 -22.91 -7.06
C PHE B 792 -42.34 -23.67 -5.87
N ILE B 793 -43.62 -24.02 -5.95
CA ILE B 793 -44.23 -24.79 -4.86
C ILE B 793 -43.69 -26.21 -4.85
N ASP B 794 -43.41 -26.77 -6.03
CA ASP B 794 -43.06 -28.19 -6.09
C ASP B 794 -41.57 -28.41 -5.92
N PHE B 795 -40.76 -27.37 -6.08
CA PHE B 795 -39.32 -27.56 -6.12
C PHE B 795 -38.65 -27.09 -4.83
N VAL B 796 -39.08 -25.94 -4.30
CA VAL B 796 -38.34 -25.32 -3.20
C VAL B 796 -39.08 -25.49 -1.87
N CYS B 797 -40.32 -24.99 -1.80
CA CYS B 797 -40.96 -24.80 -0.51
C CYS B 797 -41.47 -26.11 0.09
N THR B 798 -41.87 -27.05 -0.78
CA THR B 798 -42.57 -28.24 -0.30
C THR B 798 -41.66 -29.11 0.56
N PHE B 799 -40.37 -29.18 0.23
CA PHE B 799 -39.45 -29.96 1.05
C PHE B 799 -39.37 -29.39 2.46
N VAL B 800 -39.17 -28.08 2.57
CA VAL B 800 -39.04 -27.46 3.88
C VAL B 800 -40.28 -27.70 4.71
N TYR B 801 -41.45 -27.45 4.13
CA TYR B 801 -42.65 -27.53 4.96
C TYR B 801 -43.07 -28.97 5.23
N LYS B 802 -42.80 -29.91 4.32
CA LYS B 802 -43.07 -31.31 4.59
C LYS B 802 -42.17 -31.84 5.70
N GLU B 803 -40.88 -31.50 5.66
CA GLU B 803 -39.99 -31.98 6.73
C GLU B 803 -40.29 -31.31 8.05
N PHE B 804 -40.74 -30.05 8.04
CA PHE B 804 -41.10 -29.44 9.31
C PHE B 804 -42.42 -29.98 9.86
N SER B 805 -43.34 -30.38 8.98
CA SER B 805 -44.56 -31.04 9.45
C SER B 805 -44.26 -32.42 10.00
N ARG B 806 -43.33 -33.14 9.37
CA ARG B 806 -42.89 -34.43 9.91
C ARG B 806 -42.20 -34.24 11.26
N PHE B 807 -41.34 -33.23 11.36
CA PHE B 807 -40.59 -32.99 12.58
C PHE B 807 -41.50 -32.52 13.71
N HIS B 808 -42.43 -31.62 13.40
CA HIS B 808 -43.35 -31.08 14.40
C HIS B 808 -44.74 -31.02 13.78
N LYS B 809 -45.73 -31.58 14.46
CA LYS B 809 -47.08 -31.55 13.93
C LYS B 809 -47.69 -30.15 14.00
N GLU B 810 -47.19 -29.30 14.88
CA GLU B 810 -47.74 -27.96 15.02
C GLU B 810 -47.40 -27.05 13.85
N ILE B 811 -46.44 -27.44 13.01
CA ILE B 811 -46.11 -26.69 11.80
C ILE B 811 -46.86 -27.32 10.64
N THR B 812 -47.78 -28.23 10.95
CA THR B 812 -48.65 -28.78 9.91
C THR B 812 -49.49 -27.74 9.17
N PRO B 813 -50.09 -26.72 9.80
CA PRO B 813 -50.90 -25.77 9.01
C PRO B 813 -50.15 -25.08 7.88
N MET B 814 -48.89 -24.70 8.11
CA MET B 814 -48.11 -24.03 7.08
C MET B 814 -48.12 -24.84 5.78
N LEU B 815 -47.63 -26.09 5.85
CA LEU B 815 -47.67 -26.98 4.70
C LEU B 815 -49.07 -27.08 4.13
N SER B 816 -50.08 -27.21 5.01
CA SER B 816 -51.45 -27.30 4.54
C SER B 816 -51.82 -26.09 3.70
N GLY B 817 -51.49 -24.89 4.21
CA GLY B 817 -51.74 -23.69 3.43
C GLY B 817 -51.05 -23.74 2.08
N LEU B 818 -49.79 -24.19 2.07
CA LEU B 818 -49.06 -24.33 0.81
C LEU B 818 -49.83 -25.20 -0.17
N GLN B 819 -50.33 -26.35 0.32
CA GLN B 819 -51.04 -27.24 -0.57
C GLN B 819 -52.28 -26.58 -1.14
N ASN B 820 -52.98 -25.80 -0.31
CA ASN B 820 -54.13 -25.06 -0.81
C ASN B 820 -53.73 -24.12 -1.94
N ASN B 821 -52.62 -23.41 -1.76
CA ASN B 821 -52.15 -22.53 -2.83
C ASN B 821 -51.80 -23.33 -4.07
N ARG B 822 -51.25 -24.53 -3.89
CA ARG B 822 -50.88 -25.33 -5.06
C ARG B 822 -52.12 -25.71 -5.86
N VAL B 823 -53.28 -25.78 -5.21
CA VAL B 823 -54.51 -25.99 -5.97
C VAL B 823 -54.82 -24.75 -6.81
N GLU B 824 -54.77 -23.57 -6.19
CA GLU B 824 -55.24 -22.36 -6.86
C GLU B 824 -54.35 -22.01 -8.05
N TRP B 825 -53.04 -22.05 -7.85
CA TRP B 825 -52.12 -21.78 -8.95
C TRP B 825 -52.21 -22.85 -10.03
N LYS B 826 -52.75 -24.03 -9.72
CA LYS B 826 -53.04 -24.98 -10.78
C LYS B 826 -54.28 -24.56 -11.56
N SER B 827 -55.31 -24.08 -10.85
CA SER B 827 -56.55 -23.69 -11.52
C SER B 827 -56.31 -22.53 -12.48
N LEU B 828 -55.42 -21.61 -12.11
CA LEU B 828 -55.07 -20.55 -13.04
C LEU B 828 -54.17 -21.07 -14.17
N ALA B 829 -53.35 -22.09 -13.89
CA ALA B 829 -52.45 -22.59 -14.91
C ALA B 829 -53.20 -23.33 -16.01
N ASP B 830 -54.08 -24.26 -15.63
CA ASP B 830 -54.84 -25.02 -16.61
C ASP B 830 -55.70 -24.10 -17.48
N GLU B 831 -56.31 -23.09 -16.85
CA GLU B 831 -57.08 -22.10 -17.60
C GLU B 831 -56.23 -21.45 -18.67
N TYR B 832 -54.96 -21.16 -18.35
CA TYR B 832 -54.06 -20.58 -19.35
C TYR B 832 -53.85 -21.54 -20.51
N ASP B 833 -53.73 -22.84 -20.22
CA ASP B 833 -53.64 -23.81 -21.30
C ASP B 833 -54.93 -23.85 -22.12
N ALA B 834 -56.07 -23.53 -21.50
CA ALA B 834 -57.31 -23.41 -22.25
C ALA B 834 -57.38 -22.10 -23.02
N LYS B 835 -56.57 -21.11 -22.65
CA LYS B 835 -56.57 -19.84 -23.36
C LYS B 835 -55.87 -19.92 -24.71
N MET B 836 -54.94 -20.85 -24.86
CA MET B 836 -54.18 -21.01 -26.10
C MET B 836 -55.09 -21.43 -27.25
N LYS C 37 32.55 31.46 -11.10
CA LYS C 37 32.90 31.00 -12.44
C LYS C 37 31.82 30.11 -13.02
N GLY C 38 32.20 28.91 -13.43
CA GLY C 38 31.25 27.96 -14.00
C GLY C 38 31.19 26.67 -13.23
N PRO C 39 30.03 26.02 -13.23
CA PRO C 39 29.92 24.74 -12.55
C PRO C 39 30.66 23.65 -13.30
N PRO C 40 31.24 22.69 -12.59
CA PRO C 40 31.89 21.56 -13.27
C PRO C 40 30.86 20.67 -13.96
N LYS C 41 31.33 19.93 -14.96
CA LYS C 41 30.47 18.99 -15.65
C LYS C 41 30.07 17.85 -14.72
N PHE C 42 28.80 17.44 -14.81
CA PHE C 42 28.25 16.40 -13.98
C PHE C 42 27.51 15.39 -14.86
N LYS C 43 27.14 14.26 -14.27
CA LYS C 43 26.56 13.16 -15.02
C LYS C 43 25.06 13.07 -14.80
N GLN C 44 24.32 12.76 -15.87
CA GLN C 44 22.88 12.61 -15.81
C GLN C 44 22.50 11.27 -15.20
N ARG C 45 21.28 11.21 -14.65
CA ARG C 45 20.80 9.97 -14.05
C ARG C 45 20.65 8.88 -15.11
N GLN C 46 20.95 7.64 -14.72
CA GLN C 46 20.89 6.52 -15.65
C GLN C 46 19.50 5.87 -15.63
N THR C 47 18.51 6.65 -16.04
CA THR C 47 17.13 6.15 -16.07
C THR C 47 16.86 5.24 -17.27
N ARG C 48 17.79 5.15 -18.22
CA ARG C 48 17.60 4.25 -19.36
C ARG C 48 17.67 2.78 -18.97
N GLN C 49 18.28 2.47 -17.82
CA GLN C 49 18.46 1.08 -17.43
C GLN C 49 17.13 0.44 -17.04
N PHE C 50 16.22 1.22 -16.45
CA PHE C 50 14.93 0.72 -16.01
C PHE C 50 13.78 1.51 -16.62
N LYS C 51 13.99 2.08 -17.81
CA LYS C 51 12.93 2.85 -18.47
C LYS C 51 11.77 1.95 -18.89
N SER C 52 12.07 0.75 -19.37
CA SER C 52 11.07 -0.24 -19.79
C SER C 52 10.11 0.32 -20.84
N ILE C 66 5.15 -9.63 -20.00
CA ILE C 66 5.19 -10.79 -19.13
C ILE C 66 4.20 -11.85 -19.64
N PRO C 67 4.72 -12.89 -20.28
CA PRO C 67 3.85 -13.97 -20.76
C PRO C 67 3.18 -14.70 -19.61
N GLY C 68 1.97 -15.18 -19.87
CA GLY C 68 1.22 -15.94 -18.88
C GLY C 68 0.42 -15.13 -17.90
N MET C 69 0.32 -13.81 -18.09
CA MET C 69 -0.47 -12.97 -17.19
C MET C 69 -1.91 -12.81 -17.64
N GLU C 70 -2.30 -13.43 -18.74
CA GLU C 70 -3.69 -13.29 -19.22
C GLU C 70 -4.68 -13.98 -18.29
N GLY C 71 -4.27 -15.08 -17.66
CA GLY C 71 -5.14 -15.79 -16.74
C GLY C 71 -4.59 -15.83 -15.33
N LEU C 72 -4.03 -14.71 -14.88
CA LEU C 72 -3.37 -14.64 -13.58
C LEU C 72 -4.00 -13.66 -12.60
N GLY C 73 -4.62 -12.59 -13.09
CA GLY C 73 -5.27 -11.62 -12.21
C GLY C 73 -6.52 -12.16 -11.54
N PHE C 85 -24.38 -29.12 -6.38
CA PHE C 85 -25.80 -29.37 -6.50
C PHE C 85 -26.09 -30.70 -7.18
N ASN C 86 -27.34 -31.14 -7.12
CA ASN C 86 -27.75 -32.39 -7.74
C ASN C 86 -27.82 -32.25 -9.26
N HIS C 87 -27.72 -33.38 -9.94
CA HIS C 87 -27.68 -33.38 -11.40
C HIS C 87 -28.99 -32.87 -11.99
N LEU C 88 -30.13 -33.34 -11.45
CA LEU C 88 -31.43 -32.92 -11.96
C LEU C 88 -31.81 -31.53 -11.47
N GLU C 89 -31.30 -31.12 -10.31
CA GLU C 89 -31.68 -29.84 -9.73
C GLU C 89 -31.14 -28.63 -10.48
N LEU C 90 -30.07 -28.81 -11.25
CA LEU C 90 -29.34 -27.65 -11.80
C LEU C 90 -30.20 -26.84 -12.75
N HIS C 91 -30.99 -27.50 -13.59
CA HIS C 91 -31.85 -26.77 -14.53
C HIS C 91 -32.87 -25.91 -13.81
N GLU C 92 -33.52 -26.48 -12.78
CA GLU C 92 -34.53 -25.73 -12.05
C GLU C 92 -33.89 -24.63 -11.20
N LEU C 93 -32.68 -24.86 -10.69
CA LEU C 93 -31.98 -23.82 -9.96
C LEU C 93 -31.65 -22.64 -10.86
N ALA C 94 -31.18 -22.92 -12.09
CA ALA C 94 -30.92 -21.85 -13.04
C ALA C 94 -32.22 -21.18 -13.48
N GLN C 95 -33.34 -21.92 -13.47
CA GLN C 95 -34.61 -21.35 -13.87
C GLN C 95 -35.09 -20.30 -12.88
N TYR C 96 -34.81 -20.48 -11.59
CA TYR C 96 -35.30 -19.60 -10.55
C TYR C 96 -34.24 -18.63 -10.04
N GLY C 97 -33.08 -18.57 -10.67
CA GLY C 97 -32.04 -17.66 -10.24
C GLY C 97 -31.42 -17.98 -8.90
N ILE C 98 -31.53 -19.23 -8.46
CA ILE C 98 -30.97 -19.62 -7.16
C ILE C 98 -29.45 -19.57 -7.20
N ILE C 99 -28.85 -20.03 -8.30
CA ILE C 99 -27.40 -20.12 -8.42
C ILE C 99 -26.75 -18.73 -8.39
N GLY D 38 14.98 -42.63 5.49
CA GLY D 38 14.80 -41.33 6.11
C GLY D 38 15.20 -40.18 5.21
N PRO D 39 14.57 -39.02 5.42
CA PRO D 39 14.92 -37.86 4.60
C PRO D 39 16.34 -37.40 4.90
N PRO D 40 17.04 -36.83 3.91
CA PRO D 40 18.36 -36.28 4.17
C PRO D 40 18.28 -35.05 5.06
N LYS D 41 19.39 -34.76 5.73
CA LYS D 41 19.49 -33.55 6.53
C LYS D 41 19.42 -32.33 5.62
N PHE D 42 18.64 -31.34 6.04
CA PHE D 42 18.38 -30.16 5.23
C PHE D 42 18.66 -28.90 6.06
N LYS D 43 18.98 -27.82 5.37
CA LYS D 43 19.38 -26.59 6.03
C LYS D 43 18.19 -25.91 6.70
N GLN D 44 18.42 -25.37 7.89
CA GLN D 44 17.43 -24.56 8.56
C GLN D 44 17.36 -23.17 7.96
N ARG D 45 16.15 -22.62 7.90
CA ARG D 45 15.95 -21.28 7.37
C ARG D 45 16.64 -20.24 8.24
N GLN D 46 17.14 -19.20 7.60
CA GLN D 46 17.85 -18.13 8.28
C GLN D 46 16.91 -16.94 8.46
N THR D 47 16.61 -16.61 9.72
CA THR D 47 15.76 -15.46 10.05
C THR D 47 16.32 -14.55 11.12
N ARG D 48 17.26 -15.02 11.96
CA ARG D 48 17.75 -14.20 13.05
C ARG D 48 18.57 -13.02 12.54
N GLN D 49 19.37 -13.22 11.49
CA GLN D 49 20.26 -12.17 11.01
C GLN D 49 19.48 -10.99 10.46
N PHE D 50 18.37 -11.25 9.76
CA PHE D 50 17.54 -10.19 9.20
C PHE D 50 16.31 -9.90 10.06
N LYS D 51 16.27 -10.42 11.29
CA LYS D 51 15.18 -10.09 12.19
C LYS D 51 15.30 -8.66 12.71
N SER D 52 16.52 -8.23 13.03
CA SER D 52 16.81 -6.89 13.56
C SER D 52 15.99 -6.57 14.81
N ASP D 65 12.71 3.65 18.12
CA ASP D 65 13.96 2.93 18.31
C ASP D 65 15.10 3.60 17.56
N ILE D 66 14.84 3.97 16.31
CA ILE D 66 15.83 4.71 15.52
C ILE D 66 15.98 6.11 16.09
N PRO D 67 17.20 6.58 16.33
CA PRO D 67 17.37 7.93 16.90
C PRO D 67 16.84 9.00 15.96
N GLY D 68 16.24 10.03 16.56
CA GLY D 68 15.69 11.13 15.80
C GLY D 68 14.31 10.90 15.22
N MET D 69 13.64 9.80 15.57
CA MET D 69 12.31 9.54 15.06
C MET D 69 11.20 10.12 15.93
N GLU D 70 11.53 10.74 17.06
CA GLU D 70 10.49 11.28 17.93
C GLU D 70 9.77 12.45 17.30
N GLY D 71 10.46 13.22 16.46
CA GLY D 71 9.84 14.37 15.82
C GLY D 71 9.73 14.24 14.32
N LEU D 72 9.90 13.02 13.80
CA LEU D 72 9.90 12.79 12.36
C LEU D 72 8.55 12.34 11.82
N GLY D 73 7.54 12.22 12.67
CA GLY D 73 6.23 11.79 12.23
C GLY D 73 5.54 12.81 11.34
N ALA D 84 0.19 35.66 10.54
CA ALA D 84 -0.85 35.76 9.52
C ALA D 84 -1.82 36.89 9.82
N PHE D 85 -2.05 37.12 11.11
CA PHE D 85 -2.92 38.20 11.58
C PHE D 85 -2.09 39.31 12.20
N ASN D 86 -2.76 40.31 12.76
CA ASN D 86 -2.09 41.44 13.40
C ASN D 86 -1.77 41.09 14.85
N HIS D 87 -1.31 42.07 15.62
CA HIS D 87 -0.89 41.82 17.00
C HIS D 87 -2.09 41.64 17.92
N LEU D 88 -3.08 42.53 17.82
CA LEU D 88 -4.24 42.44 18.70
C LEU D 88 -5.20 41.36 18.24
N GLU D 89 -5.25 41.07 16.95
CA GLU D 89 -6.15 40.05 16.43
C GLU D 89 -5.85 38.67 17.01
N LEU D 90 -4.60 38.40 17.38
CA LEU D 90 -4.22 37.06 17.80
C LEU D 90 -4.91 36.62 19.09
N HIS D 91 -5.40 37.57 19.88
CA HIS D 91 -6.14 37.21 21.09
C HIS D 91 -7.64 37.14 20.83
N GLU D 92 -8.19 38.08 20.07
CA GLU D 92 -9.63 38.09 19.81
C GLU D 92 -10.05 36.92 18.92
N LEU D 93 -9.18 36.56 18.00
CA LEU D 93 -9.57 35.46 17.09
C LEU D 93 -9.78 34.24 18.01
N ALA D 94 -9.03 34.12 19.08
CA ALA D 94 -9.22 33.02 20.06
C ALA D 94 -10.56 33.12 20.78
N GLN D 95 -10.99 34.31 21.14
CA GLN D 95 -12.23 34.44 21.93
C GLN D 95 -13.39 33.93 21.09
N TYR D 96 -13.38 34.24 19.80
CA TYR D 96 -14.49 33.86 18.88
C TYR D 96 -14.33 32.46 18.29
N GLY D 97 -13.19 31.81 18.45
CA GLY D 97 -12.94 30.50 17.84
C GLY D 97 -12.57 30.66 16.39
N ILE D 98 -12.07 31.83 15.97
CA ILE D 98 -11.87 32.01 14.54
C ILE D 98 -10.76 31.10 14.02
N ILE D 99 -9.70 30.94 14.79
CA ILE D 99 -8.56 30.12 14.37
C ILE D 99 -8.96 28.65 14.23
ZN ZN E . -23.20 29.34 7.57
MG MG F . -21.12 27.52 8.36
PA PCG G . 40.89 -41.17 0.80
O1A PCG G . 40.87 -42.34 1.86
O2A PCG G . 41.01 -39.85 1.42
O5' PCG G . 39.69 -41.44 -0.22
C5' PCG G . 39.69 -41.35 -1.62
C4' PCG G . 40.90 -42.10 -2.15
O4' PCG G . 41.16 -42.07 -3.50
C3' PCG G . 42.12 -41.53 -1.51
O3' PCG G . 42.07 -41.73 -0.16
C2' PCG G . 43.15 -42.44 -2.20
O2' PCG G . 43.23 -43.69 -1.63
C1' PCG G . 42.49 -42.52 -3.66
N9 PCG G . 43.10 -41.69 -4.71
C8 PCG G . 43.86 -40.49 -4.53
N7 PCG G . 44.27 -39.98 -5.71
C5 PCG G . 43.77 -40.86 -6.69
C6 PCG G . 43.85 -40.88 -8.08
O6 PCG G . 44.52 -39.91 -8.71
N1 PCG G . 43.27 -41.86 -8.82
C2 PCG G . 42.59 -42.83 -8.11
N2 PCG G . 41.99 -43.84 -8.89
N3 PCG G . 42.43 -42.94 -6.76
C4 PCG G . 43.04 -41.92 -6.08
ZN ZN H . -36.50 -12.49 3.03
MG MG I . -32.60 -12.18 1.38
PA PCG J . 53.12 13.48 -18.08
O1A PCG J . 53.46 14.51 -19.21
O2A PCG J . 52.17 12.45 -18.53
O5' PCG J . 52.79 14.33 -16.76
C5' PCG J . 53.30 14.17 -15.46
C4' PCG J . 54.80 13.94 -15.55
O4' PCG J . 55.53 13.72 -14.40
C3' PCG J . 55.05 12.77 -16.42
O3' PCG J . 54.62 13.04 -17.68
C2' PCG J . 56.59 12.77 -16.34
O2' PCG J . 57.17 13.64 -17.24
C1' PCG J . 56.80 13.25 -14.82
N9 PCG J . 57.26 12.24 -13.87
C8 PCG J . 57.08 10.83 -14.01
N7 PCG J . 57.60 10.14 -12.99
C5 PCG J . 58.15 11.12 -12.14
C6 PCG J . 58.82 11.04 -10.92
O6 PCG J . 59.03 9.84 -10.37
N1 PCG J . 59.25 12.15 -10.26
C2 PCG J . 58.99 13.36 -10.89
N2 PCG J . 59.45 14.48 -10.21
N3 PCG J . 58.35 13.58 -12.08
C4 PCG J . 57.94 12.43 -12.68
#